data_8AVD
#
_entry.id   8AVD
#
_cell.length_a   1.00
_cell.length_b   1.00
_cell.length_c   1.00
_cell.angle_alpha   90.00
_cell.angle_beta   90.00
_cell.angle_gamma   90.00
#
_symmetry.space_group_name_H-M   'P 1'
#
loop_
_entity.id
_entity.type
_entity.pdbx_description
1 polymer Leptin
2 polymer 'Leptin receptor'
3 non-polymer 'NICKEL (II) ION'
#
loop_
_entity_poly.entity_id
_entity_poly.type
_entity_poly.pdbx_seq_one_letter_code
_entity_poly.pdbx_strand_id
1 'polypeptide(L)'
;MGSSHHHHHHPGGPGSENLYFQGGSTGGVPIQKVQDDTKTLIKTIVTRINDISHTQSVSAKQRVTGLDFIPGLHPILSLS
KMDQTLAVYQQVLTSLPSQNVLQIANDLENLRDLLHLLAFSKSCSLPQTSGLQKPESLDGVLEASLYSTEVVALSRLQGS
LQDILQQLDVSPEC
;
A,C,E
2 'polypeptide(L)'
;LNLAYPISPWKFKLFCGPPNTTDDSFLSPAGAPNNASALKGASEAIVEAKFNSSGIYVPELSKTVFHCCFGNEQGQNCSA
LTDNTEGKTLASVVKASVFRQLGVNWDIECWMKGDLTLFICHMEPLPKNPFKNYDSKVHLLYDLPEVIDDSPLPPLKDSF
QTVQCNCSLRGCECHVPVPRAKLNYALLMYLEITSAGVSFQSPLMSLQPMLVVKPDPPLGLHMEVTDDGNLKISWDSQTM
APFPLQYQVKYLENSTIVREAAEIVSATSLLVDSVLPGSSYEVQVRSKRLDGSGVWSDWSSPQVFTTQDVVYFPPKILTS
VGSNASFHCIYKNENQIISSKQIVWWRNLAEKIPEIQYSIVSDRVSKVTFSNLKATRPRGKFTYDAVYCCNEQACHHRYA
ELYVIDVNINISCETDGYLTKMTCRWSPSTIQSLVGSTVQLRYHRRSLYCPDSPSIHPTSEPKNCVLQRDGFYECVFQPI
FLLSGYTMWIRINHSLGSLDSPPTCVLPDSVVKPLPPSNVKAEITVNTGLLKVSWEKPVFPENNLQFQIRYGLSGKEIQW
KTHEVFDAKSKSASLLVSDLCAVYVVQVRCRRLDGLGYWSNWSSPAYTLVMDVKVPMRGPEFWRKMDGDVTKKERNVTLL
WKPLTKNDSLCSVRRYVVKHRTAHNGTWSEDVGNRTNLTFLWTEPAHTVTVLAVNSLGASLVNFNLTFSWPMSKVSAVES
LSAYPLSSSCVILSWTLSPDDYSLLYLVIEWKILNEDDGMKWLRIPSNVKKFYIHDNFIPIEKYQFSLYPVFMEGVGKPK
IINGFTKDAIDKQQNDAGSTGGSGGSGGSGGSGGSRMKQIEDKIEEILSKIYHIENEIARIKKLIGER
;
B,D,F
#
loop_
_chem_comp.id
_chem_comp.type
_chem_comp.name
_chem_comp.formula
NI non-polymer 'NICKEL (II) ION' 'Ni 2'
#
# COMPACT_ATOMS: atom_id res chain seq x y z
N GLY A 28 -1.86 22.49 53.10
CA GLY A 28 -1.90 21.54 51.99
C GLY A 28 -1.05 22.03 50.82
N VAL A 29 -1.31 23.27 50.40
CA VAL A 29 -0.57 23.88 49.29
C VAL A 29 0.59 24.66 49.88
N PRO A 30 1.84 24.24 49.67
CA PRO A 30 2.99 24.98 50.20
C PRO A 30 3.27 26.22 49.35
N ILE A 31 3.10 27.39 49.96
CA ILE A 31 3.20 28.64 49.21
C ILE A 31 4.64 28.90 48.78
N GLN A 32 5.60 28.53 49.61
CA GLN A 32 7.01 28.66 49.22
C GLN A 32 7.34 27.74 48.06
N LYS A 33 6.83 26.51 48.09
CA LYS A 33 7.01 25.58 46.96
C LYS A 33 6.40 26.16 45.68
N VAL A 34 5.18 26.69 45.78
CA VAL A 34 4.52 27.27 44.62
C VAL A 34 5.33 28.45 44.09
N GLN A 35 5.89 29.25 44.99
CA GLN A 35 6.71 30.38 44.57
C GLN A 35 7.97 29.90 43.84
N ASP A 36 8.57 28.81 44.31
CA ASP A 36 9.76 28.30 43.66
C ASP A 36 9.42 27.72 42.30
N ASP A 37 8.26 27.06 42.20
CA ASP A 37 7.83 26.55 40.91
C ASP A 37 7.56 27.70 39.96
N THR A 38 7.05 28.83 40.48
CA THR A 38 6.84 30.00 39.65
C THR A 38 8.16 30.53 39.10
N LYS A 39 9.19 30.62 39.95
CA LYS A 39 10.47 31.10 39.43
C LYS A 39 11.05 30.13 38.42
N THR A 40 10.99 28.83 38.71
CA THR A 40 11.54 27.85 37.78
C THR A 40 10.81 27.90 36.44
N LEU A 41 9.48 28.08 36.48
CA LEU A 41 8.74 28.18 35.23
C LEU A 41 9.08 29.45 34.46
N ILE A 42 9.27 30.57 35.17
CA ILE A 42 9.68 31.79 34.48
C ILE A 42 11.02 31.61 33.80
N LYS A 43 12.04 31.17 34.54
CA LYS A 43 13.34 30.94 33.91
C LYS A 43 13.25 29.93 32.76
N THR A 44 12.37 28.93 32.87
CA THR A 44 12.23 27.94 31.80
C THR A 44 11.64 28.59 30.55
N ILE A 45 10.60 29.40 30.69
CA ILE A 45 10.01 30.06 29.53
C ILE A 45 11.01 31.03 28.94
N VAL A 46 11.81 31.69 29.79
CA VAL A 46 12.82 32.62 29.29
C VAL A 46 13.87 31.88 28.49
N THR A 47 14.28 30.70 28.96
CA THR A 47 15.25 29.92 28.19
C THR A 47 14.66 29.48 26.85
N ARG A 48 13.39 29.06 26.86
CA ARG A 48 12.74 28.71 25.59
C ARG A 48 12.75 29.88 24.62
N ILE A 49 12.30 31.06 25.06
CA ILE A 49 12.32 32.23 24.19
C ILE A 49 13.75 32.63 23.82
N ASN A 50 14.72 32.28 24.67
CA ASN A 50 16.12 32.54 24.38
C ASN A 50 16.62 31.63 23.27
N ASP A 51 15.96 30.48 23.09
CA ASP A 51 16.31 29.56 22.02
C ASP A 51 15.80 30.03 20.66
N ILE A 52 14.88 31.00 20.63
CA ILE A 52 14.42 31.56 19.37
C ILE A 52 15.43 32.59 18.89
N SER A 53 16.44 32.12 18.16
CA SER A 53 17.57 32.90 17.65
C SER A 53 17.24 34.25 17.01
N HIS A 54 16.23 34.30 16.14
CA HIS A 54 15.88 35.57 15.51
C HIS A 54 15.32 36.61 16.47
N THR A 55 14.76 36.21 17.60
CA THR A 55 14.20 37.18 18.54
C THR A 55 15.24 37.76 19.50
N GLN A 56 16.30 37.02 19.82
CA GLN A 56 17.30 37.51 20.77
C GLN A 56 18.02 38.76 20.27
N SER A 57 18.19 38.89 18.96
CA SER A 57 18.86 40.05 18.36
C SER A 57 17.94 41.23 18.09
N VAL A 58 16.69 41.17 18.54
CA VAL A 58 15.71 42.22 18.31
C VAL A 58 15.54 43.00 19.61
N SER A 59 15.66 44.32 19.52
CA SER A 59 15.51 45.18 20.69
C SER A 59 14.09 45.05 21.23
N ALA A 60 13.98 44.56 22.47
CA ALA A 60 12.68 44.38 23.10
C ALA A 60 11.99 45.72 23.33
N LYS A 61 12.73 46.71 23.82
CA LYS A 61 12.14 48.02 24.09
C LYS A 61 11.90 48.85 22.84
N GLN A 62 12.40 48.43 21.69
CA GLN A 62 12.19 49.24 20.50
C GLN A 62 10.73 49.21 20.05
N ARG A 63 10.17 50.40 19.83
CA ARG A 63 8.79 50.54 19.39
C ARG A 63 8.71 50.31 17.88
N VAL A 64 7.73 49.52 17.46
CA VAL A 64 7.45 49.19 16.06
C VAL A 64 6.00 49.57 15.76
N THR A 65 5.80 50.45 14.77
CA THR A 65 4.44 50.89 14.49
C THR A 65 3.57 49.76 13.96
N GLY A 66 2.35 49.70 14.50
CA GLY A 66 1.34 48.71 14.16
C GLY A 66 1.00 47.78 15.32
N LEU A 67 1.97 47.45 16.15
CA LEU A 67 1.79 46.57 17.30
C LEU A 67 1.69 47.34 18.61
N ASP A 68 1.07 48.53 18.59
CA ASP A 68 0.92 49.35 19.79
C ASP A 68 -0.05 48.76 20.81
N PHE A 69 -0.93 47.86 20.40
CA PHE A 69 -1.83 47.18 21.34
C PHE A 69 -1.11 46.19 22.24
N ILE A 70 0.08 45.73 21.85
CA ILE A 70 0.88 44.81 22.63
C ILE A 70 1.45 45.50 23.87
N PRO A 71 1.17 44.96 25.08
CA PRO A 71 1.57 45.60 26.35
C PRO A 71 3.05 45.61 26.69
N GLY A 72 3.83 46.45 26.02
CA GLY A 72 5.24 46.58 26.30
C GLY A 72 5.57 47.32 27.58
N LEU A 73 6.88 47.51 27.78
CA LEU A 73 7.46 48.12 28.97
C LEU A 73 6.72 49.33 29.50
N HIS A 74 6.04 49.11 30.63
CA HIS A 74 5.20 49.99 31.42
C HIS A 74 5.02 49.31 32.78
N PRO A 75 5.72 49.78 33.86
CA PRO A 75 5.71 49.13 35.18
C PRO A 75 4.50 48.23 35.41
N ILE A 76 4.71 46.93 35.41
CA ILE A 76 3.67 45.94 35.70
C ILE A 76 3.78 45.54 37.17
N LEU A 77 3.13 46.31 38.03
CA LEU A 77 3.23 46.23 39.48
C LEU A 77 1.98 45.68 40.19
N SER A 78 0.98 45.14 39.48
CA SER A 78 -0.17 44.58 40.22
C SER A 78 -0.73 43.33 39.56
N LEU A 79 -1.30 42.48 40.41
CA LEU A 79 -1.90 41.22 39.95
C LEU A 79 -2.95 41.38 38.86
N SER A 80 -3.81 42.40 38.93
CA SER A 80 -4.79 42.50 37.84
C SER A 80 -4.15 42.94 36.53
N LYS A 81 -3.15 43.81 36.58
CA LYS A 81 -2.49 44.17 35.33
C LYS A 81 -1.61 43.03 34.84
N MET A 82 -0.93 42.32 35.75
CA MET A 82 -0.13 41.18 35.32
C MET A 82 -1.00 40.14 34.64
N ASP A 83 -2.16 39.85 35.26
CA ASP A 83 -3.06 38.85 34.71
C ASP A 83 -3.59 39.26 33.33
N GLN A 84 -4.04 40.52 33.19
CA GLN A 84 -4.55 40.91 31.88
C GLN A 84 -3.44 40.99 30.83
N THR A 85 -2.20 41.26 31.25
CA THR A 85 -1.09 41.27 30.30
C THR A 85 -0.82 39.86 29.79
N LEU A 86 -0.68 38.90 30.72
CA LEU A 86 -0.46 37.54 30.24
C LEU A 86 -1.66 37.01 29.46
N ALA A 87 -2.86 37.50 29.76
CA ALA A 87 -4.03 37.05 29.01
C ALA A 87 -3.99 37.57 27.58
N VAL A 88 -3.62 38.84 27.40
CA VAL A 88 -3.54 39.38 26.04
C VAL A 88 -2.41 38.71 25.27
N TYR A 89 -1.24 38.55 25.90
CA TYR A 89 -0.15 37.87 25.21
C TYR A 89 -0.56 36.47 24.80
N GLN A 90 -1.29 35.77 25.67
CA GLN A 90 -1.80 34.45 25.32
C GLN A 90 -2.74 34.52 24.13
N GLN A 91 -3.65 35.49 24.12
CA GLN A 91 -4.60 35.61 23.03
C GLN A 91 -3.89 35.85 21.70
N VAL A 92 -2.79 36.61 21.73
CA VAL A 92 -2.03 36.83 20.51
C VAL A 92 -1.33 35.54 20.09
N LEU A 93 -0.64 34.88 21.03
CA LEU A 93 0.10 33.66 20.73
C LEU A 93 -0.79 32.52 20.23
N THR A 94 -2.02 32.41 20.73
CA THR A 94 -2.94 31.37 20.26
C THR A 94 -3.12 31.41 18.75
N SER A 95 -2.99 32.57 18.13
CA SER A 95 -3.18 32.72 16.70
C SER A 95 -1.92 32.47 15.87
N LEU A 96 -0.74 32.40 16.49
CA LEU A 96 0.48 32.17 15.71
C LEU A 96 0.63 30.67 15.44
N PRO A 97 0.75 30.25 14.18
CA PRO A 97 0.83 28.81 13.86
C PRO A 97 2.18 28.15 14.08
N SER A 98 2.90 28.49 15.15
CA SER A 98 4.18 27.85 15.45
C SER A 98 4.03 26.90 16.62
N GLN A 99 4.66 25.73 16.53
CA GLN A 99 4.60 24.76 17.63
C GLN A 99 5.25 25.34 18.88
N ASN A 100 6.36 26.05 18.70
CA ASN A 100 7.03 26.66 19.83
C ASN A 100 6.10 27.62 20.54
N VAL A 101 5.37 28.42 19.74
CA VAL A 101 4.44 29.37 20.33
C VAL A 101 3.35 28.62 21.09
N LEU A 102 2.96 27.44 20.60
CA LEU A 102 1.98 26.64 21.34
C LEU A 102 2.52 26.22 22.70
N GLN A 103 3.78 25.73 22.76
CA GLN A 103 4.30 25.36 24.07
C GLN A 103 4.45 26.56 24.99
N ILE A 104 4.96 27.68 24.49
CA ILE A 104 5.08 28.85 25.36
C ILE A 104 3.70 29.30 25.87
N ALA A 105 2.67 29.23 25.02
CA ALA A 105 1.34 29.59 25.49
C ALA A 105 0.79 28.59 26.52
N ASN A 106 1.15 27.32 26.38
CA ASN A 106 0.72 26.32 27.35
C ASN A 106 1.44 26.53 28.67
N ASP A 107 2.72 26.89 28.60
CA ASP A 107 3.48 27.21 29.79
C ASP A 107 2.87 28.44 30.44
N LEU A 108 2.37 29.37 29.62
CA LEU A 108 1.68 30.54 30.14
C LEU A 108 0.40 30.13 30.86
N GLU A 109 -0.26 29.06 30.39
CA GLU A 109 -1.45 28.59 31.11
C GLU A 109 -1.06 28.10 32.50
N ASN A 110 0.01 27.30 32.56
CA ASN A 110 0.51 26.87 33.86
C ASN A 110 0.92 28.08 34.71
N LEU A 111 1.52 29.09 34.08
CA LEU A 111 1.93 30.30 34.79
C LEU A 111 0.73 31.08 35.34
N ARG A 112 -0.33 31.22 34.55
CA ARG A 112 -1.52 31.91 35.01
C ARG A 112 -2.16 31.17 36.17
N ASP A 113 -2.21 29.84 36.11
CA ASP A 113 -2.77 29.13 37.26
C ASP A 113 -1.91 29.34 38.49
N LEU A 114 -0.58 29.45 38.34
CA LEU A 114 0.24 29.70 39.52
C LEU A 114 -0.01 31.12 40.06
N LEU A 115 -0.21 32.09 39.18
CA LEU A 115 -0.51 33.42 39.68
C LEU A 115 -1.88 33.47 40.34
N HIS A 116 -2.82 32.65 39.87
CA HIS A 116 -4.12 32.58 40.51
C HIS A 116 -4.02 31.96 41.90
N LEU A 117 -3.18 30.93 42.04
CA LEU A 117 -2.97 30.32 43.34
C LEU A 117 -2.23 31.24 44.30
N LEU A 118 -1.29 32.05 43.81
CA LEU A 118 -0.62 32.98 44.71
C LEU A 118 -1.56 34.09 45.16
N ALA A 119 -2.39 34.60 44.24
CA ALA A 119 -3.38 35.59 44.66
C ALA A 119 -4.38 34.98 45.64
N PHE A 120 -4.73 33.71 45.44
CA PHE A 120 -5.58 33.02 46.41
C PHE A 120 -4.88 32.88 47.75
N SER A 121 -3.56 32.71 47.73
CA SER A 121 -2.78 32.60 48.96
C SER A 121 -2.77 33.91 49.74
N LYS A 122 -2.68 35.04 49.04
CA LYS A 122 -2.68 36.31 49.76
C LYS A 122 -4.08 36.89 49.95
N SER A 123 -5.11 36.27 49.35
CA SER A 123 -6.50 36.69 49.47
C SER A 123 -6.86 38.01 48.79
N CYS A 124 -7.35 37.91 47.56
CA CYS A 124 -7.79 39.06 46.76
C CYS A 124 -8.43 38.56 45.47
N SER A 125 -9.49 39.21 45.03
CA SER A 125 -10.19 38.79 43.82
C SER A 125 -9.52 39.34 42.58
N LEU A 126 -9.62 38.57 41.49
CA LEU A 126 -9.06 38.94 40.21
C LEU A 126 -10.07 38.65 39.10
N PRO A 127 -10.64 39.68 38.49
CA PRO A 127 -11.58 39.47 37.39
C PRO A 127 -10.84 39.15 36.09
N GLN A 128 -11.62 38.95 35.03
CA GLN A 128 -11.06 38.64 33.72
C GLN A 128 -11.44 39.72 32.70
N GLU A 136 -9.24 41.49 17.40
CA GLU A 136 -9.84 42.67 16.77
C GLU A 136 -8.95 43.17 15.64
N SER A 137 -7.96 44.00 15.98
CA SER A 137 -6.96 44.47 15.02
C SER A 137 -5.78 43.53 14.89
N LEU A 138 -5.71 42.49 15.72
CA LEU A 138 -4.59 41.54 15.67
C LEU A 138 -4.55 40.80 14.33
N ASP A 139 -5.71 40.44 13.79
CA ASP A 139 -5.75 39.69 12.54
C ASP A 139 -5.09 40.43 11.39
N GLY A 140 -5.34 41.73 11.27
CA GLY A 140 -4.77 42.49 10.17
C GLY A 140 -3.25 42.49 10.16
N VAL A 141 -2.64 42.68 11.33
CA VAL A 141 -1.18 42.66 11.37
C VAL A 141 -0.64 41.24 11.27
N LEU A 142 -1.40 40.25 11.78
CA LEU A 142 -0.96 38.87 11.66
C LEU A 142 -0.91 38.42 10.21
N GLU A 143 -1.91 38.84 9.42
CA GLU A 143 -1.97 38.49 8.01
C GLU A 143 -0.95 39.29 7.18
N ALA A 144 -0.93 40.62 7.34
CA ALA A 144 -0.03 41.40 6.51
C ALA A 144 1.43 41.22 6.90
N SER A 145 1.73 41.02 8.19
CA SER A 145 3.11 40.97 8.65
C SER A 145 3.24 39.96 9.79
N LEU A 146 3.31 38.68 9.44
CA LEU A 146 3.40 37.65 10.48
C LEU A 146 4.77 37.70 11.17
N TYR A 147 5.83 37.85 10.38
CA TYR A 147 7.19 37.92 10.94
C TYR A 147 7.32 39.01 11.97
N SER A 148 6.82 40.21 11.67
CA SER A 148 6.91 41.33 12.61
C SER A 148 6.14 41.03 13.89
N THR A 149 4.90 40.54 13.74
CA THR A 149 4.09 40.24 14.91
C THR A 149 4.82 39.26 15.82
N GLU A 150 5.38 38.21 15.23
CA GLU A 150 6.09 37.20 16.01
C GLU A 150 7.33 37.76 16.71
N VAL A 151 8.26 38.35 15.94
CA VAL A 151 9.49 38.86 16.55
C VAL A 151 9.20 39.88 17.64
N VAL A 152 8.26 40.80 17.40
CA VAL A 152 7.96 41.82 18.41
C VAL A 152 7.27 41.21 19.62
N ALA A 153 6.18 40.48 19.41
CA ALA A 153 5.48 39.85 20.51
C ALA A 153 6.43 39.07 21.40
N LEU A 154 7.36 38.34 20.81
CA LEU A 154 8.28 37.53 21.62
C LEU A 154 9.32 38.37 22.34
N SER A 155 9.95 39.35 21.68
CA SER A 155 10.97 40.09 22.42
C SER A 155 10.36 40.99 23.49
N ARG A 156 9.15 41.50 23.24
CA ARG A 156 8.48 42.30 24.26
C ARG A 156 7.99 41.41 25.41
N LEU A 157 7.55 40.19 25.08
CA LEU A 157 7.14 39.25 26.11
C LEU A 157 8.33 38.89 26.99
N GLN A 158 9.48 38.63 26.37
CA GLN A 158 10.70 38.33 27.10
C GLN A 158 11.07 39.46 28.05
N GLY A 159 10.90 40.70 27.59
CA GLY A 159 11.21 41.82 28.47
C GLY A 159 10.25 41.90 29.64
N SER A 160 8.96 41.68 29.38
CA SER A 160 7.97 41.73 30.45
C SER A 160 8.28 40.66 31.50
N LEU A 161 8.61 39.45 31.05
CA LEU A 161 8.94 38.37 31.98
C LEU A 161 10.23 38.67 32.75
N GLN A 162 11.21 39.28 32.10
CA GLN A 162 12.43 39.63 32.83
C GLN A 162 12.13 40.66 33.91
N ASP A 163 11.18 41.56 33.66
CA ASP A 163 10.82 42.54 34.68
C ASP A 163 10.06 41.88 35.81
N ILE A 164 9.06 41.06 35.49
CA ILE A 164 8.33 40.33 36.52
C ILE A 164 9.29 39.55 37.40
N LEU A 165 10.31 38.91 36.80
CA LEU A 165 11.26 38.16 37.61
C LEU A 165 11.98 39.12 38.54
N GLN A 166 12.44 40.26 38.03
CA GLN A 166 13.12 41.21 38.91
C GLN A 166 12.20 41.81 39.97
N GLN A 167 10.88 41.60 39.88
CA GLN A 167 9.98 42.16 40.90
C GLN A 167 9.03 41.14 41.53
N LEU A 168 9.32 39.84 41.42
CA LEU A 168 8.53 38.82 42.11
C LEU A 168 9.08 38.48 43.49
N ASP A 169 9.69 39.45 44.17
CA ASP A 169 10.33 39.25 45.47
C ASP A 169 10.24 40.51 46.31
N VAL A 170 9.83 41.61 45.70
CA VAL A 170 9.69 42.90 46.39
C VAL A 170 8.25 43.04 46.88
N SER A 171 7.72 41.99 47.51
CA SER A 171 6.36 41.90 48.01
C SER A 171 5.28 42.23 46.98
N PRO A 172 5.00 41.30 46.06
CA PRO A 172 3.97 41.55 45.05
C PRO A 172 2.61 41.72 45.71
N GLU A 173 1.82 42.65 45.18
CA GLU A 173 0.53 43.00 45.76
C GLU A 173 -0.56 42.93 44.69
N CYS A 174 -1.78 42.68 45.15
CA CYS A 174 -2.94 42.54 44.28
C CYS A 174 -3.38 43.90 43.75
N VAL B 213 -53.01 21.71 17.57
CA VAL B 213 -52.09 20.81 16.89
C VAL B 213 -52.46 19.36 17.22
N LYS B 214 -52.47 18.51 16.19
CA LYS B 214 -52.40 17.07 16.38
C LYS B 214 -50.96 16.61 16.23
N PRO B 215 -50.25 16.27 17.31
CA PRO B 215 -48.90 15.74 17.15
C PRO B 215 -48.90 14.39 16.48
N ASP B 216 -47.74 14.02 15.95
CA ASP B 216 -47.55 12.68 15.41
C ASP B 216 -47.48 11.63 16.53
N PRO B 217 -47.64 10.36 16.18
CA PRO B 217 -47.36 9.30 17.14
C PRO B 217 -45.87 9.27 17.48
N PRO B 218 -45.52 8.91 18.71
CA PRO B 218 -44.11 8.67 19.02
C PRO B 218 -43.55 7.55 18.16
N LEU B 219 -42.25 7.67 17.86
CA LEU B 219 -41.54 6.72 17.01
C LEU B 219 -40.44 6.01 17.80
N GLY B 220 -39.81 5.05 17.15
CA GLY B 220 -38.65 4.39 17.73
C GLY B 220 -38.93 3.58 18.97
N LEU B 221 -40.14 3.02 19.09
CA LEU B 221 -40.52 2.30 20.29
C LEU B 221 -39.67 1.06 20.50
N HIS B 222 -38.91 1.05 21.58
CA HIS B 222 -37.98 -0.03 21.91
C HIS B 222 -38.31 -0.56 23.30
N MET B 223 -37.92 -1.81 23.55
CA MET B 223 -38.15 -2.47 24.83
C MET B 223 -36.90 -3.26 25.20
N GLU B 224 -36.35 -2.99 26.37
CA GLU B 224 -35.17 -3.68 26.85
C GLU B 224 -35.44 -4.23 28.25
N VAL B 225 -34.69 -5.25 28.63
CA VAL B 225 -34.76 -5.79 29.98
C VAL B 225 -33.64 -5.18 30.81
N THR B 226 -34.02 -4.54 31.92
CA THR B 226 -33.07 -3.94 32.83
C THR B 226 -32.32 -5.01 33.62
N ASP B 227 -31.17 -4.60 34.17
CA ASP B 227 -30.40 -5.49 35.03
C ASP B 227 -31.21 -6.01 36.20
N ASP B 228 -32.25 -5.28 36.62
CA ASP B 228 -33.14 -5.76 37.66
C ASP B 228 -34.16 -6.75 37.12
N GLY B 229 -34.28 -6.86 35.80
CA GLY B 229 -35.26 -7.74 35.20
C GLY B 229 -36.60 -7.11 34.94
N ASN B 230 -36.68 -5.78 34.90
CA ASN B 230 -37.89 -5.08 34.54
C ASN B 230 -37.88 -4.75 33.06
N LEU B 231 -39.08 -4.61 32.48
CA LEU B 231 -39.22 -4.21 31.09
C LEU B 231 -39.22 -2.69 30.99
N LYS B 232 -38.17 -2.13 30.38
CA LYS B 232 -38.12 -0.70 30.09
C LYS B 232 -38.61 -0.47 28.67
N ILE B 233 -39.74 0.21 28.54
CA ILE B 233 -40.26 0.67 27.26
C ILE B 233 -39.77 2.09 27.06
N SER B 234 -39.20 2.39 25.89
CA SER B 234 -38.73 3.72 25.58
C SER B 234 -39.15 4.11 24.17
N TRP B 235 -39.17 5.41 23.92
CA TRP B 235 -39.51 5.95 22.61
C TRP B 235 -38.82 7.28 22.43
N ASP B 236 -38.67 7.69 21.17
CA ASP B 236 -38.08 8.98 20.86
C ASP B 236 -39.08 10.10 21.09
N SER B 237 -38.68 11.10 21.86
CA SER B 237 -39.41 12.36 21.90
C SER B 237 -39.27 13.09 20.57
N GLN B 238 -40.36 13.72 20.14
CA GLN B 238 -40.33 14.53 18.93
C GLN B 238 -39.46 15.76 19.17
N THR B 239 -38.25 15.75 18.60
CA THR B 239 -37.31 16.85 18.77
C THR B 239 -37.83 18.19 18.23
N MET B 240 -38.92 18.19 17.47
CA MET B 240 -39.45 19.40 16.88
C MET B 240 -40.59 20.03 17.69
N ALA B 241 -41.05 19.35 18.75
CA ALA B 241 -42.15 19.85 19.54
C ALA B 241 -41.66 20.92 20.51
N PRO B 242 -42.15 22.16 20.40
CA PRO B 242 -41.70 23.23 21.30
C PRO B 242 -42.44 23.23 22.63
N PHE B 243 -43.04 22.09 22.99
CA PHE B 243 -43.84 22.00 24.20
C PHE B 243 -43.70 20.60 24.80
N PRO B 244 -43.85 20.47 26.12
CA PRO B 244 -43.79 19.15 26.75
C PRO B 244 -44.94 18.26 26.28
N LEU B 245 -44.63 16.98 26.11
CA LEU B 245 -45.62 15.97 25.74
C LEU B 245 -45.87 15.05 26.93
N GLN B 246 -47.12 14.65 27.11
CA GLN B 246 -47.47 13.48 27.91
C GLN B 246 -47.80 12.32 26.98
N TYR B 247 -47.49 11.11 27.43
CA TYR B 247 -47.73 9.92 26.64
C TYR B 247 -48.72 9.02 27.37
N GLN B 248 -49.49 8.27 26.59
CA GLN B 248 -50.25 7.14 27.09
C GLN B 248 -49.77 5.88 26.38
N VAL B 249 -49.25 4.93 27.15
CA VAL B 249 -48.83 3.64 26.65
C VAL B 249 -49.93 2.62 26.95
N LYS B 250 -50.36 1.89 25.92
CA LYS B 250 -51.23 0.73 26.11
C LYS B 250 -50.41 -0.52 25.75
N TYR B 251 -50.37 -1.48 26.66
CA TYR B 251 -49.70 -2.74 26.40
C TYR B 251 -50.54 -3.93 26.84
N LEU B 252 -50.37 -5.02 26.10
CA LEU B 252 -51.06 -6.28 26.35
C LEU B 252 -50.00 -7.36 26.54
N GLU B 253 -49.90 -7.88 27.76
CA GLU B 253 -49.05 -9.02 28.08
C GLU B 253 -49.89 -10.28 27.92
N ASN B 254 -49.65 -11.01 26.83
CA ASN B 254 -50.19 -12.35 26.59
C ASN B 254 -49.21 -13.33 27.21
N SER B 255 -49.48 -13.67 28.47
CA SER B 255 -48.86 -14.72 29.27
C SER B 255 -49.83 -15.90 29.40
N THR B 256 -49.66 -16.71 30.45
CA THR B 256 -50.73 -17.62 30.85
C THR B 256 -52.00 -16.88 31.25
N ILE B 257 -51.90 -15.59 31.56
CA ILE B 257 -53.06 -14.72 31.73
C ILE B 257 -52.88 -13.53 30.81
N VAL B 258 -53.91 -13.21 30.04
CA VAL B 258 -53.86 -12.00 29.23
C VAL B 258 -54.18 -10.80 30.11
N ARG B 259 -53.27 -9.82 30.14
CA ARG B 259 -53.48 -8.58 30.86
C ARG B 259 -53.29 -7.37 29.93
N GLU B 260 -54.29 -6.51 29.88
CA GLU B 260 -54.25 -5.26 29.14
C GLU B 260 -54.18 -4.09 30.11
N ALA B 261 -53.21 -3.19 29.90
CA ALA B 261 -53.04 -2.03 30.75
C ALA B 261 -52.80 -0.80 29.91
N ALA B 262 -53.20 0.36 30.43
CA ALA B 262 -53.02 1.65 29.77
C ALA B 262 -52.61 2.67 30.82
N GLU B 263 -51.38 3.16 30.71
CA GLU B 263 -50.79 4.06 31.68
C GLU B 263 -50.44 5.41 31.05
N ILE B 264 -50.54 6.47 31.84
CA ILE B 264 -50.21 7.83 31.42
C ILE B 264 -48.94 8.25 32.13
N VAL B 265 -47.93 8.66 31.35
CA VAL B 265 -46.62 9.03 31.88
C VAL B 265 -46.17 10.33 31.23
N SER B 266 -45.46 11.15 32.02
CA SER B 266 -44.84 12.34 31.49
C SER B 266 -43.42 12.10 30.97
N ALA B 267 -42.80 10.99 31.36
CA ALA B 267 -41.50 10.62 30.86
C ALA B 267 -41.61 9.93 29.50
N THR B 268 -40.49 9.89 28.79
CA THR B 268 -40.39 9.19 27.52
C THR B 268 -40.08 7.71 27.71
N SER B 269 -40.39 7.16 28.88
CA SER B 269 -40.15 5.76 29.17
C SER B 269 -41.13 5.28 30.23
N LEU B 270 -41.37 3.98 30.23
CA LEU B 270 -42.16 3.31 31.26
C LEU B 270 -41.38 2.12 31.77
N LEU B 271 -41.44 1.89 33.07
CA LEU B 271 -40.89 0.68 33.68
C LEU B 271 -42.04 -0.25 34.06
N VAL B 272 -42.01 -1.48 33.53
CA VAL B 272 -42.96 -2.52 33.91
C VAL B 272 -42.27 -3.54 34.80
N ASP B 273 -42.84 -3.76 35.98
CA ASP B 273 -42.23 -4.60 37.01
C ASP B 273 -42.17 -6.07 36.57
N SER B 274 -41.02 -6.69 36.83
CA SER B 274 -40.88 -8.15 36.74
C SER B 274 -41.32 -8.79 35.43
N VAL B 275 -40.43 -8.80 34.43
CA VAL B 275 -40.70 -9.52 33.18
C VAL B 275 -41.13 -10.94 33.51
N LEU B 276 -42.27 -11.34 32.98
CA LEU B 276 -42.72 -12.71 33.12
C LEU B 276 -42.09 -13.59 32.03
N PRO B 277 -41.46 -14.68 32.41
CA PRO B 277 -40.90 -15.61 31.42
C PRO B 277 -41.98 -16.31 30.60
N GLY B 278 -41.71 -16.47 29.32
CA GLY B 278 -42.69 -17.03 28.41
C GLY B 278 -43.92 -16.17 28.20
N SER B 279 -43.75 -14.86 28.10
CA SER B 279 -44.84 -13.94 27.85
C SER B 279 -44.53 -13.10 26.62
N SER B 280 -45.59 -12.54 26.03
CA SER B 280 -45.47 -11.67 24.86
C SER B 280 -46.06 -10.30 25.18
N TYR B 281 -45.29 -9.25 24.92
CA TYR B 281 -45.76 -7.88 25.16
C TYR B 281 -46.05 -7.23 23.81
N GLU B 282 -47.27 -6.72 23.65
CA GLU B 282 -47.63 -5.90 22.50
C GLU B 282 -47.84 -4.48 23.00
N VAL B 283 -47.19 -3.51 22.37
CA VAL B 283 -47.15 -2.15 22.92
C VAL B 283 -47.46 -1.11 21.85
N GLN B 284 -48.27 -0.11 22.22
CA GLN B 284 -48.55 1.08 21.43
C GLN B 284 -48.47 2.30 22.35
N VAL B 285 -48.02 3.44 21.81
CA VAL B 285 -47.96 4.68 22.56
C VAL B 285 -48.59 5.80 21.73
N ARG B 286 -49.27 6.73 22.41
CA ARG B 286 -49.74 7.97 21.79
C ARG B 286 -49.34 9.16 22.65
N SER B 287 -49.27 10.34 22.02
CA SER B 287 -48.87 11.56 22.70
C SER B 287 -49.98 12.59 22.71
N LYS B 288 -49.88 13.52 23.66
CA LYS B 288 -50.74 14.70 23.77
C LYS B 288 -49.94 15.85 24.37
N ARG B 289 -50.26 17.08 23.98
CA ARG B 289 -49.68 18.22 24.69
C ARG B 289 -50.06 18.18 26.16
N LEU B 290 -49.05 18.28 27.02
CA LEU B 290 -49.28 18.22 28.46
C LEU B 290 -50.15 19.39 28.92
N ASP B 291 -49.80 20.60 28.52
CA ASP B 291 -50.49 21.81 28.94
C ASP B 291 -51.46 22.25 27.85
N GLY B 292 -52.76 22.21 28.17
CA GLY B 292 -53.79 22.78 27.34
C GLY B 292 -54.76 21.73 26.82
N SER B 293 -55.57 22.15 25.85
CA SER B 293 -56.58 21.30 25.23
C SER B 293 -55.99 20.33 24.23
N GLY B 294 -54.93 19.61 24.63
CA GLY B 294 -54.18 18.81 23.69
C GLY B 294 -55.03 17.68 23.11
N VAL B 295 -54.95 17.51 21.80
CA VAL B 295 -55.50 16.33 21.13
C VAL B 295 -54.48 15.20 21.23
N TRP B 296 -54.97 13.98 21.39
CA TRP B 296 -54.09 12.83 21.35
C TRP B 296 -53.65 12.52 19.93
N SER B 297 -52.37 12.16 19.78
CA SER B 297 -51.91 11.50 18.56
C SER B 297 -52.66 10.18 18.34
N ASP B 298 -52.59 9.68 17.11
CA ASP B 298 -52.94 8.29 16.86
C ASP B 298 -51.93 7.37 17.57
N TRP B 299 -52.32 6.10 17.71
CA TRP B 299 -51.43 5.13 18.32
C TRP B 299 -50.28 4.75 17.40
N SER B 300 -49.12 4.49 18.00
CA SER B 300 -48.01 3.86 17.29
C SER B 300 -48.40 2.49 16.74
N SER B 301 -47.65 2.03 15.75
CA SER B 301 -47.68 0.63 15.37
C SER B 301 -47.41 -0.27 16.58
N PRO B 302 -48.17 -1.34 16.76
CA PRO B 302 -47.89 -2.28 17.86
C PRO B 302 -46.55 -3.00 17.66
N GLN B 303 -45.74 -3.02 18.71
CA GLN B 303 -44.46 -3.73 18.72
C GLN B 303 -44.57 -4.92 19.66
N VAL B 304 -44.06 -6.08 19.23
CA VAL B 304 -44.11 -7.33 19.99
C VAL B 304 -42.73 -7.71 20.51
N PHE B 305 -42.68 -8.04 21.81
CA PHE B 305 -41.49 -8.51 22.52
C PHE B 305 -41.74 -9.85 23.22
N THR B 306 -41.01 -10.89 22.82
CA THR B 306 -41.19 -12.24 23.35
C THR B 306 -40.07 -12.59 24.34
N THR B 307 -40.45 -12.73 25.61
CA THR B 307 -39.62 -13.15 26.75
C THR B 307 -39.30 -14.64 26.70
N GLN B 308 -38.38 -15.07 27.57
CA GLN B 308 -37.81 -16.42 27.50
C GLN B 308 -38.08 -17.19 28.79
N ASP B 309 -37.89 -18.51 28.67
CA ASP B 309 -38.21 -19.47 29.72
C ASP B 309 -37.39 -19.36 31.02
N VAL B 310 -36.09 -19.19 30.94
CA VAL B 310 -35.32 -18.69 32.08
C VAL B 310 -35.01 -17.21 32.02
N VAL B 311 -34.98 -16.56 33.19
CA VAL B 311 -34.60 -15.16 33.29
C VAL B 311 -33.45 -15.03 34.29
N TYR B 312 -32.40 -14.32 33.88
CA TYR B 312 -31.24 -14.02 34.70
C TYR B 312 -31.25 -12.56 35.14
N PHE B 313 -30.79 -12.28 36.35
CA PHE B 313 -30.76 -10.93 36.89
C PHE B 313 -29.40 -10.65 37.50
N PRO B 314 -28.50 -9.99 36.78
CA PRO B 314 -28.65 -9.53 35.40
C PRO B 314 -28.27 -10.68 34.46
N PRO B 315 -28.50 -10.56 33.15
CA PRO B 315 -28.15 -11.68 32.28
C PRO B 315 -26.65 -11.84 32.07
N LYS B 316 -25.87 -10.77 32.26
CA LYS B 316 -24.42 -10.82 32.12
C LYS B 316 -23.80 -9.85 33.11
N ILE B 317 -22.62 -10.22 33.60
CA ILE B 317 -21.84 -9.37 34.50
C ILE B 317 -20.41 -9.29 33.97
N LEU B 318 -19.92 -8.07 33.80
CA LEU B 318 -18.56 -7.79 33.39
C LEU B 318 -17.84 -7.17 34.58
N THR B 319 -16.89 -7.90 35.17
CA THR B 319 -16.17 -7.40 36.34
C THR B 319 -14.68 -7.70 36.20
N SER B 320 -13.88 -7.23 37.15
CA SER B 320 -12.44 -7.39 37.18
C SER B 320 -12.02 -8.39 38.25
N VAL B 321 -10.77 -8.85 38.13
CA VAL B 321 -10.18 -9.81 39.07
C VAL B 321 -10.18 -9.27 40.50
N GLY B 322 -10.58 -10.14 41.44
CA GLY B 322 -10.59 -9.83 42.86
C GLY B 322 -11.88 -9.26 43.41
N SER B 323 -12.84 -8.97 42.56
CA SER B 323 -14.11 -8.39 42.95
C SER B 323 -15.08 -9.48 43.43
N ASN B 324 -16.25 -9.03 43.90
CA ASN B 324 -17.32 -9.91 44.31
C ASN B 324 -18.47 -9.72 43.33
N ALA B 325 -19.04 -10.82 42.84
CA ALA B 325 -20.13 -10.74 41.88
C ALA B 325 -21.23 -11.74 42.23
N SER B 326 -22.48 -11.36 42.01
CA SER B 326 -23.59 -12.25 42.34
C SER B 326 -24.67 -12.19 41.27
N PHE B 327 -25.19 -13.37 40.93
CA PHE B 327 -26.24 -13.54 39.94
C PHE B 327 -27.54 -13.98 40.61
N HIS B 328 -28.66 -13.59 40.01
CA HIS B 328 -29.98 -14.01 40.45
C HIS B 328 -30.62 -14.77 39.31
N CYS B 329 -31.47 -15.74 39.60
CA CYS B 329 -32.12 -16.43 38.50
C CYS B 329 -33.54 -16.84 38.86
N ILE B 330 -34.33 -16.99 37.79
CA ILE B 330 -35.71 -17.45 37.79
C ILE B 330 -35.79 -18.58 36.78
N TYR B 331 -36.32 -19.73 37.20
CA TYR B 331 -36.49 -20.91 36.38
C TYR B 331 -37.97 -21.23 36.20
N LYS B 332 -38.47 -21.14 34.97
CA LYS B 332 -39.86 -21.47 34.66
C LYS B 332 -39.90 -22.90 34.15
N ASN B 333 -40.67 -23.76 34.83
CA ASN B 333 -40.78 -25.17 34.49
C ASN B 333 -42.24 -25.47 34.21
N GLU B 334 -42.59 -25.59 32.92
CA GLU B 334 -43.95 -25.85 32.47
C GLU B 334 -44.92 -24.78 32.99
N ASN B 335 -44.54 -23.52 32.81
CA ASN B 335 -45.34 -22.35 33.19
C ASN B 335 -45.50 -22.25 34.70
N GLN B 336 -44.50 -22.70 35.46
CA GLN B 336 -44.57 -22.65 36.91
C GLN B 336 -43.20 -22.30 37.47
N ILE B 337 -43.14 -21.26 38.28
CA ILE B 337 -41.90 -20.83 38.91
C ILE B 337 -41.64 -21.76 40.10
N ILE B 338 -40.55 -22.53 40.04
CA ILE B 338 -40.23 -23.50 41.08
C ILE B 338 -39.72 -22.79 42.34
N SER B 339 -39.67 -23.53 43.44
CA SER B 339 -39.16 -23.00 44.70
C SER B 339 -37.66 -22.80 44.63
N SER B 340 -37.18 -21.73 45.28
CA SER B 340 -35.74 -21.47 45.32
C SER B 340 -34.97 -22.58 46.01
N LYS B 341 -35.60 -23.33 46.92
CA LYS B 341 -34.92 -24.46 47.54
C LYS B 341 -34.64 -25.59 46.56
N GLN B 342 -35.10 -25.47 45.32
CA GLN B 342 -34.84 -26.47 44.28
C GLN B 342 -33.78 -26.03 43.30
N ILE B 343 -33.66 -24.72 43.05
CA ILE B 343 -32.69 -24.20 42.10
C ILE B 343 -31.27 -24.53 42.53
N VAL B 344 -30.47 -25.01 41.57
CA VAL B 344 -29.07 -25.35 41.79
C VAL B 344 -28.22 -24.64 40.74
N TRP B 345 -27.06 -24.13 41.15
CA TRP B 345 -26.21 -23.40 40.22
C TRP B 345 -25.06 -24.29 39.79
N TRP B 346 -24.67 -24.17 38.53
CA TRP B 346 -23.59 -24.97 37.97
C TRP B 346 -22.66 -24.05 37.20
N ARG B 347 -21.40 -24.45 37.07
CA ARG B 347 -20.39 -23.69 36.34
C ARG B 347 -19.97 -24.45 35.09
N ASN B 348 -20.19 -23.83 33.92
CA ASN B 348 -19.74 -24.36 32.63
C ASN B 348 -20.14 -25.82 32.44
N LEU B 349 -21.26 -26.22 33.04
CA LEU B 349 -21.71 -27.60 33.05
C LEU B 349 -20.63 -28.53 33.59
N ALA B 350 -19.60 -27.96 34.23
CA ALA B 350 -18.47 -28.74 34.72
C ALA B 350 -18.56 -29.08 36.22
N GLU B 351 -18.84 -28.11 37.09
CA GLU B 351 -18.84 -28.38 38.52
C GLU B 351 -19.93 -27.62 39.25
N LYS B 352 -20.55 -28.31 40.21
CA LYS B 352 -21.57 -27.71 41.06
C LYS B 352 -20.94 -26.72 42.03
N ILE B 353 -21.51 -25.51 42.11
CA ILE B 353 -21.00 -24.53 43.07
C ILE B 353 -21.41 -24.95 44.48
N PRO B 354 -20.49 -24.94 45.45
CA PRO B 354 -20.85 -25.33 46.82
C PRO B 354 -22.08 -24.57 47.31
N GLU B 355 -23.00 -25.30 47.94
CA GLU B 355 -24.25 -24.70 48.42
C GLU B 355 -24.02 -23.55 49.39
N ILE B 356 -22.84 -23.48 50.01
CA ILE B 356 -22.51 -22.38 50.91
C ILE B 356 -22.67 -21.04 50.20
N GLN B 357 -22.41 -20.99 48.90
CA GLN B 357 -22.51 -19.75 48.14
C GLN B 357 -23.94 -19.43 47.69
N TYR B 358 -24.88 -20.36 47.85
CA TYR B 358 -26.25 -20.10 47.44
C TYR B 358 -26.97 -19.23 48.48
N SER B 359 -27.95 -18.47 48.00
CA SER B 359 -28.72 -17.57 48.83
C SER B 359 -30.15 -17.53 48.32
N ILE B 360 -31.11 -17.68 49.22
CA ILE B 360 -32.53 -17.69 48.87
C ILE B 360 -33.06 -16.26 49.01
N VAL B 361 -33.06 -15.54 47.89
CA VAL B 361 -33.56 -14.16 47.91
C VAL B 361 -35.03 -14.15 48.30
N SER B 362 -35.78 -15.08 47.76
CA SER B 362 -37.20 -15.24 48.03
C SER B 362 -37.56 -16.68 47.67
N ASP B 363 -38.81 -17.03 47.92
CA ASP B 363 -39.27 -18.39 47.62
C ASP B 363 -39.12 -18.78 46.15
N ARG B 364 -38.97 -17.82 45.24
CA ARG B 364 -38.82 -18.14 43.82
C ARG B 364 -37.56 -17.64 43.13
N VAL B 365 -36.75 -16.79 43.77
CA VAL B 365 -35.55 -16.23 43.15
C VAL B 365 -34.33 -16.81 43.84
N SER B 366 -33.42 -17.41 43.06
CA SER B 366 -32.17 -17.89 43.64
C SER B 366 -31.02 -16.93 43.37
N LYS B 367 -29.99 -17.01 44.22
CA LYS B 367 -28.83 -16.15 44.08
C LYS B 367 -27.54 -16.93 44.32
N VAL B 368 -26.56 -16.71 43.45
CA VAL B 368 -25.21 -17.25 43.61
C VAL B 368 -24.25 -16.09 43.82
N THR B 369 -23.38 -16.20 44.82
CA THR B 369 -22.41 -15.15 45.13
C THR B 369 -20.99 -15.69 45.03
N PHE B 370 -20.18 -15.08 44.19
CA PHE B 370 -18.76 -15.38 44.03
C PHE B 370 -17.94 -14.29 44.72
N SER B 371 -16.90 -14.71 45.43
CA SER B 371 -16.02 -13.79 46.14
C SER B 371 -14.58 -13.98 45.70
N ASN B 372 -13.81 -12.89 45.76
CA ASN B 372 -12.39 -12.88 45.40
C ASN B 372 -12.17 -13.53 44.04
N LEU B 373 -13.03 -13.20 43.08
CA LEU B 373 -12.99 -13.73 41.72
C LEU B 373 -11.58 -13.88 41.19
N LYS B 374 -11.29 -15.04 40.62
CA LYS B 374 -10.03 -15.29 39.94
C LYS B 374 -10.22 -15.12 38.45
N ALA B 375 -9.14 -14.73 37.76
CA ALA B 375 -9.19 -14.51 36.33
C ALA B 375 -9.73 -15.74 35.60
N THR B 376 -10.66 -15.50 34.68
CA THR B 376 -11.26 -16.59 33.92
C THR B 376 -10.24 -17.21 32.96
N ARG B 377 -10.07 -18.51 33.05
CA ARG B 377 -9.12 -19.20 32.17
C ARG B 377 -9.82 -19.46 30.84
N PRO B 378 -9.30 -18.98 29.72
CA PRO B 378 -9.98 -19.17 28.43
C PRO B 378 -9.89 -20.61 27.95
N ARG B 379 -11.05 -21.19 27.65
CA ARG B 379 -11.14 -22.51 27.04
C ARG B 379 -11.47 -22.31 25.57
N GLY B 380 -10.47 -22.53 24.72
CA GLY B 380 -10.64 -22.26 23.30
C GLY B 380 -10.97 -20.79 23.09
N LYS B 381 -11.89 -20.53 22.15
CA LYS B 381 -12.33 -19.16 21.94
C LYS B 381 -13.23 -18.63 23.07
N PHE B 382 -13.58 -19.46 24.04
CA PHE B 382 -14.44 -19.01 25.13
C PHE B 382 -13.61 -18.36 26.22
N THR B 383 -13.83 -17.05 26.42
CA THR B 383 -13.10 -16.26 27.42
C THR B 383 -13.98 -15.92 28.61
N TYR B 384 -15.10 -16.63 28.78
CA TYR B 384 -16.04 -16.37 29.85
C TYR B 384 -16.50 -17.68 30.46
N ASP B 385 -16.97 -17.61 31.70
CA ASP B 385 -17.56 -18.77 32.35
C ASP B 385 -19.06 -18.79 32.12
N ALA B 386 -19.57 -19.90 31.59
CA ALA B 386 -21.00 -20.06 31.36
C ALA B 386 -21.61 -20.58 32.66
N VAL B 387 -22.36 -19.73 33.34
CA VAL B 387 -23.01 -20.10 34.59
C VAL B 387 -24.48 -20.47 34.35
N TYR B 388 -24.82 -21.72 34.65
CA TYR B 388 -26.18 -22.23 34.45
C TYR B 388 -26.93 -22.30 35.77
N CYS B 389 -28.23 -22.05 35.70
CA CYS B 389 -29.16 -22.10 36.82
C CYS B 389 -30.13 -23.19 36.41
N CYS B 390 -30.15 -24.28 37.18
CA CYS B 390 -30.81 -25.51 36.80
C CYS B 390 -31.88 -25.92 37.81
N ASN B 391 -32.88 -26.63 37.31
CA ASN B 391 -33.95 -27.17 38.14
C ASN B 391 -33.54 -28.58 38.56
N GLU B 392 -32.83 -28.65 39.67
CA GLU B 392 -32.32 -29.89 40.28
C GLU B 392 -31.40 -30.58 39.28
N GLN B 393 -31.60 -31.88 38.96
CA GLN B 393 -30.67 -32.59 38.07
C GLN B 393 -30.74 -32.10 36.63
N ALA B 394 -31.90 -31.70 36.14
CA ALA B 394 -32.07 -31.30 34.74
C ALA B 394 -31.75 -29.83 34.51
N CYS B 395 -30.73 -29.56 33.69
CA CYS B 395 -30.41 -28.18 33.34
C CYS B 395 -31.10 -27.76 32.04
N HIS B 396 -31.10 -26.44 31.80
CA HIS B 396 -31.69 -25.97 30.56
C HIS B 396 -30.53 -25.41 29.73
N HIS B 397 -30.77 -25.16 28.45
CA HIS B 397 -29.72 -24.64 27.56
C HIS B 397 -29.34 -23.18 27.82
N ARG B 398 -30.25 -22.34 28.30
CA ARG B 398 -29.92 -20.94 28.53
C ARG B 398 -28.98 -20.75 29.73
N TYR B 399 -27.91 -19.97 29.51
CA TYR B 399 -26.85 -19.72 30.49
C TYR B 399 -26.53 -18.23 30.57
N ALA B 400 -25.83 -17.85 31.63
CA ALA B 400 -25.30 -16.49 31.84
C ALA B 400 -23.81 -16.44 31.55
N GLU B 401 -23.38 -15.34 30.91
CA GLU B 401 -21.98 -15.13 30.54
C GLU B 401 -21.25 -14.31 31.60
N LEU B 402 -20.12 -14.85 32.11
CA LEU B 402 -19.30 -14.17 33.13
C LEU B 402 -17.90 -13.86 32.62
N TYR B 403 -17.56 -12.57 32.50
CA TYR B 403 -16.23 -12.13 32.04
C TYR B 403 -15.44 -11.49 33.18
N VAL B 404 -14.30 -12.11 33.54
CA VAL B 404 -13.42 -11.56 34.56
C VAL B 404 -12.08 -11.23 33.89
N ILE B 405 -11.75 -9.93 33.82
CA ILE B 405 -10.56 -9.44 33.14
C ILE B 405 -9.57 -8.85 34.14
N ASP B 406 -8.28 -9.02 33.86
CA ASP B 406 -7.21 -8.43 34.68
C ASP B 406 -6.99 -7.00 34.20
N VAL B 407 -7.76 -6.06 34.76
CA VAL B 407 -7.69 -4.66 34.36
C VAL B 407 -6.50 -3.92 34.96
N ASN B 408 -5.64 -4.59 35.72
CA ASN B 408 -4.48 -3.94 36.34
C ASN B 408 -3.35 -3.67 35.35
N ILE B 409 -3.66 -2.84 34.36
CA ILE B 409 -2.72 -2.43 33.31
C ILE B 409 -1.90 -1.24 33.79
N ASN B 410 -0.60 -1.28 33.56
CA ASN B 410 0.29 -0.16 33.90
C ASN B 410 0.60 0.69 32.66
N ILE B 411 0.43 2.00 32.81
CA ILE B 411 0.72 2.98 31.77
C ILE B 411 1.94 3.78 32.21
N SER B 412 2.98 3.83 31.37
CA SER B 412 4.18 4.58 31.73
C SER B 412 4.38 5.73 30.76
N CYS B 413 4.61 6.94 31.29
CA CYS B 413 4.80 8.13 30.46
C CYS B 413 6.20 8.69 30.64
N GLU B 414 6.71 9.32 29.58
CA GLU B 414 8.03 9.94 29.59
C GLU B 414 8.01 11.19 28.72
N THR B 415 8.43 12.32 29.30
CA THR B 415 8.49 13.58 28.57
C THR B 415 9.88 13.71 27.95
N ASP B 416 9.91 14.19 26.70
CA ASP B 416 11.17 14.34 25.97
C ASP B 416 12.06 15.39 26.63
N GLY B 417 13.34 15.35 26.24
CA GLY B 417 14.34 16.27 26.76
C GLY B 417 14.14 17.72 26.39
N TYR B 418 13.32 18.00 25.38
CA TYR B 418 13.02 19.36 24.99
C TYR B 418 11.75 19.90 25.62
N LEU B 419 11.04 19.09 26.40
CA LEU B 419 9.82 19.52 27.11
C LEU B 419 8.75 20.00 26.13
N THR B 420 8.62 19.33 24.99
CA THR B 420 7.63 19.67 23.98
C THR B 420 6.55 18.61 23.78
N LYS B 421 6.78 17.37 24.23
CA LYS B 421 5.81 16.31 24.05
C LYS B 421 6.05 15.23 25.10
N MET B 422 5.00 14.45 25.37
CA MET B 422 5.09 13.33 26.31
C MET B 422 4.58 12.07 25.65
N THR B 423 5.40 11.01 25.67
CA THR B 423 5.02 9.73 25.08
C THR B 423 4.66 8.76 26.19
N CYS B 424 3.46 8.19 26.10
CA CYS B 424 2.96 7.21 27.05
C CYS B 424 2.81 5.86 26.37
N ARG B 425 3.27 4.81 27.05
CA ARG B 425 3.31 3.46 26.53
C ARG B 425 2.47 2.55 27.42
N TRP B 426 1.80 1.59 26.79
CA TRP B 426 1.02 0.63 27.55
C TRP B 426 0.87 -0.66 26.76
N SER B 427 0.83 -1.80 27.49
CA SER B 427 0.72 -3.11 26.84
C SER B 427 -0.69 -3.65 26.92
N PRO B 428 -1.29 -4.06 25.81
CA PRO B 428 -2.63 -4.67 25.88
C PRO B 428 -2.56 -6.20 25.93
N SER B 429 -1.52 -6.74 26.58
CA SER B 429 -1.36 -8.18 26.68
C SER B 429 -2.55 -8.84 27.38
N THR B 430 -3.30 -8.08 28.17
CA THR B 430 -4.49 -8.60 28.83
C THR B 430 -5.65 -8.75 27.84
N ILE B 431 -5.74 -7.83 26.87
CA ILE B 431 -6.93 -7.68 26.05
C ILE B 431 -6.68 -8.06 24.60
N GLN B 432 -5.50 -8.59 24.27
CA GLN B 432 -5.30 -9.10 22.91
C GLN B 432 -5.92 -10.48 22.72
N SER B 433 -7.10 -10.67 23.30
CA SER B 433 -7.86 -11.92 23.31
C SER B 433 -9.36 -11.70 23.16
N LEU B 434 -9.90 -10.59 23.67
CA LEU B 434 -11.30 -10.26 23.59
C LEU B 434 -11.55 -9.47 22.32
N VAL B 435 -12.35 -10.03 21.42
CA VAL B 435 -12.65 -9.37 20.16
C VAL B 435 -14.14 -9.06 20.08
N GLY B 436 -14.44 -7.97 19.36
CA GLY B 436 -15.77 -7.42 19.24
C GLY B 436 -15.83 -6.12 20.01
N SER B 437 -15.24 -6.11 21.20
CA SER B 437 -15.14 -4.90 22.00
C SER B 437 -13.91 -4.09 21.59
N THR B 438 -13.95 -2.80 21.90
CA THR B 438 -12.86 -1.88 21.58
C THR B 438 -12.19 -1.44 22.87
N VAL B 439 -10.90 -1.12 22.79
CA VAL B 439 -10.15 -0.64 23.95
C VAL B 439 -9.43 0.65 23.54
N GLN B 440 -9.66 1.71 24.31
CA GLN B 440 -9.04 3.00 24.03
C GLN B 440 -8.75 3.71 25.35
N LEU B 441 -7.75 4.59 25.33
CA LEU B 441 -7.34 5.43 26.47
C LEU B 441 -8.11 6.74 26.61
N ARG B 442 -8.57 7.01 27.85
CA ARG B 442 -9.24 8.25 28.23
C ARG B 442 -8.36 8.99 29.22
N TYR B 443 -8.50 10.31 29.24
CA TYR B 443 -7.72 11.12 30.16
C TYR B 443 -8.48 12.37 30.55
N HIS B 444 -8.01 13.01 31.63
CA HIS B 444 -8.54 14.27 32.12
C HIS B 444 -7.38 15.07 32.68
N ARG B 445 -7.30 16.34 32.31
CA ARG B 445 -6.23 17.22 32.78
C ARG B 445 -6.78 18.19 33.82
N ARG B 446 -6.10 18.27 34.97
CA ARG B 446 -6.46 19.23 36.01
C ARG B 446 -5.54 20.44 35.89
N SER B 447 -6.14 21.62 36.04
CA SER B 447 -5.43 22.89 35.85
C SER B 447 -4.04 22.91 36.49
N LEU B 448 -3.93 22.52 37.76
CA LEU B 448 -2.61 22.50 38.39
C LEU B 448 -2.45 21.28 39.29
N TYR B 449 -1.30 20.61 39.16
CA TYR B 449 -0.88 19.49 40.00
C TYR B 449 -1.84 18.30 39.96
N CYS B 450 -1.45 17.23 40.65
CA CYS B 450 -2.07 15.93 40.84
C CYS B 450 -2.71 15.84 42.21
N PRO B 451 -3.87 15.19 42.34
CA PRO B 451 -4.45 14.97 43.67
C PRO B 451 -3.67 13.92 44.45
N ASP B 452 -3.86 13.95 45.77
CA ASP B 452 -3.21 12.99 46.65
C ASP B 452 -3.62 11.56 46.33
N SER B 453 -4.86 11.37 45.93
CA SER B 453 -5.38 10.07 45.50
C SER B 453 -6.11 10.25 44.18
N PRO B 454 -5.58 9.73 43.08
CA PRO B 454 -6.25 9.92 41.77
C PRO B 454 -7.62 9.26 41.74
N SER B 455 -8.49 9.86 40.94
CA SER B 455 -9.87 9.41 40.79
C SER B 455 -10.26 9.49 39.33
N ILE B 456 -11.33 8.78 38.97
CA ILE B 456 -11.84 8.81 37.61
C ILE B 456 -12.77 10.02 37.50
N HIS B 457 -12.31 11.06 36.79
CA HIS B 457 -13.12 12.26 36.65
C HIS B 457 -14.28 11.99 35.69
N PRO B 458 -15.49 12.41 36.03
CA PRO B 458 -16.63 12.19 35.12
C PRO B 458 -16.45 12.81 33.74
N THR B 459 -15.80 13.97 33.65
CA THR B 459 -15.51 14.62 32.37
C THR B 459 -14.10 14.25 31.92
N SER B 460 -14.01 13.51 30.81
CA SER B 460 -12.73 13.11 30.26
C SER B 460 -12.80 13.20 28.74
N GLU B 461 -11.65 13.03 28.11
CA GLU B 461 -11.53 13.03 26.66
C GLU B 461 -10.67 11.85 26.23
N PRO B 462 -10.97 11.23 25.10
CA PRO B 462 -10.14 10.13 24.63
C PRO B 462 -8.85 10.61 23.98
N LYS B 463 -7.84 9.76 24.04
CA LYS B 463 -6.54 10.01 23.40
C LYS B 463 -6.22 8.88 22.45
N ASN B 464 -5.87 9.23 21.22
CA ASN B 464 -5.54 8.23 20.22
C ASN B 464 -4.15 7.68 20.52
N CYS B 465 -4.05 6.38 20.80
CA CYS B 465 -2.76 5.75 21.04
C CYS B 465 -2.46 4.84 19.85
N VAL B 466 -1.17 4.72 19.49
CA VAL B 466 -0.74 3.94 18.34
C VAL B 466 0.09 2.73 18.77
N LEU B 467 -0.30 1.56 18.28
CA LEU B 467 0.39 0.31 18.56
C LEU B 467 1.75 0.26 17.88
N GLN B 468 2.78 -0.11 18.63
CA GLN B 468 4.14 -0.20 18.14
C GLN B 468 4.48 -1.64 17.76
N ARG B 469 5.60 -1.77 17.04
CA ARG B 469 6.05 -3.08 16.56
C ARG B 469 6.36 -4.04 17.71
N ASP B 470 6.66 -3.53 18.90
CA ASP B 470 6.93 -4.35 20.07
C ASP B 470 5.66 -4.83 20.76
N GLY B 471 4.50 -4.49 20.23
CA GLY B 471 3.22 -4.88 20.78
C GLY B 471 2.66 -3.90 21.78
N PHE B 472 3.38 -2.82 22.08
CA PHE B 472 2.91 -1.79 22.98
C PHE B 472 2.24 -0.67 22.18
N TYR B 473 1.30 0.01 22.82
CA TYR B 473 0.68 1.17 22.20
C TYR B 473 1.44 2.40 22.69
N GLU B 474 1.67 3.34 21.78
CA GLU B 474 2.33 4.59 22.14
C GLU B 474 1.48 5.78 21.72
N CYS B 475 1.14 6.62 22.68
CA CYS B 475 0.36 7.84 22.47
C CYS B 475 1.13 9.06 22.97
N VAL B 476 1.32 10.03 22.08
CA VAL B 476 2.09 11.24 22.36
C VAL B 476 1.15 12.43 22.51
N PHE B 477 1.25 13.09 23.67
CA PHE B 477 0.51 14.30 23.97
C PHE B 477 1.42 15.48 23.64
N GLN B 478 0.97 16.31 22.70
CA GLN B 478 1.62 17.50 22.20
C GLN B 478 0.55 18.41 21.62
N PRO B 479 0.46 19.68 22.06
CA PRO B 479 1.33 20.23 23.10
C PRO B 479 1.12 19.75 24.53
N ILE B 480 2.08 20.04 25.42
CA ILE B 480 1.96 19.66 26.81
C ILE B 480 1.79 20.96 27.61
N PHE B 481 1.28 20.79 28.82
CA PHE B 481 1.15 21.84 29.83
C PHE B 481 2.06 21.43 30.99
N LEU B 482 3.28 21.94 31.02
CA LEU B 482 4.29 21.53 32.01
C LEU B 482 3.77 21.51 33.47
N LEU B 483 2.98 22.50 33.94
CA LEU B 483 2.65 22.43 35.37
C LEU B 483 1.23 21.96 35.54
N SER B 484 0.70 21.35 34.51
CA SER B 484 -0.63 20.81 34.51
C SER B 484 -0.63 19.30 34.76
N GLY B 485 -1.57 18.82 35.56
CA GLY B 485 -1.69 17.39 35.86
C GLY B 485 -2.42 16.53 34.85
N TYR B 486 -1.74 15.54 34.26
CA TYR B 486 -2.35 14.62 33.29
C TYR B 486 -2.73 13.28 33.92
N THR B 487 -4.04 13.06 34.10
CA THR B 487 -4.58 11.81 34.62
C THR B 487 -5.03 10.90 33.46
N MET B 488 -4.44 9.70 33.34
CA MET B 488 -4.80 8.80 32.25
C MET B 488 -5.11 7.39 32.75
N TRP B 489 -5.91 6.68 31.96
CA TRP B 489 -6.35 5.32 32.24
C TRP B 489 -6.84 4.71 30.93
N ILE B 490 -7.03 3.39 30.94
CA ILE B 490 -7.55 2.66 29.78
C ILE B 490 -9.02 2.38 30.04
N ARG B 491 -9.88 2.71 29.08
CA ARG B 491 -11.30 2.45 29.19
C ARG B 491 -11.58 1.32 28.19
N ILE B 492 -12.23 0.28 28.68
CA ILE B 492 -12.59 -0.93 27.97
C ILE B 492 -14.06 -0.88 27.56
N ASN B 493 -14.28 -0.57 26.28
CA ASN B 493 -15.63 -0.44 25.72
C ASN B 493 -16.16 -1.78 25.27
N HIS B 494 -16.88 -2.47 26.13
CA HIS B 494 -17.43 -3.76 25.77
C HIS B 494 -18.88 -3.55 25.34
N SER B 495 -19.43 -4.54 24.62
CA SER B 495 -20.82 -4.43 24.19
C SER B 495 -21.75 -4.33 25.39
N LEU B 496 -21.33 -4.91 26.51
CA LEU B 496 -22.10 -4.97 27.74
C LEU B 496 -21.81 -3.80 28.68
N GLY B 497 -20.87 -2.92 28.35
CA GLY B 497 -20.61 -1.83 29.27
C GLY B 497 -19.19 -1.31 29.11
N SER B 498 -18.68 -0.72 30.19
CA SER B 498 -17.33 -0.16 30.21
C SER B 498 -16.57 -0.53 31.48
N LEU B 499 -15.27 -0.72 31.33
CA LEU B 499 -14.35 -1.05 32.41
C LEU B 499 -13.23 -0.02 32.48
N ASP B 500 -12.85 0.40 33.69
CA ASP B 500 -11.81 1.40 33.83
C ASP B 500 -10.65 0.88 34.68
N SER B 501 -9.43 1.09 34.19
CA SER B 501 -8.24 0.71 34.93
C SER B 501 -8.03 1.66 36.10
N PRO B 502 -7.21 1.29 37.08
CA PRO B 502 -6.94 2.21 38.18
C PRO B 502 -6.30 3.48 37.65
N PRO B 503 -6.89 4.65 37.89
CA PRO B 503 -6.33 5.86 37.30
C PRO B 503 -5.00 6.24 37.93
N THR B 504 -4.14 6.84 37.11
CA THR B 504 -2.85 7.34 37.55
C THR B 504 -2.75 8.80 37.14
N CYS B 505 -2.11 9.60 37.98
CA CYS B 505 -1.90 11.02 37.69
C CYS B 505 -0.40 11.27 37.59
N VAL B 506 0.04 11.85 36.48
CA VAL B 506 1.45 12.11 36.25
C VAL B 506 1.65 13.60 36.05
N LEU B 507 2.68 14.14 36.69
CA LEU B 507 3.10 15.53 36.51
C LEU B 507 4.30 15.54 35.57
N PRO B 508 4.17 16.11 34.38
CA PRO B 508 5.28 16.06 33.40
C PRO B 508 6.61 16.53 33.95
N ASP B 509 6.60 17.49 34.88
CA ASP B 509 7.84 17.98 35.45
C ASP B 509 8.59 16.87 36.18
N SER B 510 7.87 15.89 36.72
CA SER B 510 8.48 14.81 37.46
C SER B 510 8.86 13.63 36.58
N VAL B 511 8.65 13.69 35.27
CA VAL B 511 9.05 12.59 34.41
C VAL B 511 9.95 13.09 33.30
N VAL B 512 10.66 14.18 33.56
CA VAL B 512 11.55 14.77 32.56
C VAL B 512 12.83 13.95 32.47
N LYS B 513 13.29 13.70 31.24
CA LYS B 513 14.58 13.07 31.04
C LYS B 513 15.55 14.12 30.53
N PRO B 514 16.47 14.62 31.35
CA PRO B 514 17.36 15.70 30.90
C PRO B 514 18.31 15.26 29.80
N LEU B 515 18.83 16.25 29.09
CA LEU B 515 19.90 16.02 28.14
C LEU B 515 21.21 15.78 28.88
N PRO B 516 22.17 15.10 28.25
CA PRO B 516 23.44 14.83 28.94
C PRO B 516 24.24 16.11 29.11
N PRO B 517 25.17 16.15 30.07
CA PRO B 517 26.08 17.29 30.17
C PRO B 517 26.89 17.46 28.89
N SER B 518 27.12 18.71 28.50
CA SER B 518 27.80 19.04 27.26
C SER B 518 29.21 19.56 27.51
N ASN B 519 29.96 19.68 26.41
CA ASN B 519 31.33 20.23 26.41
C ASN B 519 32.23 19.56 27.45
N VAL B 520 32.15 18.24 27.54
CA VAL B 520 32.96 17.50 28.50
C VAL B 520 34.42 17.43 28.03
N LYS B 521 35.34 17.86 28.89
CA LYS B 521 36.78 17.85 28.61
C LYS B 521 37.50 17.11 29.73
N ALA B 522 38.59 16.44 29.38
CA ALA B 522 39.44 15.74 30.34
C ALA B 522 40.89 16.02 30.02
N GLU B 523 41.61 16.59 30.98
CA GLU B 523 43.02 16.93 30.82
C GLU B 523 43.82 16.46 32.03
N ILE B 524 45.02 15.96 31.78
CA ILE B 524 45.95 15.64 32.86
C ILE B 524 46.76 16.88 33.22
N THR B 525 46.61 17.32 34.48
CA THR B 525 47.24 18.56 34.95
C THR B 525 48.75 18.39 35.02
N VAL B 526 49.46 19.28 34.31
CA VAL B 526 50.92 19.25 34.32
C VAL B 526 51.49 19.37 35.73
N ASN B 527 52.58 18.64 35.97
CA ASN B 527 53.29 18.51 37.25
C ASN B 527 52.51 17.78 38.34
N THR B 528 51.20 18.00 38.40
CA THR B 528 50.41 17.43 39.49
C THR B 528 49.90 16.03 39.19
N GLY B 529 49.64 15.74 37.92
CA GLY B 529 49.20 14.42 37.54
C GLY B 529 47.79 14.07 37.94
N LEU B 530 46.94 15.06 38.17
CA LEU B 530 45.54 14.84 38.45
C LEU B 530 44.74 14.85 37.15
N LEU B 531 43.77 13.95 37.05
CA LEU B 531 42.79 13.99 35.97
C LEU B 531 41.78 15.09 36.27
N LYS B 532 41.93 16.24 35.62
CA LYS B 532 40.99 17.33 35.73
C LYS B 532 39.91 17.12 34.67
N VAL B 533 38.71 16.79 35.12
CA VAL B 533 37.53 16.64 34.27
C VAL B 533 36.67 17.87 34.44
N SER B 534 36.16 18.40 33.34
CA SER B 534 35.33 19.59 33.37
C SER B 534 34.17 19.39 32.42
N TRP B 535 33.06 20.07 32.70
CA TRP B 535 31.85 19.88 31.93
C TRP B 535 30.99 21.13 32.04
N GLU B 536 29.91 21.14 31.26
CA GLU B 536 28.92 22.20 31.28
C GLU B 536 27.57 21.56 31.57
N LYS B 537 26.87 22.07 32.58
CA LYS B 537 25.58 21.51 32.92
C LYS B 537 24.60 21.66 31.76
N PRO B 538 23.66 20.73 31.61
CA PRO B 538 22.67 20.85 30.54
C PRO B 538 21.78 22.08 30.72
N VAL B 539 21.21 22.52 29.60
CA VAL B 539 20.35 23.70 29.60
C VAL B 539 19.19 23.49 30.58
N PHE B 540 18.60 22.30 30.60
CA PHE B 540 17.55 21.92 31.52
C PHE B 540 17.93 20.64 32.28
N PRO B 541 17.40 20.46 33.50
CA PRO B 541 16.53 21.42 34.18
C PRO B 541 17.31 22.50 34.92
N GLU B 542 16.61 23.54 35.36
CA GLU B 542 17.23 24.60 36.15
C GLU B 542 17.47 24.18 37.60
N ASN B 543 16.76 23.16 38.08
CA ASN B 543 16.93 22.69 39.45
C ASN B 543 18.35 22.18 39.66
N ASN B 544 18.81 22.24 40.91
CA ASN B 544 20.14 21.76 41.25
C ASN B 544 20.27 20.29 40.87
N LEU B 545 21.34 19.96 40.19
CA LEU B 545 21.61 18.61 39.71
C LEU B 545 22.79 17.97 40.40
N GLN B 546 22.81 16.64 40.35
CA GLN B 546 23.94 15.82 40.76
C GLN B 546 24.50 15.16 39.51
N PHE B 547 25.81 14.92 39.52
CA PHE B 547 26.49 14.34 38.38
C PHE B 547 27.22 13.06 38.76
N GLN B 548 27.41 12.19 37.77
CA GLN B 548 28.15 10.95 37.93
C GLN B 548 29.13 10.87 36.78
N ILE B 549 30.41 10.68 37.11
CA ILE B 549 31.48 10.55 36.13
C ILE B 549 31.96 9.11 36.15
N ARG B 550 32.03 8.50 34.97
CA ARG B 550 32.72 7.24 34.79
C ARG B 550 33.99 7.48 33.99
N TYR B 551 35.08 6.86 34.43
CA TYR B 551 36.38 7.01 33.80
C TYR B 551 37.11 5.68 33.80
N GLY B 552 37.93 5.47 32.78
CA GLY B 552 38.67 4.23 32.65
C GLY B 552 39.80 4.35 31.66
N LEU B 553 40.69 3.35 31.71
CA LEU B 553 41.79 3.29 30.76
C LEU B 553 41.28 2.99 29.36
N SER B 554 41.80 3.72 28.37
CA SER B 554 41.39 3.51 26.99
C SER B 554 41.94 2.18 26.49
N GLY B 555 41.05 1.24 26.23
CA GLY B 555 41.43 -0.06 25.74
C GLY B 555 40.27 -0.73 25.03
N LYS B 556 40.47 -2.00 24.67
CA LYS B 556 39.36 -2.76 24.11
C LYS B 556 38.25 -2.97 25.14
N GLU B 557 38.59 -3.07 26.42
CA GLU B 557 37.61 -3.24 27.48
C GLU B 557 37.94 -2.26 28.60
N ILE B 558 37.02 -1.33 28.86
CA ILE B 558 37.25 -0.24 29.79
C ILE B 558 36.66 -0.62 31.14
N GLN B 559 37.52 -0.80 32.14
CA GLN B 559 37.09 -0.96 33.53
C GLN B 559 36.65 0.38 34.09
N TRP B 560 35.35 0.67 34.03
CA TRP B 560 34.86 1.98 34.47
C TRP B 560 34.84 2.07 35.99
N LYS B 561 35.41 3.16 36.51
CA LYS B 561 35.21 3.59 37.88
C LYS B 561 34.32 4.83 37.87
N THR B 562 33.48 4.98 38.90
CA THR B 562 32.59 6.12 38.97
C THR B 562 32.82 6.97 40.22
N HIS B 563 32.65 8.28 40.04
CA HIS B 563 32.74 9.29 41.09
C HIS B 563 31.46 10.12 41.02
N GLU B 564 30.83 10.33 42.18
CA GLU B 564 29.59 11.09 42.27
C GLU B 564 29.82 12.47 42.86
N VAL B 565 29.29 13.49 42.19
CA VAL B 565 29.41 14.89 42.58
C VAL B 565 28.00 15.36 42.94
N PHE B 566 27.79 15.71 44.21
CA PHE B 566 26.46 16.09 44.68
C PHE B 566 26.27 17.58 44.88
N ASP B 567 27.25 18.42 44.57
CA ASP B 567 27.05 19.86 44.61
C ASP B 567 26.80 20.38 43.20
N ALA B 568 25.67 21.08 43.03
CA ALA B 568 25.24 21.54 41.71
C ALA B 568 26.21 22.53 41.08
N LYS B 569 26.91 23.33 41.89
CA LYS B 569 27.81 24.34 41.35
C LYS B 569 29.15 23.78 40.90
N SER B 570 29.40 22.47 41.04
CA SER B 570 30.66 21.90 40.60
C SER B 570 30.62 21.66 39.09
N LYS B 571 31.47 22.36 38.36
CA LYS B 571 31.62 22.16 36.93
C LYS B 571 32.88 21.38 36.59
N SER B 572 33.60 20.89 37.60
CA SER B 572 34.84 20.16 37.39
C SER B 572 35.14 19.32 38.61
N ALA B 573 35.86 18.22 38.38
CA ALA B 573 36.39 17.38 39.45
C ALA B 573 37.82 17.00 39.13
N SER B 574 38.59 16.71 40.18
CA SER B 574 39.97 16.25 40.04
C SER B 574 40.10 14.85 40.61
N LEU B 575 40.62 13.93 39.81
CA LEU B 575 40.65 12.51 40.14
C LEU B 575 42.09 12.01 40.18
N LEU B 576 42.35 11.07 41.08
CA LEU B 576 43.63 10.38 41.13
C LEU B 576 43.66 9.31 40.04
N VAL B 577 44.73 9.30 39.25
CA VAL B 577 44.88 8.32 38.17
C VAL B 577 46.19 7.56 38.35
N SER B 578 46.17 6.29 37.95
CA SER B 578 47.28 5.38 38.20
C SER B 578 48.36 5.44 37.14
N ASP B 579 48.00 5.73 35.89
CA ASP B 579 48.95 5.81 34.78
C ASP B 579 48.84 7.21 34.18
N LEU B 580 49.82 8.06 34.51
CA LEU B 580 49.82 9.44 34.03
C LEU B 580 50.00 9.53 32.51
N CYS B 581 50.37 8.45 31.85
CA CYS B 581 50.76 8.48 30.44
C CYS B 581 49.82 7.67 29.56
N ALA B 582 48.70 7.21 30.10
CA ALA B 582 47.66 6.56 29.32
C ALA B 582 46.55 7.52 28.95
N VAL B 583 45.86 7.21 27.87
CA VAL B 583 44.61 7.88 27.51
C VAL B 583 43.49 7.33 28.38
N TYR B 584 42.82 8.21 29.11
CA TYR B 584 41.60 7.85 29.82
C TYR B 584 40.38 8.26 29.00
N VAL B 585 39.36 7.40 29.01
CA VAL B 585 38.05 7.73 28.49
C VAL B 585 37.14 8.08 29.66
N VAL B 586 36.37 9.15 29.51
CA VAL B 586 35.49 9.65 30.56
C VAL B 586 34.13 9.99 29.96
N GLN B 587 33.07 9.64 30.66
CA GLN B 587 31.72 10.06 30.32
C GLN B 587 31.02 10.52 31.58
N VAL B 588 30.04 11.41 31.43
CA VAL B 588 29.32 11.98 32.55
C VAL B 588 27.82 11.94 32.27
N ARG B 589 27.04 11.68 33.32
CA ARG B 589 25.59 11.73 33.26
C ARG B 589 25.09 12.52 34.46
N CYS B 590 23.85 12.99 34.39
CA CYS B 590 23.32 13.85 35.45
C CYS B 590 21.89 13.44 35.80
N ARG B 591 21.47 13.92 36.97
CA ARG B 591 20.15 13.63 37.51
C ARG B 591 19.79 14.76 38.46
N ARG B 592 18.49 14.96 38.68
CA ARG B 592 18.09 15.97 39.65
C ARG B 592 18.59 15.58 41.03
N LEU B 593 19.20 16.55 41.74
CA LEU B 593 19.73 16.30 43.07
C LEU B 593 18.67 15.72 44.00
N ASP B 594 17.43 16.17 43.88
CA ASP B 594 16.36 15.65 44.73
C ASP B 594 15.88 14.27 44.31
N GLY B 595 16.43 13.69 43.24
CA GLY B 595 16.01 12.39 42.78
C GLY B 595 14.69 12.35 42.05
N LEU B 596 14.04 13.49 41.86
CA LEU B 596 12.73 13.57 41.20
C LEU B 596 12.95 13.63 39.69
N GLY B 597 13.28 12.48 39.12
CA GLY B 597 13.50 12.38 37.69
C GLY B 597 14.39 11.21 37.35
N TYR B 598 14.74 11.13 36.08
CA TYR B 598 15.59 10.08 35.55
C TYR B 598 17.03 10.56 35.40
N TRP B 599 17.95 9.60 35.25
CA TRP B 599 19.32 9.92 34.94
C TRP B 599 19.44 10.29 33.47
N SER B 600 20.31 11.25 33.17
CA SER B 600 20.58 11.59 31.79
C SER B 600 21.40 10.48 31.11
N ASN B 601 21.51 10.57 29.79
CA ASN B 601 22.41 9.67 29.09
C ASN B 601 23.86 10.07 29.38
N TRP B 602 24.77 9.13 29.14
CA TRP B 602 26.18 9.44 29.31
C TRP B 602 26.64 10.41 28.23
N SER B 603 27.50 11.36 28.61
CA SER B 603 28.03 12.32 27.67
C SER B 603 28.88 11.63 26.60
N SER B 604 29.17 12.35 25.53
CA SER B 604 30.06 11.84 24.51
C SER B 604 31.47 11.68 25.10
N PRO B 605 32.16 10.59 24.81
CA PRO B 605 33.45 10.32 25.47
C PRO B 605 34.45 11.45 25.26
N ALA B 606 35.18 11.78 26.32
CA ALA B 606 36.27 12.74 26.30
C ALA B 606 37.58 11.99 26.51
N TYR B 607 38.59 12.30 25.71
CA TYR B 607 39.87 11.63 25.79
C TYR B 607 40.95 12.58 26.32
N THR B 608 41.78 12.06 27.21
CA THR B 608 42.98 12.75 27.66
C THR B 608 44.06 12.71 26.58
N LEU B 609 44.86 13.77 26.52
CA LEU B 609 46.11 13.75 25.76
C LEU B 609 47.24 13.21 26.61
N VAL B 610 48.04 12.32 26.01
CA VAL B 610 49.28 11.83 26.61
C VAL B 610 50.31 12.96 26.59
N MET B 611 50.70 13.42 27.77
CA MET B 611 51.76 14.41 27.90
C MET B 611 52.90 13.88 28.77
N GLY C 28 -13.62 -55.59 -7.36
CA GLY C 28 -13.09 -54.24 -7.53
C GLY C 28 -13.07 -53.50 -6.21
N VAL C 29 -14.23 -53.46 -5.54
CA VAL C 29 -14.37 -52.79 -4.25
C VAL C 29 -14.12 -53.82 -3.16
N PRO C 30 -13.04 -53.71 -2.40
CA PRO C 30 -12.77 -54.67 -1.30
C PRO C 30 -13.63 -54.34 -0.10
N ILE C 31 -14.54 -55.26 0.25
CA ILE C 31 -15.52 -55.00 1.29
C ILE C 31 -14.86 -54.93 2.67
N GLN C 32 -13.83 -55.73 2.91
CA GLN C 32 -13.10 -55.64 4.18
C GLN C 32 -12.40 -54.29 4.30
N LYS C 33 -11.84 -53.82 3.19
CA LYS C 33 -11.24 -52.50 3.15
C LYS C 33 -12.28 -51.43 3.49
N VAL C 34 -13.48 -51.54 2.91
CA VAL C 34 -14.52 -50.57 3.20
C VAL C 34 -14.89 -50.59 4.68
N GLN C 35 -14.94 -51.79 5.29
CA GLN C 35 -15.26 -51.84 6.73
C GLN C 35 -14.15 -51.17 7.54
N ASP C 36 -12.90 -51.35 7.14
CA ASP C 36 -11.80 -50.72 7.86
C ASP C 36 -11.83 -49.21 7.68
N ASP C 37 -12.16 -48.74 6.47
CA ASP C 37 -12.25 -47.30 6.26
C ASP C 37 -13.40 -46.71 7.06
N THR C 38 -14.51 -47.45 7.20
CA THR C 38 -15.61 -46.98 8.03
C THR C 38 -15.18 -46.86 9.48
N LYS C 39 -14.42 -47.85 9.96
CA LYS C 39 -13.94 -47.80 11.34
C LYS C 39 -12.98 -46.62 11.51
N THR C 40 -12.08 -46.43 10.55
CA THR C 40 -11.13 -45.33 10.65
C THR C 40 -11.83 -43.98 10.64
N LEU C 41 -12.86 -43.80 9.81
CA LEU C 41 -13.56 -42.52 9.82
C LEU C 41 -14.35 -42.30 11.10
N ILE C 42 -14.97 -43.36 11.63
CA ILE C 42 -15.69 -43.22 12.90
C ILE C 42 -14.73 -42.84 14.02
N LYS C 43 -13.65 -43.60 14.19
CA LYS C 43 -12.64 -43.26 15.19
C LYS C 43 -12.10 -41.86 14.99
N THR C 44 -11.98 -41.41 13.73
CA THR C 44 -11.50 -40.06 13.46
C THR C 44 -12.47 -39.02 13.99
N ILE C 45 -13.76 -39.19 13.73
CA ILE C 45 -14.73 -38.23 14.24
C ILE C 45 -14.77 -38.26 15.77
N VAL C 46 -14.64 -39.44 16.36
CA VAL C 46 -14.66 -39.53 17.82
C VAL C 46 -13.45 -38.84 18.41
N THR C 47 -12.28 -39.02 17.80
CA THR C 47 -11.07 -38.34 18.27
C THR C 47 -11.18 -36.83 18.09
N ARG C 48 -11.76 -36.38 16.97
CA ARG C 48 -11.99 -34.95 16.79
C ARG C 48 -12.86 -34.39 17.91
N ILE C 49 -13.99 -35.04 18.20
CA ILE C 49 -14.83 -34.56 19.30
C ILE C 49 -14.10 -34.69 20.63
N ASN C 50 -13.16 -35.63 20.73
CA ASN C 50 -12.36 -35.76 21.96
C ASN C 50 -11.38 -34.59 22.10
N ASP C 51 -11.00 -33.99 20.98
CA ASP C 51 -10.11 -32.83 21.03
C ASP C 51 -10.84 -31.55 21.39
N ILE C 52 -12.17 -31.56 21.34
CA ILE C 52 -12.96 -30.41 21.76
C ILE C 52 -13.13 -30.44 23.27
N SER C 53 -12.15 -29.86 23.96
CA SER C 53 -12.05 -29.83 25.43
C SER C 53 -13.33 -29.51 26.19
N HIS C 54 -14.10 -28.51 25.75
CA HIS C 54 -15.33 -28.19 26.46
C HIS C 54 -16.42 -29.25 26.35
N THR C 55 -16.39 -30.11 25.35
CA THR C 55 -17.42 -31.14 25.23
C THR C 55 -17.12 -32.42 26.01
N GLN C 56 -15.84 -32.73 26.24
CA GLN C 56 -15.48 -33.98 26.93
C GLN C 56 -15.97 -34.03 28.37
N SER C 57 -16.07 -32.89 29.04
CA SER C 57 -16.51 -32.84 30.43
C SER C 57 -18.03 -32.77 30.58
N VAL C 58 -18.79 -32.89 29.50
CA VAL C 58 -20.25 -32.80 29.56
C VAL C 58 -20.83 -34.20 29.43
N SER C 59 -21.70 -34.56 30.38
CA SER C 59 -22.34 -35.87 30.36
C SER C 59 -23.23 -36.03 29.14
N ALA C 60 -22.89 -36.99 28.27
CA ALA C 60 -23.66 -37.24 27.07
C ALA C 60 -25.08 -37.70 27.39
N LYS C 61 -25.21 -38.64 28.33
CA LYS C 61 -26.53 -39.17 28.70
C LYS C 61 -27.34 -38.22 29.56
N GLN C 62 -26.77 -37.13 30.05
CA GLN C 62 -27.51 -36.20 30.88
C GLN C 62 -28.54 -35.46 30.03
N ARG C 63 -29.79 -35.42 30.50
CA ARG C 63 -30.83 -34.72 29.76
C ARG C 63 -30.71 -33.23 29.99
N VAL C 64 -30.77 -32.47 28.90
CA VAL C 64 -30.72 -31.02 28.92
C VAL C 64 -31.94 -30.46 28.18
N THR C 65 -32.77 -29.68 28.87
CA THR C 65 -33.97 -29.13 28.23
C THR C 65 -33.65 -28.12 27.13
N GLY C 66 -34.38 -28.28 26.01
CA GLY C 66 -34.26 -27.45 24.83
C GLY C 66 -33.76 -28.19 23.60
N LEU C 67 -32.88 -29.17 23.79
CA LEU C 67 -32.33 -29.94 22.67
C LEU C 67 -33.00 -31.30 22.52
N ASP C 68 -34.30 -31.41 22.77
CA ASP C 68 -34.98 -32.70 22.64
C ASP C 68 -35.12 -33.16 21.20
N PHE C 69 -35.02 -32.24 20.23
CA PHE C 69 -35.04 -32.60 18.82
C PHE C 69 -33.76 -33.30 18.36
N ILE C 70 -32.66 -33.14 19.10
CA ILE C 70 -31.38 -33.76 18.79
C ILE C 70 -31.40 -35.27 19.03
N PRO C 71 -31.07 -36.07 18.00
CA PRO C 71 -31.15 -37.54 18.11
C PRO C 71 -30.11 -38.12 19.04
N GLY C 72 -30.31 -37.91 20.34
CA GLY C 72 -29.45 -38.44 21.37
C GLY C 72 -29.68 -39.93 21.62
N LEU C 73 -28.98 -40.44 22.63
CA LEU C 73 -29.00 -41.86 23.00
C LEU C 73 -30.41 -42.45 22.93
N HIS C 74 -30.61 -43.28 21.91
CA HIS C 74 -31.83 -43.97 21.53
C HIS C 74 -31.45 -45.08 20.56
N PRO C 75 -31.45 -46.37 21.01
CA PRO C 75 -30.99 -47.50 20.17
C PRO C 75 -31.04 -47.22 18.68
N ILE C 76 -29.86 -47.04 18.09
CA ILE C 76 -29.71 -46.84 16.66
C ILE C 76 -29.41 -48.23 16.09
N LEU C 77 -30.48 -48.98 15.77
CA LEU C 77 -30.33 -50.40 15.43
C LEU C 77 -30.56 -50.75 13.97
N SER C 78 -30.70 -49.79 13.05
CA SER C 78 -30.86 -50.19 11.66
C SER C 78 -30.15 -49.20 10.74
N LEU C 79 -29.68 -49.72 9.60
CA LEU C 79 -28.97 -48.91 8.62
C LEU C 79 -29.76 -47.68 8.17
N SER C 80 -31.07 -47.84 7.97
CA SER C 80 -31.87 -46.69 7.58
C SER C 80 -32.03 -45.72 8.74
N LYS C 81 -32.10 -46.22 9.97
CA LYS C 81 -32.19 -45.32 11.09
C LYS C 81 -30.85 -44.62 11.33
N MET C 82 -29.72 -45.33 11.15
CA MET C 82 -28.43 -44.68 11.27
C MET C 82 -28.32 -43.58 10.22
N ASP C 83 -28.73 -43.89 8.98
CA ASP C 83 -28.64 -42.90 7.92
C ASP C 83 -29.47 -41.66 8.22
N GLN C 84 -30.73 -41.83 8.64
CA GLN C 84 -31.52 -40.62 8.92
C GLN C 84 -31.01 -39.87 10.16
N THR C 85 -30.41 -40.58 11.11
CA THR C 85 -29.85 -39.91 12.28
C THR C 85 -28.64 -39.08 11.89
N LEU C 86 -27.69 -39.67 11.17
CA LEU C 86 -26.52 -38.94 10.72
C LEU C 86 -26.92 -37.82 9.76
N ALA C 87 -28.04 -37.98 9.04
CA ALA C 87 -28.51 -36.93 8.15
C ALA C 87 -28.96 -35.74 8.99
N VAL C 88 -29.65 -36.01 10.10
CA VAL C 88 -30.09 -34.94 10.98
C VAL C 88 -28.87 -34.27 11.61
N TYR C 89 -27.91 -35.08 12.07
CA TYR C 89 -26.70 -34.51 12.64
C TYR C 89 -25.99 -33.60 11.63
N GLN C 90 -25.95 -34.02 10.36
CA GLN C 90 -25.38 -33.17 9.32
C GLN C 90 -26.14 -31.86 9.18
N GLN C 91 -27.47 -31.94 9.16
CA GLN C 91 -28.28 -30.73 9.03
C GLN C 91 -28.04 -29.77 10.19
N VAL C 92 -27.84 -30.31 11.38
CA VAL C 92 -27.55 -29.49 12.54
C VAL C 92 -26.17 -28.85 12.41
N LEU C 93 -25.16 -29.66 12.07
CA LEU C 93 -23.79 -29.17 11.96
C LEU C 93 -23.65 -28.09 10.89
N THR C 94 -24.41 -28.19 9.80
CA THR C 94 -24.36 -27.15 8.77
C THR C 94 -24.65 -25.76 9.31
N SER C 95 -25.42 -25.65 10.39
CA SER C 95 -25.77 -24.34 10.93
C SER C 95 -24.78 -23.80 11.97
N LEU C 96 -23.86 -24.61 12.48
CA LEU C 96 -22.91 -24.09 13.47
C LEU C 96 -21.78 -23.36 12.75
N PRO C 97 -21.52 -22.09 13.07
CA PRO C 97 -20.47 -21.35 12.35
C PRO C 97 -19.06 -21.65 12.81
N SER C 98 -18.75 -22.92 13.11
CA SER C 98 -17.41 -23.31 13.50
C SER C 98 -16.75 -24.07 12.36
N GLN C 99 -15.46 -23.80 12.12
CA GLN C 99 -14.75 -24.51 11.07
C GLN C 99 -14.64 -26.00 11.38
N ASN C 100 -14.40 -26.34 12.65
CA ASN C 100 -14.29 -27.75 13.02
C ASN C 100 -15.60 -28.48 12.72
N VAL C 101 -16.74 -27.87 13.07
CA VAL C 101 -18.02 -28.50 12.83
C VAL C 101 -18.26 -28.66 11.33
N LEU C 102 -17.76 -27.72 10.53
CA LEU C 102 -17.85 -27.85 9.07
C LEU C 102 -17.07 -29.07 8.59
N GLN C 103 -15.86 -29.25 9.11
CA GLN C 103 -15.06 -30.40 8.74
C GLN C 103 -15.74 -31.69 9.18
N ILE C 104 -16.30 -31.70 10.39
CA ILE C 104 -17.02 -32.88 10.87
C ILE C 104 -18.20 -33.18 9.95
N ALA C 105 -18.88 -32.16 9.45
CA ALA C 105 -19.99 -32.40 8.52
C ALA C 105 -19.51 -32.95 7.18
N ASN C 106 -18.34 -32.52 6.71
CA ASN C 106 -17.82 -33.07 5.45
C ASN C 106 -17.39 -34.52 5.63
N ASP C 107 -16.75 -34.81 6.77
CA ASP C 107 -16.36 -36.18 7.06
C ASP C 107 -17.61 -37.04 7.23
N LEU C 108 -18.66 -36.47 7.81
CA LEU C 108 -19.92 -37.17 7.95
C LEU C 108 -20.54 -37.45 6.60
N GLU C 109 -20.33 -36.55 5.62
CA GLU C 109 -20.82 -36.82 4.27
C GLU C 109 -20.10 -38.04 3.69
N ASN C 110 -18.77 -38.08 3.84
CA ASN C 110 -18.05 -39.27 3.38
C ASN C 110 -18.51 -40.51 4.13
N LEU C 111 -18.82 -40.36 5.43
CA LEU C 111 -19.30 -41.50 6.22
C LEU C 111 -20.65 -41.99 5.69
N ARG C 112 -21.53 -41.06 5.33
CA ARG C 112 -22.82 -41.42 4.76
C ARG C 112 -22.63 -42.15 3.44
N ASP C 113 -21.69 -41.68 2.63
CA ASP C 113 -21.41 -42.38 1.38
C ASP C 113 -20.86 -43.78 1.66
N LEU C 114 -20.07 -43.93 2.71
CA LEU C 114 -19.54 -45.25 3.05
C LEU C 114 -20.63 -46.20 3.52
N LEU C 115 -21.59 -45.69 4.30
CA LEU C 115 -22.69 -46.55 4.72
C LEU C 115 -23.59 -46.88 3.54
N HIS C 116 -23.70 -45.98 2.56
CA HIS C 116 -24.48 -46.29 1.36
C HIS C 116 -23.80 -47.37 0.54
N LEU C 117 -22.46 -47.33 0.45
CA LEU C 117 -21.74 -48.38 -0.25
C LEU C 117 -21.82 -49.70 0.50
N LEU C 118 -21.85 -49.66 1.82
CA LEU C 118 -21.98 -50.88 2.59
C LEU C 118 -23.38 -51.48 2.42
N ALA C 119 -24.41 -50.64 2.41
CA ALA C 119 -25.75 -51.15 2.15
C ALA C 119 -25.85 -51.72 0.73
N PHE C 120 -25.15 -51.09 -0.23
CA PHE C 120 -25.10 -51.66 -1.57
C PHE C 120 -24.39 -53.01 -1.56
N SER C 121 -23.40 -53.16 -0.68
CA SER C 121 -22.68 -54.42 -0.54
C SER C 121 -23.58 -55.51 0.03
N LYS C 122 -24.45 -55.15 0.97
CA LYS C 122 -25.36 -56.09 1.57
C LYS C 122 -26.70 -56.20 0.83
N SER C 123 -26.94 -55.33 -0.16
CA SER C 123 -28.18 -55.35 -0.95
C SER C 123 -29.39 -54.93 -0.15
N CYS C 124 -29.73 -53.64 -0.21
CA CYS C 124 -30.90 -53.07 0.44
C CYS C 124 -31.03 -51.61 0.04
N SER C 125 -32.27 -51.15 -0.16
CA SER C 125 -32.47 -49.77 -0.58
C SER C 125 -32.45 -48.84 0.63
N LEU C 126 -32.00 -47.61 0.39
CA LEU C 126 -31.93 -46.62 1.45
C LEU C 126 -32.42 -45.24 1.03
N PRO C 127 -33.58 -44.81 1.51
CA PRO C 127 -34.07 -43.47 1.19
C PRO C 127 -33.35 -42.45 2.05
N GLN C 128 -33.72 -41.17 1.86
CA GLN C 128 -33.12 -40.09 2.63
C GLN C 128 -34.17 -39.35 3.45
N GLU C 136 -36.23 -26.56 12.46
CA GLU C 136 -37.47 -26.04 13.02
C GLU C 136 -37.21 -25.17 14.26
N SER C 137 -37.09 -25.81 15.42
CA SER C 137 -36.72 -25.15 16.66
C SER C 137 -35.22 -25.06 16.87
N LEU C 138 -34.42 -25.67 16.00
CA LEU C 138 -32.97 -25.64 16.14
C LEU C 138 -32.41 -24.23 16.05
N ASP C 139 -32.94 -23.39 15.15
CA ASP C 139 -32.40 -22.03 15.00
C ASP C 139 -32.52 -21.23 16.30
N GLY C 140 -33.67 -21.33 16.98
CA GLY C 140 -33.87 -20.57 18.20
C GLY C 140 -32.87 -20.91 19.30
N VAL C 141 -32.59 -22.20 19.48
CA VAL C 141 -31.63 -22.60 20.50
C VAL C 141 -30.22 -22.31 20.04
N LEU C 142 -29.96 -22.36 18.73
CA LEU C 142 -28.63 -22.03 18.23
C LEU C 142 -28.31 -20.58 18.52
N GLU C 143 -29.29 -19.70 18.35
CA GLU C 143 -29.09 -18.28 18.60
C GLU C 143 -29.04 -17.95 20.08
N ALA C 144 -30.01 -18.43 20.87
CA ALA C 144 -30.04 -18.04 22.29
C ALA C 144 -28.94 -18.71 23.13
N SER C 145 -28.55 -19.95 22.82
CA SER C 145 -27.59 -20.65 23.70
C SER C 145 -26.69 -21.51 22.82
N LEU C 146 -25.69 -20.89 22.20
CA LEU C 146 -24.81 -21.66 21.32
C LEU C 146 -23.89 -22.64 22.07
N TYR C 147 -23.28 -22.21 23.17
CA TYR C 147 -22.38 -23.09 23.92
C TYR C 147 -23.02 -24.40 24.38
N SER C 148 -24.18 -24.33 25.03
CA SER C 148 -24.83 -25.55 25.49
C SER C 148 -25.32 -26.41 24.32
N THR C 149 -25.97 -25.79 23.33
CA THR C 149 -26.46 -26.54 22.18
C THR C 149 -25.32 -27.29 21.51
N GLU C 150 -24.19 -26.61 21.32
CA GLU C 150 -23.02 -27.20 20.68
C GLU C 150 -22.47 -28.37 21.51
N VAL C 151 -22.14 -28.12 22.78
CA VAL C 151 -21.58 -29.19 23.61
C VAL C 151 -22.50 -30.41 23.61
N VAL C 152 -23.81 -30.20 23.70
CA VAL C 152 -24.75 -31.32 23.73
C VAL C 152 -24.79 -32.04 22.39
N ALA C 153 -25.03 -31.32 21.29
CA ALA C 153 -25.05 -31.95 19.97
C ALA C 153 -23.80 -32.81 19.74
N LEU C 154 -22.65 -32.30 20.14
CA LEU C 154 -21.39 -33.02 19.92
C LEU C 154 -21.24 -34.23 20.85
N SER C 155 -21.56 -34.09 22.13
CA SER C 155 -21.39 -35.25 23.00
C SER C 155 -22.40 -36.35 22.67
N ARG C 156 -23.59 -35.98 22.20
CA ARG C 156 -24.54 -37.01 21.78
C ARG C 156 -24.09 -37.64 20.47
N LEU C 157 -23.48 -36.86 19.58
CA LEU C 157 -22.94 -37.43 18.35
C LEU C 157 -21.83 -38.43 18.68
N GLN C 158 -20.92 -38.05 19.58
CA GLN C 158 -19.85 -38.94 20.01
C GLN C 158 -20.39 -40.23 20.60
N GLY C 159 -21.47 -40.14 21.39
CA GLY C 159 -22.06 -41.34 21.96
C GLY C 159 -22.70 -42.22 20.90
N SER C 160 -23.39 -41.60 19.95
CA SER C 160 -24.02 -42.37 18.88
C SER C 160 -22.97 -43.13 18.07
N LEU C 161 -21.86 -42.44 17.74
CA LEU C 161 -20.80 -43.09 16.99
C LEU C 161 -20.13 -44.19 17.81
N GLN C 162 -19.97 -43.99 19.12
CA GLN C 162 -19.38 -45.06 19.92
C GLN C 162 -20.28 -46.28 19.95
N ASP C 163 -21.60 -46.07 19.95
CA ASP C 163 -22.52 -47.22 19.94
C ASP C 163 -22.51 -47.92 18.58
N ILE C 164 -22.63 -47.15 17.50
CA ILE C 164 -22.55 -47.73 16.16
C ILE C 164 -21.26 -48.53 16.00
N LEU C 165 -20.15 -47.99 16.50
CA LEU C 165 -18.88 -48.71 16.42
C LEU C 165 -18.97 -50.02 17.20
N GLN C 166 -19.52 -49.95 18.42
CA GLN C 166 -19.65 -51.14 19.24
C GLN C 166 -20.61 -52.17 18.64
N GLN C 167 -21.38 -51.78 17.60
CA GLN C 167 -22.30 -52.73 16.98
C GLN C 167 -22.14 -52.84 15.46
N LEU C 168 -21.01 -52.41 14.90
CA LEU C 168 -20.73 -52.60 13.48
C LEU C 168 -19.95 -53.89 13.21
N ASP C 169 -20.18 -54.92 14.03
CA ASP C 169 -19.47 -56.19 13.94
C ASP C 169 -20.39 -57.32 14.40
N VAL C 170 -21.51 -56.95 15.00
CA VAL C 170 -22.51 -57.91 15.48
C VAL C 170 -23.54 -58.09 14.37
N SER C 171 -23.04 -58.30 13.16
CA SER C 171 -23.80 -58.46 11.91
C SER C 171 -24.78 -57.32 11.69
N PRO C 172 -24.31 -56.15 11.28
CA PRO C 172 -25.23 -55.03 11.05
C PRO C 172 -26.17 -55.36 9.90
N GLU C 173 -27.42 -54.96 10.05
CA GLU C 173 -28.47 -55.28 9.09
C GLU C 173 -29.20 -54.02 8.66
N CYS C 174 -29.75 -54.05 7.45
CA CYS C 174 -30.45 -52.91 6.89
C CYS C 174 -31.82 -52.73 7.53
N VAL D 213 -49.58 -12.69 -40.93
CA VAL D 213 -48.52 -11.83 -40.42
C VAL D 213 -47.48 -11.60 -41.51
N LYS D 214 -47.06 -10.34 -41.66
CA LYS D 214 -45.81 -10.02 -42.36
C LYS D 214 -44.71 -9.85 -41.32
N PRO D 215 -43.80 -10.80 -41.17
CA PRO D 215 -42.67 -10.62 -40.24
C PRO D 215 -41.73 -9.53 -40.71
N ASP D 216 -40.92 -9.04 -39.76
CA ASP D 216 -39.85 -8.11 -40.07
C ASP D 216 -38.71 -8.83 -40.79
N PRO D 217 -37.80 -8.09 -41.42
CA PRO D 217 -36.59 -8.71 -41.95
C PRO D 217 -35.74 -9.24 -40.81
N PRO D 218 -35.03 -10.35 -41.04
CA PRO D 218 -34.03 -10.80 -40.06
C PRO D 218 -32.95 -9.76 -39.84
N LEU D 219 -32.43 -9.74 -38.61
CA LEU D 219 -31.40 -8.79 -38.18
C LEU D 219 -30.13 -9.53 -37.81
N GLY D 220 -29.09 -8.76 -37.50
CA GLY D 220 -27.86 -9.32 -37.00
C GLY D 220 -27.10 -10.21 -37.95
N LEU D 221 -27.22 -9.96 -39.26
CA LEU D 221 -26.60 -10.82 -40.26
C LEU D 221 -25.08 -10.79 -40.15
N HIS D 222 -24.50 -11.94 -39.83
CA HIS D 222 -23.08 -12.10 -39.64
C HIS D 222 -22.58 -13.20 -40.55
N MET D 223 -21.28 -13.15 -40.86
CA MET D 223 -20.64 -14.13 -41.73
C MET D 223 -19.29 -14.47 -41.15
N GLU D 224 -19.07 -15.75 -40.88
CA GLU D 224 -17.80 -16.22 -40.34
C GLU D 224 -17.28 -17.40 -41.17
N VAL D 225 -15.97 -17.62 -41.10
CA VAL D 225 -15.35 -18.77 -41.74
C VAL D 225 -15.19 -19.85 -40.68
N THR D 226 -15.76 -21.02 -40.94
CA THR D 226 -15.62 -22.14 -40.04
C THR D 226 -14.20 -22.71 -40.12
N ASP D 227 -13.82 -23.44 -39.07
CA ASP D 227 -12.51 -24.11 -39.07
C ASP D 227 -12.35 -25.04 -40.25
N ASP D 228 -13.47 -25.54 -40.80
CA ASP D 228 -13.45 -26.37 -42.00
C ASP D 228 -13.32 -25.54 -43.28
N GLY D 229 -13.48 -24.23 -43.19
CA GLY D 229 -13.44 -23.37 -44.35
C GLY D 229 -14.75 -23.10 -45.04
N ASN D 230 -15.88 -23.32 -44.38
CA ASN D 230 -17.19 -22.97 -44.95
C ASN D 230 -17.59 -21.59 -44.48
N LEU D 231 -18.40 -20.91 -45.29
CA LEU D 231 -18.94 -19.61 -44.92
C LEU D 231 -20.23 -19.86 -44.16
N LYS D 232 -20.24 -19.54 -42.86
CA LYS D 232 -21.46 -19.61 -42.06
C LYS D 232 -22.11 -18.23 -42.03
N ILE D 233 -23.30 -18.14 -42.62
CA ILE D 233 -24.16 -16.97 -42.54
C ILE D 233 -25.12 -17.20 -41.38
N SER D 234 -25.24 -16.22 -40.50
CA SER D 234 -26.16 -16.31 -39.38
C SER D 234 -26.95 -15.02 -39.23
N TRP D 235 -28.09 -15.13 -38.56
CA TRP D 235 -28.93 -13.99 -38.28
C TRP D 235 -29.70 -14.27 -37.00
N ASP D 236 -30.19 -13.19 -36.39
CA ASP D 236 -31.00 -13.32 -35.18
C ASP D 236 -32.42 -13.71 -35.56
N SER D 237 -32.92 -14.76 -34.92
CA SER D 237 -34.35 -15.03 -34.97
C SER D 237 -35.08 -13.96 -34.17
N GLN D 238 -36.23 -13.54 -34.69
CA GLN D 238 -37.09 -12.59 -33.98
C GLN D 238 -37.64 -13.24 -32.72
N THR D 239 -37.10 -12.86 -31.56
CA THR D 239 -37.54 -13.41 -30.28
C THR D 239 -39.01 -13.14 -29.99
N MET D 240 -39.66 -12.26 -30.75
CA MET D 240 -41.05 -11.88 -30.52
C MET D 240 -42.03 -12.66 -31.40
N ALA D 241 -41.55 -13.48 -32.32
CA ALA D 241 -42.42 -14.22 -33.21
C ALA D 241 -42.99 -15.44 -32.49
N PRO D 242 -44.31 -15.53 -32.31
CA PRO D 242 -44.89 -16.68 -31.61
C PRO D 242 -45.08 -17.87 -32.53
N PHE D 243 -44.36 -17.89 -33.65
CA PHE D 243 -44.51 -18.94 -34.65
C PHE D 243 -43.16 -19.22 -35.30
N PRO D 244 -42.93 -20.44 -35.79
CA PRO D 244 -41.68 -20.74 -36.49
C PRO D 244 -41.55 -19.93 -37.77
N LEU D 245 -40.34 -19.49 -38.06
CA LEU D 245 -40.03 -18.76 -39.29
C LEU D 245 -39.21 -19.64 -40.22
N GLN D 246 -39.49 -19.53 -41.51
CA GLN D 246 -38.57 -19.97 -42.55
C GLN D 246 -37.89 -18.75 -43.16
N TYR D 247 -36.64 -18.94 -43.59
CA TYR D 247 -35.85 -17.86 -44.17
C TYR D 247 -35.51 -18.21 -45.61
N GLN D 248 -35.37 -17.17 -46.43
CA GLN D 248 -34.74 -17.30 -47.74
C GLN D 248 -33.51 -16.40 -47.77
N VAL D 249 -32.36 -17.01 -48.00
CA VAL D 249 -31.09 -16.31 -48.16
C VAL D 249 -30.79 -16.17 -49.64
N LYS D 250 -30.50 -14.95 -50.07
CA LYS D 250 -29.95 -14.66 -51.39
C LYS D 250 -28.52 -14.21 -51.23
N TYR D 251 -27.60 -14.85 -51.94
CA TYR D 251 -26.21 -14.42 -51.89
C TYR D 251 -25.59 -14.37 -53.28
N LEU D 252 -24.65 -13.44 -53.43
CA LEU D 252 -23.91 -13.19 -54.66
C LEU D 252 -22.44 -13.33 -54.33
N GLU D 253 -21.83 -14.38 -54.88
CA GLU D 253 -20.38 -14.60 -54.82
C GLU D 253 -19.75 -13.96 -56.05
N ASN D 254 -19.10 -12.81 -55.85
CA ASN D 254 -18.28 -12.18 -56.87
C ASN D 254 -16.87 -12.74 -56.72
N SER D 255 -16.62 -13.83 -57.45
CA SER D 255 -15.31 -14.44 -57.64
C SER D 255 -14.83 -14.14 -59.06
N THR D 256 -13.93 -14.97 -59.58
CA THR D 256 -13.69 -15.00 -61.02
C THR D 256 -14.94 -15.41 -61.78
N ILE D 257 -15.90 -16.04 -61.11
CA ILE D 257 -17.22 -16.30 -61.66
C ILE D 257 -18.24 -15.70 -60.70
N VAL D 258 -19.19 -14.95 -61.25
CA VAL D 258 -20.30 -14.43 -60.46
C VAL D 258 -21.32 -15.55 -60.29
N ARG D 259 -21.67 -15.85 -59.03
CA ARG D 259 -22.69 -16.85 -58.72
C ARG D 259 -23.79 -16.21 -57.88
N GLU D 260 -25.02 -16.35 -58.33
CA GLU D 260 -26.20 -15.92 -57.59
C GLU D 260 -26.96 -17.14 -57.12
N ALA D 261 -27.27 -17.19 -55.82
CA ALA D 261 -28.01 -18.32 -55.27
C ALA D 261 -29.08 -17.83 -54.31
N ALA D 262 -30.16 -18.61 -54.23
CA ALA D 262 -31.27 -18.31 -53.32
C ALA D 262 -31.76 -19.61 -52.70
N GLU D 263 -31.57 -19.75 -51.39
CA GLU D 263 -31.86 -20.98 -50.66
C GLU D 263 -32.92 -20.72 -49.59
N ILE D 264 -33.75 -21.73 -49.34
CA ILE D 264 -34.78 -21.68 -48.32
C ILE D 264 -34.37 -22.61 -47.19
N VAL D 265 -34.28 -22.07 -45.97
CA VAL D 265 -33.83 -22.83 -44.81
C VAL D 265 -34.76 -22.57 -43.63
N SER D 266 -34.96 -23.60 -42.82
CA SER D 266 -35.69 -23.45 -41.57
C SER D 266 -34.80 -23.10 -40.39
N ALA D 267 -33.49 -23.31 -40.52
CA ALA D 267 -32.55 -22.91 -39.49
C ALA D 267 -32.19 -21.44 -39.62
N THR D 268 -31.66 -20.88 -38.52
CA THR D 268 -31.18 -19.50 -38.50
C THR D 268 -29.74 -19.36 -39.00
N SER D 269 -29.25 -20.32 -39.79
CA SER D 269 -27.90 -20.24 -40.32
C SER D 269 -27.83 -21.04 -41.63
N LEU D 270 -26.86 -20.66 -42.46
CA LEU D 270 -26.53 -21.40 -43.67
C LEU D 270 -25.03 -21.63 -43.75
N LEU D 271 -24.65 -22.82 -44.19
CA LEU D 271 -23.27 -23.16 -44.50
C LEU D 271 -23.09 -23.19 -46.02
N VAL D 272 -22.16 -22.38 -46.52
CA VAL D 272 -21.77 -22.40 -47.93
C VAL D 272 -20.41 -23.08 -48.03
N ASP D 273 -20.36 -24.14 -48.86
CA ASP D 273 -19.18 -24.99 -48.97
C ASP D 273 -17.99 -24.23 -49.55
N SER D 274 -16.82 -24.45 -48.93
CA SER D 274 -15.53 -24.04 -49.49
C SER D 274 -15.46 -22.58 -49.88
N VAL D 275 -15.17 -21.72 -48.91
CA VAL D 275 -14.90 -20.31 -49.17
C VAL D 275 -13.86 -20.20 -50.28
N LEU D 276 -14.19 -19.43 -51.33
CA LEU D 276 -13.23 -19.16 -52.38
C LEU D 276 -12.33 -17.98 -52.00
N PRO D 277 -11.01 -18.16 -52.07
CA PRO D 277 -10.09 -17.05 -51.78
C PRO D 277 -10.15 -15.95 -52.84
N GLY D 278 -10.08 -14.71 -52.37
CA GLY D 278 -10.22 -13.55 -53.24
C GLY D 278 -11.59 -13.40 -53.86
N SER D 279 -12.64 -13.66 -53.09
CA SER D 279 -14.01 -13.50 -53.54
C SER D 279 -14.74 -12.59 -52.56
N SER D 280 -15.84 -12.00 -53.02
CA SER D 280 -16.67 -11.14 -52.19
C SER D 280 -18.07 -11.71 -52.12
N TYR D 281 -18.59 -11.88 -50.91
CA TYR D 281 -19.94 -12.40 -50.72
C TYR D 281 -20.86 -11.27 -50.27
N GLU D 282 -21.95 -11.06 -51.01
CA GLU D 282 -23.01 -10.14 -50.62
C GLU D 282 -24.24 -10.97 -50.29
N VAL D 283 -24.84 -10.71 -49.13
CA VAL D 283 -25.90 -11.58 -48.61
C VAL D 283 -27.08 -10.75 -48.11
N GLN D 284 -28.28 -11.23 -48.42
CA GLN D 284 -29.53 -10.69 -47.91
C GLN D 284 -30.39 -11.86 -47.46
N VAL D 285 -31.19 -11.66 -46.42
CA VAL D 285 -32.11 -12.68 -45.93
C VAL D 285 -33.49 -12.05 -45.74
N ARG D 286 -34.53 -12.85 -46.01
CA ARG D 286 -35.90 -12.46 -45.66
C ARG D 286 -36.56 -13.61 -44.93
N SER D 287 -37.58 -13.28 -44.14
CA SER D 287 -38.28 -14.26 -43.33
C SER D 287 -39.75 -14.36 -43.72
N LYS D 288 -40.35 -15.50 -43.39
CA LYS D 288 -41.79 -15.71 -43.54
C LYS D 288 -42.26 -16.65 -42.43
N ARG D 289 -43.50 -16.45 -41.98
CA ARG D 289 -44.13 -17.42 -41.10
C ARG D 289 -44.24 -18.76 -41.83
N LEU D 290 -43.75 -19.82 -41.18
CA LEU D 290 -43.69 -21.16 -41.77
C LEU D 290 -45.04 -21.77 -42.16
N ASP D 291 -46.02 -21.76 -41.26
CA ASP D 291 -47.29 -22.44 -41.53
C ASP D 291 -48.37 -21.48 -42.03
N GLY D 292 -48.81 -21.67 -43.27
CA GLY D 292 -49.95 -20.98 -43.80
C GLY D 292 -49.59 -20.08 -44.97
N SER D 293 -50.53 -19.21 -45.34
CA SER D 293 -50.39 -18.29 -46.46
C SER D 293 -49.49 -17.10 -46.11
N GLY D 294 -48.32 -17.38 -45.54
CA GLY D 294 -47.47 -16.34 -45.00
C GLY D 294 -46.96 -15.41 -46.08
N VAL D 295 -47.00 -14.10 -45.82
CA VAL D 295 -46.33 -13.14 -46.67
C VAL D 295 -44.86 -13.08 -46.28
N TRP D 296 -44.00 -12.90 -47.29
CA TRP D 296 -42.58 -12.71 -47.04
C TRP D 296 -42.28 -11.32 -46.50
N SER D 297 -41.34 -11.27 -45.55
CA SER D 297 -40.68 -10.03 -45.18
C SER D 297 -39.95 -9.42 -46.37
N ASP D 298 -39.62 -8.14 -46.26
CA ASP D 298 -38.63 -7.53 -47.13
C ASP D 298 -37.25 -8.14 -46.88
N TRP D 299 -36.34 -7.92 -47.82
CA TRP D 299 -34.98 -8.42 -47.68
C TRP D 299 -34.20 -7.62 -46.63
N SER D 300 -33.31 -8.32 -45.92
CA SER D 300 -32.32 -7.68 -45.07
C SER D 300 -31.42 -6.75 -45.87
N SER D 301 -30.79 -5.83 -45.15
CA SER D 301 -29.66 -5.08 -45.68
C SER D 301 -28.58 -6.03 -46.19
N PRO D 302 -27.99 -5.76 -47.36
CA PRO D 302 -26.89 -6.60 -47.85
C PRO D 302 -25.64 -6.47 -46.98
N GLN D 303 -25.07 -7.62 -46.62
CA GLN D 303 -23.83 -7.70 -45.86
C GLN D 303 -22.72 -8.21 -46.77
N VAL D 304 -21.54 -7.58 -46.71
CA VAL D 304 -20.39 -7.92 -47.54
C VAL D 304 -19.30 -8.58 -46.70
N PHE D 305 -18.78 -9.70 -47.21
CA PHE D 305 -17.67 -10.46 -46.62
C PHE D 305 -16.57 -10.63 -47.65
N THR D 306 -15.39 -10.06 -47.37
CA THR D 306 -14.25 -10.09 -48.29
C THR D 306 -13.21 -11.11 -47.82
N THR D 307 -13.04 -12.16 -48.62
CA THR D 307 -12.09 -13.26 -48.48
C THR D 307 -10.66 -12.80 -48.84
N GLN D 308 -9.70 -13.68 -48.56
CA GLN D 308 -8.28 -13.33 -48.64
C GLN D 308 -7.59 -14.23 -49.66
N ASP D 309 -6.38 -13.80 -50.06
CA ASP D 309 -5.65 -14.45 -51.16
C ASP D 309 -5.21 -15.89 -50.87
N VAL D 310 -4.63 -16.16 -49.71
CA VAL D 310 -4.49 -17.53 -49.21
C VAL D 310 -5.54 -17.90 -48.18
N VAL D 311 -5.96 -19.16 -48.20
CA VAL D 311 -6.87 -19.68 -47.19
C VAL D 311 -6.21 -20.91 -46.55
N TYR D 312 -6.22 -20.95 -45.22
CA TYR D 312 -5.70 -22.04 -44.41
C TYR D 312 -6.85 -22.85 -43.83
N PHE D 313 -6.65 -24.16 -43.71
CA PHE D 313 -7.66 -25.07 -43.20
C PHE D 313 -7.02 -25.99 -42.15
N PRO D 314 -7.15 -25.68 -40.85
CA PRO D 314 -7.81 -24.51 -40.27
C PRO D 314 -6.78 -23.39 -40.25
N PRO D 315 -7.17 -22.15 -39.95
CA PRO D 315 -6.18 -21.06 -39.95
C PRO D 315 -5.21 -21.11 -38.79
N LYS D 316 -5.57 -21.72 -37.66
CA LYS D 316 -4.68 -21.81 -36.51
C LYS D 316 -4.91 -23.13 -35.79
N ILE D 317 -3.83 -23.67 -35.22
CA ILE D 317 -3.91 -24.89 -34.41
C ILE D 317 -3.18 -24.68 -33.10
N LEU D 318 -3.88 -24.94 -31.99
CA LEU D 318 -3.32 -24.89 -30.65
C LEU D 318 -3.25 -26.32 -30.14
N THR D 319 -2.04 -26.84 -29.97
CA THR D 319 -1.84 -28.21 -29.52
C THR D 319 -0.75 -28.27 -28.46
N SER D 320 -0.54 -29.46 -27.92
CA SER D 320 0.44 -29.73 -26.88
C SER D 320 1.63 -30.48 -27.45
N VAL D 321 2.73 -30.48 -26.67
CA VAL D 321 3.94 -31.18 -27.05
C VAL D 321 3.68 -32.66 -27.28
N GLY D 322 4.23 -33.20 -28.36
CA GLY D 322 4.12 -34.61 -28.70
C GLY D 322 2.95 -34.99 -29.58
N SER D 323 2.07 -34.05 -29.90
CA SER D 323 0.91 -34.33 -30.72
C SER D 323 1.28 -34.29 -32.20
N ASN D 324 0.31 -34.64 -33.04
CA ASN D 324 0.44 -34.57 -34.48
C ASN D 324 -0.52 -33.51 -34.98
N ALA D 325 -0.04 -32.62 -35.85
CA ALA D 325 -0.90 -31.55 -36.36
C ALA D 325 -0.69 -31.37 -37.86
N SER D 326 -1.76 -31.08 -38.58
CA SER D 326 -1.64 -30.91 -40.02
C SER D 326 -2.50 -29.75 -40.50
N PHE D 327 -1.93 -28.96 -41.40
CA PHE D 327 -2.58 -27.81 -42.00
C PHE D 327 -2.86 -28.09 -43.48
N HIS D 328 -3.94 -27.50 -43.99
CA HIS D 328 -4.27 -27.58 -45.40
C HIS D 328 -4.26 -26.16 -45.93
N CYS D 329 -3.90 -25.97 -47.20
CA CYS D 329 -3.95 -24.60 -47.70
C CYS D 329 -4.35 -24.57 -49.18
N ILE D 330 -4.88 -23.41 -49.56
CA ILE D 330 -5.26 -23.08 -50.93
C ILE D 330 -4.58 -21.75 -51.22
N TYR D 331 -3.85 -21.72 -52.34
CA TYR D 331 -3.11 -20.56 -52.83
C TYR D 331 -3.64 -20.09 -54.18
N LYS D 332 -4.21 -18.88 -54.21
CA LYS D 332 -4.71 -18.30 -55.44
C LYS D 332 -3.60 -17.39 -55.97
N ASN D 333 -3.16 -17.64 -57.20
CA ASN D 333 -2.07 -16.90 -57.83
C ASN D 333 -2.62 -16.28 -59.11
N GLU D 334 -2.90 -14.98 -59.06
CA GLU D 334 -3.48 -14.22 -60.17
C GLU D 334 -4.82 -14.81 -60.60
N ASN D 335 -5.69 -15.03 -59.62
CA ASN D 335 -7.04 -15.55 -59.83
C ASN D 335 -7.04 -16.98 -60.34
N GLN D 336 -6.04 -17.77 -59.95
CA GLN D 336 -5.95 -19.15 -60.39
C GLN D 336 -5.45 -20.02 -59.25
N ILE D 337 -6.19 -21.07 -58.94
CA ILE D 337 -5.77 -22.00 -57.90
C ILE D 337 -4.72 -22.90 -58.52
N ILE D 338 -3.50 -22.81 -57.99
CA ILE D 338 -2.38 -23.56 -58.55
C ILE D 338 -2.41 -25.05 -58.24
N SER D 339 -1.59 -25.81 -58.98
CA SER D 339 -1.46 -27.25 -58.81
C SER D 339 -0.72 -27.61 -57.53
N SER D 340 -1.14 -28.71 -56.91
CA SER D 340 -0.47 -29.21 -55.70
C SER D 340 1.00 -29.60 -55.90
N LYS D 341 1.40 -30.01 -57.12
CA LYS D 341 2.82 -30.36 -57.27
C LYS D 341 3.82 -29.21 -57.16
N GLN D 342 3.42 -27.95 -57.03
CA GLN D 342 4.38 -26.85 -56.85
C GLN D 342 4.42 -26.29 -55.43
N ILE D 343 3.34 -26.35 -54.67
CA ILE D 343 3.34 -25.78 -53.33
C ILE D 343 4.38 -26.45 -52.45
N VAL D 344 5.15 -25.62 -51.75
CA VAL D 344 6.20 -26.01 -50.82
C VAL D 344 5.95 -25.32 -49.49
N TRP D 345 6.20 -26.03 -48.39
CA TRP D 345 5.94 -25.49 -47.06
C TRP D 345 7.24 -25.03 -46.41
N TRP D 346 7.14 -23.94 -45.64
CA TRP D 346 8.25 -23.32 -44.96
C TRP D 346 7.88 -23.02 -43.50
N ARG D 347 8.90 -22.95 -42.66
CA ARG D 347 8.73 -22.63 -41.25
C ARG D 347 9.35 -21.28 -41.00
N ASN D 348 8.53 -20.33 -40.53
CA ASN D 348 8.99 -19.00 -40.13
C ASN D 348 9.86 -18.31 -41.20
N LEU D 349 9.59 -18.59 -42.47
CA LEU D 349 10.39 -18.10 -43.60
C LEU D 349 11.87 -18.45 -43.50
N ALA D 350 12.24 -19.39 -42.62
CA ALA D 350 13.63 -19.76 -42.40
C ALA D 350 14.07 -21.00 -43.17
N GLU D 351 13.26 -22.07 -43.16
CA GLU D 351 13.68 -23.33 -43.77
C GLU D 351 12.52 -24.04 -44.44
N LYS D 352 12.81 -24.63 -45.61
CA LYS D 352 11.82 -25.41 -46.35
C LYS D 352 11.51 -26.71 -45.60
N ILE D 353 10.24 -26.99 -45.43
CA ILE D 353 9.83 -28.24 -44.78
C ILE D 353 10.10 -29.40 -45.73
N PRO D 354 10.73 -30.48 -45.26
CA PRO D 354 10.99 -31.62 -46.15
C PRO D 354 9.72 -32.10 -46.86
N GLU D 355 9.85 -32.37 -48.16
CA GLU D 355 8.70 -32.79 -48.94
C GLU D 355 8.06 -34.06 -48.40
N ILE D 356 8.80 -34.85 -47.62
CA ILE D 356 8.28 -36.05 -46.98
C ILE D 356 7.04 -35.74 -46.14
N GLN D 357 6.99 -34.56 -45.53
CA GLN D 357 5.86 -34.19 -44.69
C GLN D 357 4.68 -33.67 -45.49
N TYR D 358 4.86 -33.40 -46.78
CA TYR D 358 3.78 -32.89 -47.63
C TYR D 358 2.84 -34.01 -48.06
N SER D 359 1.59 -33.63 -48.31
CA SER D 359 0.54 -34.55 -48.73
C SER D 359 -0.36 -33.83 -49.70
N ILE D 360 -0.64 -34.46 -50.83
CA ILE D 360 -1.47 -33.87 -51.88
C ILE D 360 -2.91 -34.33 -51.65
N VAL D 361 -3.68 -33.51 -50.96
CA VAL D 361 -5.08 -33.86 -50.71
C VAL D 361 -5.82 -33.97 -52.03
N SER D 362 -5.55 -33.02 -52.93
CA SER D 362 -6.14 -32.97 -54.26
C SER D 362 -5.22 -32.11 -55.13
N ASP D 363 -5.58 -32.02 -56.41
CA ASP D 363 -4.80 -31.24 -57.36
C ASP D 363 -4.67 -29.77 -56.98
N ARG D 364 -5.52 -29.25 -56.10
CA ARG D 364 -5.45 -27.85 -55.71
C ARG D 364 -5.25 -27.59 -54.22
N VAL D 365 -5.35 -28.60 -53.36
CA VAL D 365 -5.22 -28.41 -51.92
C VAL D 365 -3.93 -29.06 -51.45
N SER D 366 -3.08 -28.28 -50.78
CA SER D 366 -1.86 -28.87 -50.22
C SER D 366 -2.03 -29.12 -48.72
N LYS D 367 -1.24 -30.06 -48.19
CA LYS D 367 -1.30 -30.40 -46.78
C LYS D 367 0.11 -30.57 -46.23
N VAL D 368 0.35 -30.00 -45.05
CA VAL D 368 1.59 -30.21 -44.31
C VAL D 368 1.25 -30.94 -43.02
N THR D 369 2.00 -32.00 -42.71
CA THR D 369 1.78 -32.78 -41.50
C THR D 369 3.04 -32.80 -40.64
N PHE D 370 2.90 -32.34 -39.39
CA PHE D 370 3.95 -32.39 -38.40
C PHE D 370 3.66 -33.50 -37.41
N SER D 371 4.70 -34.24 -37.03
CA SER D 371 4.59 -35.33 -36.09
C SER D 371 5.54 -35.10 -34.92
N ASN D 372 5.13 -35.63 -33.75
CA ASN D 372 5.88 -35.56 -32.48
C ASN D 372 6.34 -34.13 -32.18
N LEU D 373 5.44 -33.18 -32.41
CA LEU D 373 5.66 -31.75 -32.23
C LEU D 373 6.49 -31.44 -30.99
N LYS D 374 7.50 -30.60 -31.15
CA LYS D 374 8.30 -30.09 -30.06
C LYS D 374 7.80 -28.70 -29.68
N ALA D 375 7.96 -28.35 -28.40
CA ALA D 375 7.50 -27.05 -27.91
C ALA D 375 8.05 -25.91 -28.73
N THR D 376 7.18 -24.96 -29.08
CA THR D 376 7.58 -23.82 -29.88
C THR D 376 8.47 -22.89 -29.06
N ARG D 377 9.64 -22.58 -29.58
CA ARG D 377 10.57 -21.69 -28.89
C ARG D 377 10.15 -20.25 -29.16
N PRO D 378 9.84 -19.46 -28.14
CA PRO D 378 9.38 -18.09 -28.38
C PRO D 378 10.50 -17.18 -28.87
N ARG D 379 10.26 -16.52 -29.99
CA ARG D 379 11.17 -15.50 -30.53
C ARG D 379 10.54 -14.14 -30.23
N GLY D 380 11.12 -13.43 -29.26
CA GLY D 380 10.53 -12.17 -28.84
C GLY D 380 9.11 -12.37 -28.34
N LYS D 381 8.23 -11.43 -28.68
CA LYS D 381 6.83 -11.57 -28.31
C LYS D 381 6.10 -12.63 -29.14
N PHE D 382 6.75 -13.26 -30.11
CA PHE D 382 6.11 -14.28 -30.93
C PHE D 382 6.18 -15.63 -30.23
N THR D 383 5.02 -16.17 -29.85
CA THR D 383 4.93 -17.45 -29.17
C THR D 383 4.41 -18.55 -30.09
N TYR D 384 4.45 -18.34 -31.40
CA TYR D 384 3.95 -19.31 -32.35
C TYR D 384 4.90 -19.43 -33.53
N ASP D 385 4.82 -20.58 -34.20
CA ASP D 385 5.58 -20.82 -35.42
C ASP D 385 4.73 -20.43 -36.64
N ALA D 386 5.29 -19.57 -37.48
CA ALA D 386 4.59 -19.13 -38.69
C ALA D 386 4.86 -20.17 -39.79
N VAL D 387 3.82 -20.92 -40.15
CA VAL D 387 3.93 -21.94 -41.19
C VAL D 387 3.42 -21.34 -42.49
N TYR D 388 4.31 -21.26 -43.48
CA TYR D 388 4.00 -20.65 -44.76
C TYR D 388 3.80 -21.73 -45.81
N CYS D 389 2.85 -21.51 -46.72
CA CYS D 389 2.61 -22.42 -47.84
C CYS D 389 2.81 -21.58 -49.09
N CYS D 390 3.79 -21.92 -49.90
CA CYS D 390 4.26 -21.07 -50.98
C CYS D 390 4.12 -21.74 -52.32
N ASN D 391 3.98 -20.90 -53.35
CA ASN D 391 3.88 -21.33 -54.73
C ASN D 391 5.30 -21.38 -55.26
N GLU D 392 5.92 -22.55 -55.08
CA GLU D 392 7.30 -22.84 -55.49
C GLU D 392 8.23 -21.88 -54.74
N GLN D 393 9.10 -21.16 -55.43
CA GLN D 393 10.07 -20.28 -54.78
C GLN D 393 9.42 -19.09 -54.08
N ALA D 394 8.32 -18.55 -54.62
CA ALA D 394 7.72 -17.35 -54.06
C ALA D 394 6.74 -17.60 -52.93
N CYS D 395 7.08 -17.09 -51.73
CA CYS D 395 6.15 -17.19 -50.62
C CYS D 395 5.31 -15.91 -50.53
N HIS D 396 4.23 -15.98 -49.76
CA HIS D 396 3.43 -14.77 -49.58
C HIS D 396 3.56 -14.41 -48.09
N HIS D 397 3.13 -13.19 -47.73
CA HIS D 397 3.22 -12.74 -46.34
C HIS D 397 2.23 -13.45 -45.41
N ARG D 398 1.08 -13.88 -45.91
CA ARG D 398 0.11 -14.53 -45.03
C ARG D 398 0.60 -15.92 -44.63
N TYR D 399 0.55 -16.19 -43.33
CA TYR D 399 1.02 -17.43 -42.72
C TYR D 399 -0.02 -17.97 -41.75
N ALA D 400 0.17 -19.24 -41.38
CA ALA D 400 -0.66 -19.89 -40.37
C ALA D 400 0.10 -19.91 -39.05
N GLU D 401 -0.61 -19.66 -37.95
CA GLU D 401 -0.01 -19.63 -36.63
C GLU D 401 -0.14 -20.99 -35.99
N LEU D 402 0.99 -21.58 -35.57
CA LEU D 402 1.01 -22.88 -34.91
C LEU D 402 1.54 -22.67 -33.49
N TYR D 403 0.69 -22.90 -32.50
CA TYR D 403 1.08 -22.73 -31.10
C TYR D 403 1.18 -24.10 -30.44
N VAL D 404 2.38 -24.47 -30.01
CA VAL D 404 2.60 -25.71 -29.30
C VAL D 404 3.07 -25.34 -27.90
N ILE D 405 2.23 -25.63 -26.91
CA ILE D 405 2.47 -25.28 -25.52
C ILE D 405 2.69 -26.56 -24.73
N ASP D 406 3.56 -26.49 -23.72
CA ASP D 406 3.82 -27.64 -22.86
C ASP D 406 2.76 -27.70 -21.76
N VAL D 407 1.66 -28.40 -22.07
CA VAL D 407 0.53 -28.52 -21.14
C VAL D 407 0.79 -29.56 -20.05
N ASN D 408 1.96 -30.18 -20.03
CA ASN D 408 2.28 -31.19 -19.02
C ASN D 408 2.62 -30.54 -17.67
N ILE D 409 1.64 -29.84 -17.12
CA ILE D 409 1.78 -29.17 -15.83
C ILE D 409 1.47 -30.14 -14.70
N ASN D 410 2.31 -30.14 -13.67
CA ASN D 410 2.11 -30.95 -12.49
C ASN D 410 1.50 -30.12 -11.36
N ILE D 411 0.42 -30.63 -10.78
CA ILE D 411 -0.26 -30.00 -9.65
C ILE D 411 -0.01 -30.86 -8.42
N SER D 412 0.52 -30.27 -7.36
CA SER D 412 0.79 -31.04 -6.14
C SER D 412 -0.09 -30.53 -5.02
N CYS D 413 -0.75 -31.43 -4.30
CA CYS D 413 -1.65 -31.06 -3.23
C CYS D 413 -1.12 -31.60 -1.90
N GLU D 414 -1.43 -30.89 -0.82
CA GLU D 414 -1.00 -31.25 0.52
C GLU D 414 -2.07 -30.88 1.55
N THR D 415 -2.48 -31.86 2.37
CA THR D 415 -3.47 -31.63 3.41
C THR D 415 -2.76 -31.21 4.70
N ASP D 416 -3.34 -30.22 5.38
CA ASP D 416 -2.76 -29.70 6.61
C ASP D 416 -2.77 -30.74 7.73
N GLY D 417 -1.95 -30.48 8.74
CA GLY D 417 -1.82 -31.36 9.90
C GLY D 417 -3.07 -31.47 10.74
N TYR D 418 -4.01 -30.54 10.61
CA TYR D 418 -5.26 -30.60 11.35
C TYR D 418 -6.39 -31.26 10.56
N LEU D 419 -6.14 -31.67 9.33
CA LEU D 419 -7.14 -32.36 8.49
C LEU D 419 -8.38 -31.50 8.29
N THR D 420 -8.18 -30.19 8.13
CA THR D 420 -9.25 -29.24 7.91
C THR D 420 -9.24 -28.56 6.54
N LYS D 421 -8.12 -28.60 5.83
CA LYS D 421 -8.03 -27.94 4.53
C LYS D 421 -6.93 -28.59 3.71
N MET D 422 -7.02 -28.45 2.40
CA MET D 422 -6.02 -28.98 1.47
C MET D 422 -5.55 -27.88 0.52
N THR D 423 -4.24 -27.66 0.45
CA THR D 423 -3.61 -26.66 -0.42
C THR D 423 -2.91 -27.29 -1.61
N CYS D 424 -3.24 -26.83 -2.82
CA CYS D 424 -2.63 -27.32 -4.06
C CYS D 424 -1.80 -26.21 -4.72
N ARG D 425 -0.61 -26.58 -5.16
CA ARG D 425 0.38 -25.68 -5.73
C ARG D 425 0.69 -26.09 -7.16
N TRP D 426 0.91 -25.08 -8.01
CA TRP D 426 1.28 -25.33 -9.41
C TRP D 426 2.04 -24.13 -9.94
N SER D 427 2.99 -24.40 -10.86
CA SER D 427 3.80 -23.31 -11.42
C SER D 427 3.29 -22.90 -12.79
N PRO D 428 3.06 -21.61 -13.04
CA PRO D 428 2.64 -21.19 -14.38
C PRO D 428 3.81 -20.74 -15.24
N SER D 429 5.00 -21.28 -14.97
CA SER D 429 6.18 -20.92 -15.75
C SER D 429 6.02 -21.24 -17.23
N THR D 430 5.10 -22.14 -17.56
CA THR D 430 4.81 -22.47 -18.95
C THR D 430 4.02 -21.36 -19.62
N ILE D 431 3.13 -20.71 -18.87
CA ILE D 431 2.11 -19.82 -19.42
C ILE D 431 2.35 -18.36 -19.04
N GLN D 432 3.48 -18.05 -18.40
CA GLN D 432 3.81 -16.65 -18.16
C GLN D 432 4.38 -15.97 -19.39
N SER D 433 3.81 -16.29 -20.56
CA SER D 433 4.25 -15.79 -21.86
C SER D 433 3.09 -15.50 -22.81
N LEU D 434 1.99 -16.24 -22.71
CA LEU D 434 0.81 -16.06 -23.54
C LEU D 434 -0.12 -15.08 -22.86
N VAL D 435 -0.36 -13.93 -23.49
CA VAL D 435 -1.25 -12.93 -22.92
C VAL D 435 -2.42 -12.73 -23.87
N GLY D 436 -3.56 -12.38 -23.27
CA GLY D 436 -4.81 -12.26 -24.00
C GLY D 436 -5.72 -13.41 -23.60
N SER D 437 -5.15 -14.60 -23.52
CA SER D 437 -5.85 -15.79 -23.06
C SER D 437 -5.84 -15.87 -21.54
N THR D 438 -6.78 -16.62 -20.99
CA THR D 438 -6.92 -16.80 -19.56
C THR D 438 -6.55 -18.23 -19.17
N VAL D 439 -6.05 -18.38 -17.95
CA VAL D 439 -5.69 -19.68 -17.41
C VAL D 439 -6.33 -19.85 -16.04
N GLN D 440 -7.05 -20.95 -15.84
CA GLN D 440 -7.71 -21.20 -14.58
C GLN D 440 -7.71 -22.70 -14.28
N LEU D 441 -7.74 -23.03 -13.00
CA LEU D 441 -7.84 -24.41 -12.54
C LEU D 441 -9.30 -24.84 -12.47
N ARG D 442 -9.61 -25.99 -13.06
CA ARG D 442 -10.95 -26.56 -13.00
C ARG D 442 -10.86 -27.87 -12.23
N TYR D 443 -11.95 -28.26 -11.58
CA TYR D 443 -11.96 -29.50 -10.84
C TYR D 443 -13.36 -30.10 -10.79
N HIS D 444 -13.41 -31.39 -10.44
CA HIS D 444 -14.64 -32.13 -10.24
C HIS D 444 -14.40 -33.11 -9.10
N ARG D 445 -15.33 -33.17 -8.16
CA ARG D 445 -15.22 -34.06 -7.01
C ARG D 445 -16.15 -35.26 -7.15
N ARG D 446 -15.60 -36.45 -6.97
CA ARG D 446 -16.37 -37.69 -6.99
C ARG D 446 -16.67 -38.10 -5.55
N SER D 447 -17.91 -38.55 -5.31
CA SER D 447 -18.39 -38.89 -3.97
C SER D 447 -17.38 -39.70 -3.16
N LEU D 448 -16.84 -40.77 -3.73
CA LEU D 448 -15.83 -41.55 -3.00
C LEU D 448 -14.70 -42.01 -3.91
N TYR D 449 -13.47 -41.85 -3.40
CA TYR D 449 -12.25 -42.34 -4.02
C TYR D 449 -11.98 -41.79 -5.41
N CYS D 450 -10.83 -42.15 -5.97
CA CYS D 450 -10.24 -41.81 -7.26
C CYS D 450 -10.39 -42.96 -8.23
N PRO D 451 -10.65 -42.68 -9.50
CA PRO D 451 -10.66 -43.76 -10.51
C PRO D 451 -9.25 -44.25 -10.81
N ASP D 452 -9.21 -45.47 -11.37
CA ASP D 452 -7.93 -46.08 -11.73
C ASP D 452 -7.19 -45.26 -12.77
N SER D 453 -7.92 -44.61 -13.68
CA SER D 453 -7.34 -43.72 -14.68
C SER D 453 -8.14 -42.43 -14.70
N PRO D 454 -7.56 -41.30 -14.25
CA PRO D 454 -8.30 -40.05 -14.21
C PRO D 454 -8.72 -39.59 -15.61
N SER D 455 -9.84 -38.88 -15.65
CA SER D 455 -10.41 -38.39 -16.90
C SER D 455 -10.92 -36.97 -16.68
N ILE D 456 -11.11 -36.26 -17.78
CA ILE D 456 -11.65 -34.91 -17.75
C ILE D 456 -13.16 -35.02 -17.70
N HIS D 457 -13.76 -34.74 -16.55
CA HIS D 457 -15.20 -34.84 -16.42
C HIS D 457 -15.88 -33.68 -17.17
N PRO D 458 -16.92 -33.95 -17.95
CA PRO D 458 -17.60 -32.86 -18.66
C PRO D 458 -18.16 -31.78 -17.75
N THR D 459 -18.63 -32.16 -16.55
CA THR D 459 -19.11 -31.21 -15.55
C THR D 459 -18.01 -30.88 -14.56
N SER D 460 -17.58 -29.62 -14.56
CA SER D 460 -16.55 -29.18 -13.62
C SER D 460 -16.90 -27.78 -13.13
N GLU D 461 -16.14 -27.32 -12.14
CA GLU D 461 -16.30 -26.00 -11.55
C GLU D 461 -14.96 -25.32 -11.40
N PRO D 462 -14.90 -24.00 -11.55
CA PRO D 462 -13.63 -23.29 -11.38
C PRO D 462 -13.31 -23.10 -9.90
N LYS D 463 -12.02 -22.97 -9.62
CA LYS D 463 -11.52 -22.72 -8.28
C LYS D 463 -10.70 -21.44 -8.26
N ASN D 464 -11.00 -20.52 -7.33
CA ASN D 464 -10.25 -19.28 -7.27
C ASN D 464 -8.89 -19.55 -6.64
N CYS D 465 -7.83 -19.33 -7.40
CA CYS D 465 -6.47 -19.50 -6.94
C CYS D 465 -5.76 -18.14 -6.83
N VAL D 466 -4.86 -18.01 -5.86
CA VAL D 466 -4.13 -16.78 -5.62
C VAL D 466 -2.64 -16.99 -5.89
N LEU D 467 -2.07 -16.13 -6.73
CA LEU D 467 -0.65 -16.19 -7.05
C LEU D 467 0.19 -15.79 -5.84
N GLN D 468 1.19 -16.59 -5.51
CA GLN D 468 2.05 -16.33 -4.36
C GLN D 468 3.34 -15.63 -4.78
N ARG D 469 4.06 -15.10 -3.77
CA ARG D 469 5.30 -14.35 -4.01
C ARG D 469 6.38 -15.18 -4.67
N ASP D 470 6.35 -16.51 -4.53
CA ASP D 470 7.34 -17.36 -5.17
C ASP D 470 7.02 -17.64 -6.64
N GLY D 471 5.92 -17.09 -7.14
CA GLY D 471 5.51 -17.28 -8.51
C GLY D 471 4.61 -18.47 -8.73
N PHE D 472 4.32 -19.23 -7.68
CA PHE D 472 3.44 -20.39 -7.76
C PHE D 472 2.02 -20.00 -7.41
N TYR D 473 1.07 -20.74 -7.98
CA TYR D 473 -0.34 -20.59 -7.64
C TYR D 473 -0.71 -21.57 -6.54
N GLU D 474 -1.55 -21.10 -5.62
CA GLU D 474 -2.09 -21.85 -4.50
C GLU D 474 -3.60 -21.84 -4.56
N CYS D 475 -4.19 -23.02 -4.50
CA CYS D 475 -5.63 -23.20 -4.55
C CYS D 475 -5.96 -23.85 -3.23
N VAL D 476 -6.82 -23.24 -2.42
CA VAL D 476 -7.15 -23.79 -1.10
C VAL D 476 -8.57 -24.34 -1.07
N PHE D 477 -8.69 -25.62 -0.76
CA PHE D 477 -9.97 -26.28 -0.56
C PHE D 477 -10.22 -26.34 0.95
N GLN D 478 -11.30 -25.70 1.40
CA GLN D 478 -11.62 -25.72 2.83
C GLN D 478 -13.10 -25.45 3.04
N PRO D 479 -13.82 -26.33 3.75
CA PRO D 479 -13.41 -27.62 4.32
C PRO D 479 -13.13 -28.69 3.26
N ILE D 480 -12.52 -29.80 3.68
CA ILE D 480 -12.20 -30.89 2.77
C ILE D 480 -13.11 -32.08 3.03
N PHE D 481 -13.16 -32.98 2.05
CA PHE D 481 -13.83 -34.26 2.15
C PHE D 481 -12.75 -35.34 2.08
N LEU D 482 -12.30 -35.79 3.25
CA LEU D 482 -11.20 -36.74 3.36
C LEU D 482 -11.31 -37.93 2.41
N LEU D 483 -12.49 -38.53 2.27
CA LEU D 483 -12.63 -39.73 1.45
C LEU D 483 -13.30 -39.45 0.11
N SER D 484 -13.34 -38.19 -0.31
CA SER D 484 -13.88 -37.83 -1.62
C SER D 484 -12.73 -37.63 -2.59
N GLY D 485 -12.90 -38.12 -3.82
CA GLY D 485 -11.87 -37.96 -4.84
C GLY D 485 -11.89 -36.61 -5.52
N TYR D 486 -10.81 -35.83 -5.40
CA TYR D 486 -10.71 -34.52 -6.04
C TYR D 486 -9.91 -34.60 -7.33
N THR D 487 -10.60 -34.52 -8.47
CA THR D 487 -9.95 -34.51 -9.77
C THR D 487 -9.76 -33.06 -10.21
N MET D 488 -8.52 -32.63 -10.42
CA MET D 488 -8.24 -31.26 -10.80
C MET D 488 -7.29 -31.21 -11.99
N TRP D 489 -7.37 -30.10 -12.72
CA TRP D 489 -6.56 -29.84 -13.91
C TRP D 489 -6.56 -28.35 -14.18
N ILE D 490 -5.64 -27.93 -15.06
CA ILE D 490 -5.53 -26.54 -15.47
C ILE D 490 -6.17 -26.35 -16.84
N ARG D 491 -7.05 -25.36 -16.95
CA ARG D 491 -7.70 -25.02 -18.22
C ARG D 491 -7.16 -23.71 -18.77
N ILE D 492 -6.72 -23.74 -20.02
CA ILE D 492 -6.21 -22.58 -20.73
C ILE D 492 -7.29 -22.14 -21.72
N ASN D 493 -8.06 -21.12 -21.33
CA ASN D 493 -9.14 -20.59 -22.17
C ASN D 493 -8.58 -19.53 -23.10
N HIS D 494 -8.22 -19.94 -24.31
CA HIS D 494 -7.65 -19.06 -25.31
C HIS D 494 -8.74 -18.57 -26.25
N SER D 495 -8.43 -17.51 -26.99
CA SER D 495 -9.39 -16.95 -27.94
C SER D 495 -9.79 -17.98 -28.98
N LEU D 496 -8.91 -18.93 -29.27
CA LEU D 496 -9.15 -19.95 -30.28
C LEU D 496 -9.79 -21.21 -29.71
N GLY D 497 -9.99 -21.29 -28.40
CA GLY D 497 -10.60 -22.51 -27.87
C GLY D 497 -10.19 -22.72 -26.42
N SER D 498 -10.20 -23.97 -26.00
CA SER D 498 -9.83 -24.32 -24.63
C SER D 498 -8.90 -25.52 -24.62
N LEU D 499 -7.95 -25.51 -23.70
CA LEU D 499 -6.98 -26.59 -23.54
C LEU D 499 -7.02 -27.09 -22.11
N ASP D 500 -6.98 -28.40 -21.93
CA ASP D 500 -7.02 -28.98 -20.59
C ASP D 500 -5.79 -29.84 -20.37
N SER D 501 -5.16 -29.67 -19.22
CA SER D 501 -4.00 -30.47 -18.87
C SER D 501 -4.42 -31.89 -18.52
N PRO D 502 -3.48 -32.84 -18.52
CA PRO D 502 -3.85 -34.20 -18.12
C PRO D 502 -4.38 -34.20 -16.70
N PRO D 503 -5.61 -34.69 -16.49
CA PRO D 503 -6.19 -34.61 -15.15
C PRO D 503 -5.51 -35.54 -14.16
N THR D 504 -5.49 -35.10 -12.91
CA THR D 504 -4.94 -35.88 -11.81
C THR D 504 -6.01 -35.97 -10.74
N CYS D 505 -6.08 -37.12 -10.07
CA CYS D 505 -7.02 -37.32 -8.99
C CYS D 505 -6.24 -37.59 -7.70
N VAL D 506 -6.52 -36.79 -6.68
CA VAL D 506 -5.84 -36.92 -5.39
C VAL D 506 -6.88 -37.19 -4.31
N LEU D 507 -6.58 -38.15 -3.44
CA LEU D 507 -7.43 -38.41 -2.29
C LEU D 507 -6.78 -37.78 -1.07
N PRO D 508 -7.38 -36.76 -0.45
CA PRO D 508 -6.73 -36.07 0.68
C PRO D 508 -6.29 -37.01 1.79
N ASP D 509 -7.02 -38.11 2.01
CA ASP D 509 -6.66 -39.05 3.06
C ASP D 509 -5.30 -39.67 2.81
N SER D 510 -4.92 -39.78 1.54
CA SER D 510 -3.66 -40.38 1.14
C SER D 510 -2.53 -39.36 1.03
N VAL D 511 -2.80 -38.08 1.34
CA VAL D 511 -1.75 -37.08 1.28
C VAL D 511 -1.64 -36.37 2.63
N VAL D 512 -2.01 -37.07 3.69
CA VAL D 512 -1.97 -36.48 5.03
C VAL D 512 -0.53 -36.46 5.53
N LYS D 513 -0.15 -35.33 6.14
CA LYS D 513 1.14 -35.22 6.82
C LYS D 513 0.88 -35.19 8.32
N PRO D 514 1.17 -36.27 9.05
CA PRO D 514 0.84 -36.30 10.48
C PRO D 514 1.67 -35.29 11.26
N LEU D 515 1.15 -34.97 12.45
CA LEU D 515 1.89 -34.17 13.41
C LEU D 515 3.02 -34.99 14.04
N PRO D 516 4.06 -34.32 14.56
CA PRO D 516 5.18 -35.05 15.16
C PRO D 516 4.75 -35.73 16.45
N PRO D 517 5.48 -36.75 16.90
CA PRO D 517 5.19 -37.32 18.22
C PRO D 517 5.32 -36.27 19.32
N SER D 518 4.43 -36.35 20.30
CA SER D 518 4.36 -35.38 21.38
C SER D 518 4.89 -35.96 22.68
N ASN D 519 5.06 -35.07 23.67
CA ASN D 519 5.50 -35.43 25.02
C ASN D 519 6.78 -36.25 25.00
N VAL D 520 7.73 -35.88 24.14
CA VAL D 520 8.97 -36.61 24.03
C VAL D 520 9.83 -36.34 25.25
N LYS D 521 10.25 -37.40 25.94
CA LYS D 521 11.07 -37.32 27.14
C LYS D 521 12.31 -38.18 26.94
N ALA D 522 13.42 -37.75 27.54
CA ALA D 522 14.66 -38.51 27.49
C ALA D 522 15.29 -38.50 28.89
N GLU D 523 15.49 -39.69 29.46
CA GLU D 523 16.08 -39.82 30.78
C GLU D 523 17.17 -40.88 30.75
N ILE D 524 18.25 -40.64 31.47
CA ILE D 524 19.27 -41.67 31.68
C ILE D 524 18.88 -42.51 32.89
N THR D 525 18.65 -43.80 32.65
CA THR D 525 18.17 -44.70 33.70
C THR D 525 19.27 -44.92 34.75
N VAL D 526 18.95 -44.62 36.00
CA VAL D 526 19.88 -44.81 37.10
C VAL D 526 20.35 -46.26 37.19
N ASN D 527 21.63 -46.44 37.52
CA ASN D 527 22.37 -47.70 37.60
C ASN D 527 22.57 -48.41 36.26
N THR D 528 21.58 -48.35 35.38
CA THR D 528 21.68 -49.10 34.13
C THR D 528 22.36 -48.32 33.01
N GLY D 529 22.23 -46.99 33.02
CA GLY D 529 22.88 -46.17 32.04
C GLY D 529 22.31 -46.24 30.65
N LEU D 530 21.05 -46.64 30.50
CA LEU D 530 20.39 -46.62 29.21
C LEU D 530 19.69 -45.30 28.99
N LEU D 531 19.74 -44.81 27.76
CA LEU D 531 18.94 -43.66 27.35
C LEU D 531 17.51 -44.14 27.11
N LYS D 532 16.62 -43.90 28.08
CA LYS D 532 15.21 -44.22 27.92
C LYS D 532 14.53 -43.01 27.29
N VAL D 533 14.10 -43.18 26.05
CA VAL D 533 13.34 -42.19 25.31
C VAL D 533 11.89 -42.65 25.31
N SER D 534 10.97 -41.71 25.55
CA SER D 534 9.56 -42.05 25.58
C SER D 534 8.79 -40.96 24.86
N TRP D 535 7.64 -41.34 24.32
CA TRP D 535 6.87 -40.40 23.51
C TRP D 535 5.40 -40.80 23.51
N GLU D 536 4.59 -39.93 22.92
CA GLU D 536 3.17 -40.13 22.73
C GLU D 536 2.92 -40.00 21.24
N LYS D 537 2.26 -41.01 20.66
CA LYS D 537 1.99 -40.96 19.23
C LYS D 537 1.10 -39.77 18.92
N PRO D 538 1.21 -39.20 17.72
CA PRO D 538 0.35 -38.07 17.36
C PRO D 538 -1.11 -38.49 17.35
N VAL D 539 -1.98 -37.50 17.51
CA VAL D 539 -3.42 -37.78 17.54
C VAL D 539 -3.84 -38.52 16.28
N PHE D 540 -3.35 -38.09 15.13
CA PHE D 540 -3.67 -38.83 13.92
C PHE D 540 -2.40 -39.25 13.17
N PRO D 541 -2.46 -40.37 12.40
CA PRO D 541 -3.64 -41.23 12.34
C PRO D 541 -3.65 -42.26 13.48
N GLU D 542 -4.78 -42.93 13.69
CA GLU D 542 -4.87 -44.01 14.67
C GLU D 542 -4.25 -45.30 14.14
N ASN D 543 -4.08 -45.41 12.83
CA ASN D 543 -3.51 -46.59 12.22
C ASN D 543 -2.09 -46.79 12.73
N ASN D 544 -1.64 -48.05 12.71
CA ASN D 544 -0.31 -48.35 13.19
C ASN D 544 0.75 -47.56 12.43
N LEU D 545 1.64 -46.95 13.20
CA LEU D 545 2.72 -46.10 12.74
C LEU D 545 4.08 -46.74 13.02
N GLN D 546 5.08 -46.28 12.28
CA GLN D 546 6.47 -46.59 12.53
C GLN D 546 7.14 -45.30 12.97
N PHE D 547 8.16 -45.43 13.81
CA PHE D 547 8.86 -44.27 14.35
C PHE D 547 10.35 -44.33 14.06
N GLN D 548 10.96 -43.15 14.00
CA GLN D 548 12.39 -43.01 13.82
C GLN D 548 12.89 -42.04 14.87
N ILE D 549 13.89 -42.46 15.64
CA ILE D 549 14.49 -41.64 16.69
C ILE D 549 15.88 -41.25 16.24
N ARG D 550 16.18 -39.95 16.29
CA ARG D 550 17.54 -39.47 16.16
C ARG D 550 18.02 -38.93 17.52
N TYR D 551 19.25 -39.29 17.87
CA TYR D 551 19.84 -38.87 19.13
C TYR D 551 21.31 -38.55 18.93
N GLY D 552 21.80 -37.59 19.72
CA GLY D 552 23.18 -37.17 19.59
C GLY D 552 23.66 -36.38 20.78
N LEU D 553 24.99 -36.23 20.85
CA LEU D 553 25.59 -35.42 21.90
C LEU D 553 25.25 -33.96 21.69
N SER D 554 24.87 -33.28 22.77
CA SER D 554 24.52 -31.86 22.70
C SER D 554 25.77 -31.03 22.43
N GLY D 555 25.83 -30.43 21.25
CA GLY D 555 26.97 -29.60 20.89
C GLY D 555 26.58 -28.64 19.79
N LYS D 556 27.59 -27.94 19.27
CA LYS D 556 27.38 -27.09 18.11
C LYS D 556 27.03 -27.92 16.87
N GLU D 557 27.55 -29.14 16.78
CA GLU D 557 27.28 -30.04 15.67
C GLU D 557 26.93 -31.41 16.24
N ILE D 558 25.71 -31.85 15.97
CA ILE D 558 25.17 -33.07 16.59
C ILE D 558 25.34 -34.22 15.61
N GLN D 559 26.19 -35.19 15.97
CA GLN D 559 26.30 -36.43 15.21
C GLN D 559 25.08 -37.30 15.49
N TRP D 560 24.05 -37.20 14.66
CA TRP D 560 22.82 -37.93 14.88
C TRP D 560 22.98 -39.41 14.54
N LYS D 561 22.58 -40.27 15.48
CA LYS D 561 22.34 -41.69 15.22
C LYS D 561 20.84 -41.93 15.20
N THR D 562 20.39 -42.87 14.36
CA THR D 562 18.98 -43.17 14.25
C THR D 562 18.66 -44.62 14.61
N HIS D 563 17.50 -44.79 15.23
CA HIS D 563 16.94 -46.08 15.61
C HIS D 563 15.52 -46.14 15.06
N GLU D 564 15.17 -47.25 14.41
CA GLU D 564 13.84 -47.42 13.83
C GLU D 564 13.00 -48.39 14.65
N VAL D 565 11.79 -47.95 14.99
CA VAL D 565 10.84 -48.72 15.78
C VAL D 565 9.66 -49.05 14.88
N PHE D 566 9.45 -50.34 14.60
CA PHE D 566 8.39 -50.73 13.69
C PHE D 566 7.13 -51.28 14.35
N ASP D 567 7.07 -51.32 15.68
CA ASP D 567 5.84 -51.72 16.36
C ASP D 567 5.10 -50.49 16.84
N ALA D 568 3.83 -50.37 16.43
CA ALA D 568 3.03 -49.19 16.73
C ALA D 568 2.80 -48.98 18.22
N LYS D 569 2.74 -50.06 18.99
CA LYS D 569 2.46 -49.96 20.42
C LYS D 569 3.66 -49.55 21.25
N SER D 570 4.82 -49.33 20.64
CA SER D 570 5.99 -48.90 21.39
C SER D 570 5.92 -47.41 21.65
N LYS D 571 5.80 -47.02 22.92
CA LYS D 571 5.82 -45.63 23.33
C LYS D 571 7.17 -45.23 23.92
N SER D 572 8.15 -46.12 23.89
CA SER D 572 9.46 -45.86 24.47
C SER D 572 10.46 -46.82 23.85
N ALA D 573 11.72 -46.36 23.81
CA ALA D 573 12.86 -47.18 23.41
C ALA D 573 14.02 -46.94 24.37
N SER D 574 14.88 -47.93 24.48
CA SER D 574 16.07 -47.84 25.32
C SER D 574 17.31 -47.96 24.44
N LEU D 575 18.21 -47.00 24.55
CA LEU D 575 19.36 -46.87 23.67
C LEU D 575 20.65 -46.97 24.47
N LEU D 576 21.67 -47.57 23.87
CA LEU D 576 23.00 -47.60 24.47
C LEU D 576 23.71 -46.27 24.22
N VAL D 577 24.26 -45.68 25.28
CA VAL D 577 24.98 -44.41 25.18
C VAL D 577 26.37 -44.59 25.74
N SER D 578 27.33 -43.87 25.15
CA SER D 578 28.74 -44.07 25.48
C SER D 578 29.20 -43.26 26.68
N ASP D 579 28.63 -42.07 26.89
CA ASP D 579 28.98 -41.18 28.00
C ASP D 579 27.73 -40.89 28.83
N LEU D 580 27.67 -41.55 29.99
CA LEU D 580 26.53 -41.45 30.91
C LEU D 580 26.34 -40.06 31.50
N CYS D 581 27.31 -39.15 31.35
CA CYS D 581 27.30 -37.88 32.07
C CYS D 581 27.18 -36.68 31.14
N ALA D 582 26.90 -36.90 29.86
CA ALA D 582 26.62 -35.82 28.92
C ALA D 582 25.12 -35.64 28.73
N VAL D 583 24.75 -34.43 28.32
CA VAL D 583 23.39 -34.15 27.86
C VAL D 583 23.24 -34.66 26.44
N TYR D 584 22.28 -35.54 26.22
CA TYR D 584 21.88 -35.97 24.88
C TYR D 584 20.67 -35.20 24.40
N VAL D 585 20.67 -34.87 23.11
CA VAL D 585 19.50 -34.33 22.42
C VAL D 585 18.84 -35.47 21.65
N VAL D 586 17.51 -35.54 21.72
CA VAL D 586 16.73 -36.59 21.10
C VAL D 586 15.53 -35.96 20.39
N GLN D 587 15.25 -36.44 19.18
CA GLN D 587 14.05 -36.09 18.45
C GLN D 587 13.44 -37.36 17.86
N VAL D 588 12.13 -37.33 17.64
CA VAL D 588 11.40 -38.47 17.11
C VAL D 588 10.47 -38.00 15.99
N ARG D 589 10.33 -38.82 14.94
CA ARG D 589 9.40 -38.57 13.86
C ARG D 589 8.65 -39.87 13.57
N CYS D 590 7.50 -39.75 12.90
CA CYS D 590 6.66 -40.91 12.66
C CYS D 590 6.12 -40.91 11.23
N ARG D 591 5.64 -42.08 10.82
CA ARG D 591 5.10 -42.29 9.48
C ARG D 591 4.14 -43.46 9.56
N ARG D 592 3.20 -43.53 8.63
CA ARG D 592 2.30 -44.67 8.60
C ARG D 592 3.09 -45.94 8.34
N LEU D 593 2.83 -46.98 9.13
CA LEU D 593 3.53 -48.25 8.98
C LEU D 593 3.43 -48.80 7.55
N ASP D 594 2.27 -48.62 6.92
CA ASP D 594 2.08 -49.11 5.56
C ASP D 594 2.76 -48.23 4.51
N GLY D 595 3.41 -47.14 4.91
CA GLY D 595 4.07 -46.27 3.96
C GLY D 595 3.15 -45.36 3.17
N LEU D 596 1.83 -45.43 3.40
CA LEU D 596 0.88 -44.63 2.66
C LEU D 596 0.78 -43.24 3.30
N GLY D 597 1.80 -42.44 3.06
CA GLY D 597 1.83 -41.09 3.59
C GLY D 597 3.26 -40.60 3.69
N TYR D 598 3.39 -39.41 4.28
CA TYR D 598 4.67 -38.76 4.49
C TYR D 598 5.17 -38.97 5.91
N TRP D 599 6.46 -38.71 6.10
CA TRP D 599 7.06 -38.71 7.43
C TRP D 599 6.66 -37.43 8.16
N SER D 600 6.43 -37.54 9.46
CA SER D 600 6.16 -36.36 10.25
C SER D 600 7.43 -35.53 10.41
N ASN D 601 7.27 -34.31 10.91
CA ASN D 601 8.43 -33.52 11.27
C ASN D 601 9.08 -34.10 12.53
N TRP D 602 10.34 -33.75 12.76
CA TRP D 602 11.01 -34.18 13.97
C TRP D 602 10.41 -33.51 15.18
N SER D 603 10.28 -34.27 16.27
CA SER D 603 9.73 -33.73 17.51
C SER D 603 10.64 -32.62 18.06
N SER D 604 10.09 -31.89 19.03
CA SER D 604 10.89 -30.87 19.70
C SER D 604 12.00 -31.55 20.50
N PRO D 605 13.22 -31.01 20.46
CA PRO D 605 14.36 -31.72 21.08
C PRO D 605 14.12 -32.00 22.56
N ALA D 606 14.52 -33.20 22.99
CA ALA D 606 14.48 -33.60 24.38
C ALA D 606 15.90 -33.72 24.91
N TYR D 607 16.15 -33.15 26.08
CA TYR D 607 17.47 -33.17 26.69
C TYR D 607 17.47 -34.06 27.93
N THR D 608 18.51 -34.86 28.07
CA THR D 608 18.74 -35.59 29.31
C THR D 608 19.24 -34.66 30.41
N LEU D 609 18.87 -34.97 31.65
CA LEU D 609 19.50 -34.38 32.81
C LEU D 609 20.73 -35.19 33.21
N VAL D 610 21.82 -34.49 33.50
CA VAL D 610 23.00 -35.12 34.06
C VAL D 610 22.68 -35.52 35.50
N MET D 611 22.65 -36.82 35.78
CA MET D 611 22.47 -37.31 37.14
C MET D 611 23.62 -38.22 37.56
N GLY E 28 33.92 25.17 -39.79
CA GLY E 28 33.24 25.03 -38.50
C GLY E 28 32.85 23.58 -38.25
N VAL E 29 32.15 22.98 -39.21
CA VAL E 29 31.71 21.59 -39.12
C VAL E 29 32.77 20.71 -39.79
N PRO E 30 33.50 19.90 -39.02
CA PRO E 30 34.51 19.00 -39.61
C PRO E 30 33.86 17.79 -40.26
N ILE E 31 34.02 17.70 -41.59
CA ILE E 31 33.34 16.69 -42.41
C ILE E 31 33.86 15.28 -42.13
N GLN E 32 35.15 15.12 -41.84
CA GLN E 32 35.67 13.80 -41.51
C GLN E 32 35.07 13.22 -40.22
N LYS E 33 34.93 14.02 -39.18
CA LYS E 33 34.27 13.49 -37.99
C LYS E 33 32.84 13.04 -38.31
N VAL E 34 32.09 13.86 -39.05
CA VAL E 34 30.73 13.48 -39.41
C VAL E 34 30.69 12.20 -40.24
N GLN E 35 31.63 12.03 -41.17
CA GLN E 35 31.64 10.81 -41.97
C GLN E 35 31.93 9.60 -41.08
N ASP E 36 32.83 9.77 -40.11
CA ASP E 36 33.15 8.67 -39.21
C ASP E 36 31.96 8.36 -38.32
N ASP E 37 31.24 9.40 -37.88
CA ASP E 37 30.05 9.17 -37.07
C ASP E 37 28.99 8.45 -37.88
N THR E 38 28.90 8.74 -39.18
CA THR E 38 27.94 8.02 -40.03
C THR E 38 28.30 6.54 -40.11
N LYS E 39 29.59 6.22 -40.29
CA LYS E 39 29.94 4.79 -40.32
C LYS E 39 29.68 4.12 -38.98
N THR E 40 30.05 4.78 -37.87
CA THR E 40 29.84 4.18 -36.56
C THR E 40 28.35 3.96 -36.30
N LEU E 41 27.51 4.91 -36.71
CA LEU E 41 26.06 4.76 -36.52
C LEU E 41 25.52 3.64 -37.40
N ILE E 42 26.05 3.51 -38.61
CA ILE E 42 25.65 2.40 -39.48
C ILE E 42 25.99 1.07 -38.82
N LYS E 43 27.25 0.92 -38.38
CA LYS E 43 27.63 -0.31 -37.69
C LYS E 43 26.73 -0.57 -36.49
N THR E 44 26.29 0.50 -35.80
CA THR E 44 25.40 0.33 -34.67
C THR E 44 24.03 -0.21 -35.08
N ILE E 45 23.46 0.37 -36.14
CA ILE E 45 22.14 -0.11 -36.59
C ILE E 45 22.25 -1.54 -37.11
N VAL E 46 23.36 -1.86 -37.78
CA VAL E 46 23.54 -3.21 -38.31
C VAL E 46 23.70 -4.22 -37.18
N THR E 47 24.47 -3.89 -36.14
CA THR E 47 24.59 -4.83 -35.05
C THR E 47 23.27 -5.01 -34.32
N ARG E 48 22.49 -3.94 -34.14
CA ARG E 48 21.18 -4.09 -33.52
C ARG E 48 20.31 -5.04 -34.32
N ILE E 49 20.20 -4.83 -35.64
CA ILE E 49 19.39 -5.74 -36.46
C ILE E 49 19.98 -7.15 -36.48
N ASN E 50 21.30 -7.29 -36.28
CA ASN E 50 21.88 -8.63 -36.19
C ASN E 50 21.47 -9.30 -34.90
N ASP E 51 21.13 -8.50 -33.89
CA ASP E 51 20.66 -9.03 -32.61
C ASP E 51 19.22 -9.51 -32.66
N ILE E 52 18.47 -9.16 -33.71
CA ILE E 52 17.11 -9.67 -33.86
C ILE E 52 17.22 -11.06 -34.46
N SER E 53 17.38 -12.06 -33.58
CA SER E 53 17.60 -13.46 -33.91
C SER E 53 16.73 -14.05 -35.01
N HIS E 54 15.42 -13.79 -35.00
CA HIS E 54 14.56 -14.33 -36.03
C HIS E 54 14.85 -13.76 -37.42
N THR E 55 15.44 -12.58 -37.51
CA THR E 55 15.73 -11.99 -38.81
C THR E 55 17.05 -12.47 -39.40
N GLN E 56 18.01 -12.85 -38.56
CA GLN E 56 19.32 -13.28 -39.04
C GLN E 56 19.25 -14.53 -39.89
N SER E 57 18.32 -15.45 -39.59
CA SER E 57 18.18 -16.69 -40.34
C SER E 57 17.27 -16.56 -41.56
N VAL E 58 16.81 -15.35 -41.88
CA VAL E 58 15.90 -15.11 -42.99
C VAL E 58 16.68 -14.47 -44.13
N SER E 59 16.55 -15.04 -45.32
CA SER E 59 17.25 -14.51 -46.49
C SER E 59 16.75 -13.10 -46.80
N ALA E 60 17.67 -12.14 -46.69
CA ALA E 60 17.35 -10.74 -46.94
C ALA E 60 16.92 -10.48 -48.38
N LYS E 61 17.65 -11.04 -49.33
CA LYS E 61 17.35 -10.81 -50.75
C LYS E 61 16.13 -11.57 -51.27
N GLN E 62 15.56 -12.51 -50.51
CA GLN E 62 14.41 -13.22 -51.05
C GLN E 62 13.17 -12.35 -51.13
N ARG E 63 12.56 -12.31 -52.32
CA ARG E 63 11.34 -11.52 -52.52
C ARG E 63 10.14 -12.33 -52.01
N VAL E 64 9.28 -11.65 -51.24
CA VAL E 64 8.06 -12.22 -50.66
C VAL E 64 6.85 -11.38 -51.09
N THR E 65 5.86 -12.02 -51.73
CA THR E 65 4.69 -11.29 -52.21
C THR E 65 3.82 -10.66 -51.14
N GLY E 66 3.44 -9.41 -51.41
CA GLY E 66 2.62 -8.58 -50.56
C GLY E 66 3.37 -7.35 -50.05
N LEU E 67 4.68 -7.50 -49.82
CA LEU E 67 5.56 -6.43 -49.34
C LEU E 67 6.40 -5.81 -50.46
N ASP E 68 5.83 -5.68 -51.66
CA ASP E 68 6.55 -5.10 -52.79
C ASP E 68 6.82 -3.60 -52.65
N PHE E 69 6.08 -2.90 -51.78
CA PHE E 69 6.34 -1.49 -51.53
C PHE E 69 7.62 -1.26 -50.74
N ILE E 70 8.11 -2.28 -50.03
CA ILE E 70 9.34 -2.22 -49.26
C ILE E 70 10.56 -2.15 -50.17
N PRO E 71 11.41 -1.11 -50.03
CA PRO E 71 12.54 -0.91 -50.93
C PRO E 71 13.67 -1.91 -50.79
N GLY E 72 13.45 -3.13 -51.27
CA GLY E 72 14.44 -4.18 -51.26
C GLY E 72 15.49 -3.98 -52.35
N LEU E 73 16.38 -4.97 -52.46
CA LEU E 73 17.52 -4.94 -53.38
C LEU E 73 17.14 -4.39 -54.74
N HIS E 74 17.60 -3.16 -54.98
CA HIS E 74 17.40 -2.31 -56.14
C HIS E 74 18.45 -1.21 -56.12
N PRO E 75 19.52 -1.26 -56.98
CA PRO E 75 20.63 -0.29 -56.94
C PRO E 75 20.25 0.99 -56.25
N ILE E 76 20.81 1.15 -55.05
CA ILE E 76 20.59 2.34 -54.23
C ILE E 76 21.77 3.29 -54.50
N LEU E 77 21.66 4.09 -55.59
CA LEU E 77 22.76 4.93 -56.09
C LEU E 77 22.66 6.47 -56.00
N SER E 78 21.66 7.09 -55.33
CA SER E 78 21.63 8.56 -55.22
C SER E 78 21.09 9.07 -53.89
N LEU E 79 21.55 10.26 -53.49
CA LEU E 79 21.09 10.89 -52.23
C LEU E 79 19.58 11.08 -52.10
N SER E 80 18.88 11.48 -53.16
CA SER E 80 17.43 11.66 -53.02
C SER E 80 16.66 10.36 -52.86
N LYS E 81 17.11 9.29 -53.52
CA LYS E 81 16.44 8.02 -53.35
C LYS E 81 16.72 7.45 -51.96
N MET E 82 17.95 7.61 -51.44
CA MET E 82 18.26 7.15 -50.10
C MET E 82 17.39 7.89 -49.09
N ASP E 83 17.25 9.21 -49.25
CA ASP E 83 16.43 9.95 -48.31
C ASP E 83 14.98 9.45 -48.32
N GLN E 84 14.40 9.29 -49.53
CA GLN E 84 13.02 8.81 -49.57
C GLN E 84 12.90 7.35 -49.12
N THR E 85 13.96 6.56 -49.30
CA THR E 85 13.99 5.17 -48.85
C THR E 85 13.98 5.10 -47.33
N LEU E 86 14.87 5.84 -46.70
CA LEU E 86 14.88 5.85 -45.24
C LEU E 86 13.59 6.45 -44.71
N ALA E 87 12.96 7.35 -45.47
CA ALA E 87 11.69 7.91 -45.03
C ALA E 87 10.59 6.85 -45.06
N VAL E 88 10.54 6.04 -46.12
CA VAL E 88 9.51 5.00 -46.18
C VAL E 88 9.76 3.94 -45.10
N TYR E 89 11.02 3.51 -44.95
CA TYR E 89 11.33 2.53 -43.91
C TYR E 89 10.93 3.07 -42.53
N GLN E 90 11.19 4.36 -42.29
CA GLN E 90 10.78 4.99 -41.04
C GLN E 90 9.28 4.98 -40.88
N GLN E 91 8.54 5.31 -41.94
CA GLN E 91 7.09 5.34 -41.87
C GLN E 91 6.53 3.96 -41.54
N VAL E 92 7.17 2.92 -42.07
CA VAL E 92 6.76 1.56 -41.77
C VAL E 92 7.05 1.23 -40.31
N LEU E 93 8.28 1.52 -39.86
CA LEU E 93 8.66 1.20 -38.49
C LEU E 93 7.82 1.93 -37.44
N THR E 94 7.41 3.18 -37.70
CA THR E 94 6.55 3.89 -36.74
C THR E 94 5.28 3.11 -36.40
N SER E 95 4.78 2.30 -37.33
CA SER E 95 3.55 1.56 -37.09
C SER E 95 3.78 0.19 -36.46
N LEU E 96 5.00 -0.29 -36.41
CA LEU E 96 5.27 -1.58 -35.80
C LEU E 96 5.36 -1.37 -34.29
N PRO E 97 4.58 -2.08 -33.47
CA PRO E 97 4.58 -1.82 -32.02
C PRO E 97 5.71 -2.40 -31.16
N SER E 98 6.96 -2.40 -31.63
CA SER E 98 8.06 -2.89 -30.81
C SER E 98 8.89 -1.72 -30.31
N GLN E 99 9.32 -1.79 -29.04
CA GLN E 99 10.16 -0.73 -28.50
C GLN E 99 11.50 -0.66 -29.22
N ASN E 100 12.06 -1.83 -29.54
CA ASN E 100 13.33 -1.86 -30.26
C ASN E 100 13.20 -1.15 -31.59
N VAL E 101 12.10 -1.42 -32.31
CA VAL E 101 11.88 -0.80 -33.60
C VAL E 101 11.73 0.71 -33.44
N LEU E 102 11.16 1.16 -32.32
CA LEU E 102 11.06 2.59 -32.04
C LEU E 102 12.45 3.21 -31.93
N GLN E 103 13.34 2.52 -31.21
CA GLN E 103 14.70 3.00 -31.07
C GLN E 103 15.40 3.01 -32.42
N ILE E 104 15.17 1.96 -33.21
CA ILE E 104 15.74 1.88 -34.55
C ILE E 104 15.26 3.05 -35.40
N ALA E 105 13.99 3.44 -35.23
CA ALA E 105 13.46 4.59 -35.97
C ALA E 105 14.11 5.89 -35.51
N ASN E 106 14.46 5.98 -34.23
CA ASN E 106 15.16 7.18 -33.76
C ASN E 106 16.57 7.23 -34.34
N ASP E 107 17.22 6.07 -34.44
CA ASP E 107 18.55 6.04 -35.05
C ASP E 107 18.44 6.42 -36.53
N LEU E 108 17.37 6.00 -37.20
CA LEU E 108 17.16 6.41 -38.58
C LEU E 108 16.93 7.91 -38.69
N GLU E 109 16.26 8.52 -37.70
CA GLU E 109 16.09 9.96 -37.76
C GLU E 109 17.42 10.70 -37.65
N ASN E 110 18.26 10.31 -36.68
CA ASN E 110 19.57 10.96 -36.60
C ASN E 110 20.42 10.71 -37.85
N LEU E 111 20.37 9.49 -38.39
CA LEU E 111 21.16 9.22 -39.59
C LEU E 111 20.65 9.99 -40.80
N ARG E 112 19.33 10.08 -41.00
CA ARG E 112 18.82 10.84 -42.13
C ARG E 112 19.20 12.31 -42.02
N ASP E 113 19.11 12.87 -40.81
CA ASP E 113 19.51 14.26 -40.66
C ASP E 113 21.01 14.40 -40.95
N LEU E 114 21.82 13.38 -40.62
CA LEU E 114 23.25 13.47 -40.92
C LEU E 114 23.49 13.44 -42.42
N LEU E 115 22.74 12.62 -43.15
CA LEU E 115 22.90 12.63 -44.61
C LEU E 115 22.37 13.93 -45.20
N HIS E 116 21.38 14.54 -44.56
CA HIS E 116 20.88 15.83 -45.02
C HIS E 116 21.94 16.92 -44.84
N LEU E 117 22.67 16.88 -43.71
CA LEU E 117 23.74 17.84 -43.49
C LEU E 117 24.89 17.57 -44.46
N LEU E 118 25.12 16.30 -44.80
CA LEU E 118 26.16 15.98 -45.77
C LEU E 118 25.78 16.49 -47.15
N ALA E 119 24.50 16.38 -47.52
CA ALA E 119 24.06 16.95 -48.78
C ALA E 119 24.22 18.48 -48.75
N PHE E 120 24.00 19.10 -47.59
CA PHE E 120 24.29 20.54 -47.49
C PHE E 120 25.77 20.80 -47.70
N SER E 121 26.61 19.86 -47.25
CA SER E 121 28.05 19.98 -47.42
C SER E 121 28.43 19.90 -48.89
N LYS E 122 27.76 19.03 -49.64
CA LYS E 122 28.02 18.88 -51.07
C LYS E 122 27.17 19.79 -51.94
N SER E 123 26.22 20.51 -51.36
CA SER E 123 25.36 21.45 -52.08
C SER E 123 24.40 20.79 -53.07
N CYS E 124 23.17 20.53 -52.60
CA CYS E 124 22.12 19.95 -53.43
C CYS E 124 20.82 19.92 -52.63
N SER E 125 19.69 20.19 -53.29
CA SER E 125 18.41 20.21 -52.62
C SER E 125 17.85 18.80 -52.50
N LEU E 126 17.09 18.57 -51.43
CA LEU E 126 16.47 17.28 -51.17
C LEU E 126 15.02 17.47 -50.72
N PRO E 127 14.05 17.11 -51.55
CA PRO E 127 12.64 17.19 -51.15
C PRO E 127 12.29 16.01 -50.26
N GLN E 128 11.02 15.98 -49.85
CA GLN E 128 10.54 14.89 -49.00
C GLN E 128 9.41 14.13 -49.68
N GLU E 136 -0.17 2.77 -47.29
CA GLU E 136 -1.32 2.40 -48.11
C GLU E 136 -1.82 0.99 -47.80
N SER E 137 -1.21 -0.01 -48.43
CA SER E 137 -1.47 -1.42 -48.17
C SER E 137 -0.64 -1.98 -47.03
N LEU E 138 0.31 -1.21 -46.51
CA LEU E 138 1.15 -1.67 -45.41
C LEU E 138 0.35 -1.99 -44.15
N ASP E 139 -0.66 -1.19 -43.84
CA ASP E 139 -1.47 -1.43 -42.65
C ASP E 139 -2.15 -2.80 -42.71
N GLY E 140 -2.69 -3.14 -43.88
CA GLY E 140 -3.39 -4.41 -44.02
C GLY E 140 -2.49 -5.59 -43.71
N VAL E 141 -1.25 -5.55 -44.18
CA VAL E 141 -0.31 -6.63 -43.89
C VAL E 141 0.15 -6.54 -42.44
N LEU E 142 0.19 -5.33 -41.86
CA LEU E 142 0.59 -5.25 -40.44
C LEU E 142 -0.41 -5.99 -39.58
N GLU E 143 -1.71 -5.86 -39.88
CA GLU E 143 -2.68 -6.63 -39.09
C GLU E 143 -2.68 -8.10 -39.49
N ALA E 144 -2.75 -8.40 -40.79
CA ALA E 144 -2.84 -9.80 -41.20
C ALA E 144 -1.53 -10.55 -41.01
N SER E 145 -0.36 -9.89 -41.18
CA SER E 145 0.90 -10.65 -41.11
C SER E 145 1.95 -9.73 -40.47
N LEU E 146 1.89 -9.62 -39.14
CA LEU E 146 2.84 -8.76 -38.45
C LEU E 146 4.23 -9.36 -38.48
N TYR E 147 4.33 -10.67 -38.22
CA TYR E 147 5.62 -11.36 -38.24
C TYR E 147 6.32 -11.18 -39.58
N SER E 148 5.58 -11.39 -40.68
CA SER E 148 6.16 -11.26 -42.00
C SER E 148 6.59 -9.83 -42.27
N THR E 149 5.72 -8.87 -41.95
CA THR E 149 6.04 -7.46 -42.19
C THR E 149 7.33 -7.07 -41.48
N GLU E 150 7.45 -7.47 -40.20
CA GLU E 150 8.64 -7.14 -39.42
C GLU E 150 9.89 -7.79 -39.99
N VAL E 151 9.88 -9.12 -40.11
CA VAL E 151 11.05 -9.84 -40.59
C VAL E 151 11.50 -9.34 -41.97
N VAL E 152 10.56 -9.11 -42.88
CA VAL E 152 10.96 -8.65 -44.22
C VAL E 152 11.49 -7.22 -44.18
N ALA E 153 10.73 -6.29 -43.58
CA ALA E 153 11.19 -4.92 -43.48
C ALA E 153 12.60 -4.85 -42.91
N LEU E 154 12.87 -5.67 -41.90
CA LEU E 154 14.19 -5.63 -41.27
C LEU E 154 15.27 -6.25 -42.14
N SER E 155 15.01 -7.40 -42.78
CA SER E 155 16.08 -7.98 -43.60
C SER E 155 16.35 -7.18 -44.86
N ARG E 156 15.33 -6.53 -45.42
CA ARG E 156 15.55 -5.66 -46.57
C ARG E 156 16.27 -4.39 -46.12
N LEU E 157 15.95 -3.91 -44.91
CA LEU E 157 16.65 -2.76 -44.37
C LEU E 157 18.13 -3.11 -44.21
N GLN E 158 18.39 -4.29 -43.67
CA GLN E 158 19.75 -4.78 -43.49
C GLN E 158 20.51 -4.83 -44.80
N GLY E 159 19.83 -5.26 -45.88
CA GLY E 159 20.50 -5.28 -47.17
C GLY E 159 20.78 -3.89 -47.69
N SER E 160 19.82 -2.98 -47.52
CA SER E 160 20.00 -1.62 -47.99
C SER E 160 21.17 -0.95 -47.27
N LEU E 161 21.27 -1.14 -45.95
CA LEU E 161 22.39 -0.55 -45.23
C LEU E 161 23.72 -1.18 -45.61
N GLN E 162 23.78 -2.49 -45.86
CA GLN E 162 25.06 -3.03 -46.29
C GLN E 162 25.46 -2.48 -47.66
N ASP E 163 24.51 -2.25 -48.55
CA ASP E 163 24.89 -1.69 -49.84
C ASP E 163 25.32 -0.23 -49.71
N ILE E 164 24.51 0.60 -49.03
CA ILE E 164 24.88 1.99 -48.82
C ILE E 164 26.25 2.09 -48.16
N LEU E 165 26.52 1.25 -47.15
CA LEU E 165 27.82 1.28 -46.49
C LEU E 165 28.93 0.92 -47.47
N GLN E 166 28.72 -0.14 -48.24
CA GLN E 166 29.74 -0.54 -49.21
C GLN E 166 29.94 0.51 -50.29
N GLN E 167 29.06 1.52 -50.38
CA GLN E 167 29.24 2.56 -51.40
C GLN E 167 29.21 3.99 -50.86
N LEU E 168 29.43 4.19 -49.55
CA LEU E 168 29.58 5.51 -48.96
C LEU E 168 31.02 5.97 -48.90
N ASP E 169 31.84 5.57 -49.87
CA ASP E 169 33.26 5.88 -49.91
C ASP E 169 33.71 6.02 -51.35
N VAL E 170 32.86 5.60 -52.29
CA VAL E 170 33.16 5.73 -53.70
C VAL E 170 32.58 7.04 -54.22
N SER E 171 32.80 8.12 -53.46
CA SER E 171 32.31 9.47 -53.74
C SER E 171 30.82 9.55 -54.00
N PRO E 172 29.96 9.46 -52.98
CA PRO E 172 28.52 9.56 -53.23
C PRO E 172 28.15 10.94 -53.76
N GLU E 173 27.23 10.97 -54.72
CA GLU E 173 26.85 12.21 -55.40
C GLU E 173 25.35 12.40 -55.35
N CYS E 174 24.93 13.66 -55.38
CA CYS E 174 23.50 14.01 -55.33
C CYS E 174 22.83 13.72 -56.67
N VAL F 213 -26.68 46.32 -32.52
CA VAL F 213 -26.64 45.59 -31.25
C VAL F 213 -26.28 46.53 -30.12
N LYS F 214 -27.01 46.41 -29.01
CA LYS F 214 -26.58 46.93 -27.72
C LYS F 214 -25.92 45.81 -26.93
N PRO F 215 -24.60 45.80 -26.80
CA PRO F 215 -23.95 44.77 -25.97
C PRO F 215 -24.30 44.93 -24.49
N ASP F 216 -24.07 43.86 -23.75
CA ASP F 216 -24.20 43.89 -22.31
C ASP F 216 -23.04 44.66 -21.68
N PRO F 217 -23.18 45.06 -20.41
CA PRO F 217 -22.03 45.61 -19.69
C PRO F 217 -20.96 44.55 -19.50
N PRO F 218 -19.69 44.95 -19.52
CA PRO F 218 -18.62 44.02 -19.14
C PRO F 218 -18.82 43.50 -17.72
N LEU F 219 -18.38 42.26 -17.50
CA LEU F 219 -18.51 41.60 -16.21
C LEU F 219 -17.14 41.30 -15.64
N GLY F 220 -17.14 40.79 -14.40
CA GLY F 220 -15.90 40.33 -13.78
C GLY F 220 -14.87 41.40 -13.51
N LEU F 221 -15.32 42.63 -13.25
CA LEU F 221 -14.37 43.73 -13.07
C LEU F 221 -13.52 43.51 -11.82
N HIS F 222 -12.21 43.36 -12.04
CA HIS F 222 -11.26 43.08 -10.97
C HIS F 222 -10.16 44.14 -11.03
N MET F 223 -9.48 44.34 -9.89
CA MET F 223 -8.41 45.32 -9.78
C MET F 223 -7.26 44.72 -8.98
N GLU F 224 -6.08 44.72 -9.58
CA GLU F 224 -4.87 44.19 -8.98
C GLU F 224 -3.77 45.25 -9.06
N VAL F 225 -2.78 45.10 -8.18
CA VAL F 225 -1.60 45.96 -8.20
C VAL F 225 -0.52 45.23 -8.99
N THR F 226 -0.02 45.89 -10.04
CA THR F 226 1.03 45.31 -10.85
C THR F 226 2.36 45.32 -10.11
N ASP F 227 3.28 44.48 -10.57
CA ASP F 227 4.62 44.44 -10.00
C ASP F 227 5.30 45.79 -10.06
N ASP F 228 4.90 46.65 -11.01
CA ASP F 228 5.39 48.02 -11.11
C ASP F 228 4.68 48.96 -10.15
N GLY F 229 3.61 48.52 -9.52
CA GLY F 229 2.82 49.38 -8.64
C GLY F 229 1.73 50.13 -9.34
N ASN F 230 1.31 49.69 -10.52
CA ASN F 230 0.19 50.27 -11.24
C ASN F 230 -1.08 49.49 -10.91
N LEU F 231 -2.22 50.16 -11.02
CA LEU F 231 -3.51 49.50 -10.84
C LEU F 231 -3.95 48.94 -12.18
N LYS F 232 -4.01 47.61 -12.28
CA LYS F 232 -4.54 46.93 -13.45
C LYS F 232 -6.00 46.60 -13.20
N ILE F 233 -6.87 47.24 -13.99
CA ILE F 233 -8.30 46.94 -14.03
C ILE F 233 -8.53 45.97 -15.18
N SER F 234 -9.25 44.89 -14.90
CA SER F 234 -9.56 43.91 -15.93
C SER F 234 -11.04 43.53 -15.87
N TRP F 235 -11.53 43.00 -16.99
CA TRP F 235 -12.91 42.54 -17.08
C TRP F 235 -12.99 41.44 -18.12
N ASP F 236 -14.04 40.64 -18.04
CA ASP F 236 -14.28 39.58 -19.00
C ASP F 236 -14.85 40.15 -20.30
N SER F 237 -14.23 39.82 -21.42
CA SER F 237 -14.84 40.04 -22.72
C SER F 237 -16.02 39.10 -22.90
N GLN F 238 -17.09 39.62 -23.51
CA GLN F 238 -18.25 38.79 -23.85
C GLN F 238 -17.87 37.77 -24.91
N THR F 239 -17.73 36.51 -24.49
CA THR F 239 -17.36 35.43 -25.41
C THR F 239 -18.38 35.24 -26.52
N MET F 240 -19.55 35.86 -26.42
CA MET F 240 -20.63 35.71 -27.38
C MET F 240 -20.67 36.81 -28.44
N ALA F 241 -19.84 37.85 -28.30
CA ALA F 241 -19.88 38.95 -29.26
C ALA F 241 -19.11 38.56 -30.52
N PRO F 242 -19.77 38.51 -31.68
CA PRO F 242 -19.08 38.15 -32.92
C PRO F 242 -18.36 39.32 -33.56
N PHE F 243 -18.10 40.37 -32.77
CA PHE F 243 -17.49 41.58 -33.27
C PHE F 243 -16.60 42.19 -32.18
N PRO F 244 -15.56 42.92 -32.57
CA PRO F 244 -14.71 43.58 -31.56
C PRO F 244 -15.49 44.62 -30.76
N LEU F 245 -15.18 44.70 -29.48
CA LEU F 245 -15.78 45.67 -28.58
C LEU F 245 -14.74 46.73 -28.18
N GLN F 246 -15.19 47.97 -28.08
CA GLN F 246 -14.47 49.00 -27.35
C GLN F 246 -15.14 49.22 -26.00
N TYR F 247 -14.33 49.59 -25.01
CA TYR F 247 -14.81 49.81 -23.66
C TYR F 247 -14.56 51.25 -23.26
N GLN F 248 -15.42 51.76 -22.40
CA GLN F 248 -15.17 53.00 -21.68
C GLN F 248 -15.17 52.70 -20.19
N VAL F 249 -14.05 52.96 -19.54
CA VAL F 249 -13.89 52.82 -18.10
C VAL F 249 -14.05 54.19 -17.46
N LYS F 250 -14.93 54.27 -16.47
CA LYS F 250 -15.02 55.44 -15.60
C LYS F 250 -14.52 55.04 -14.22
N TYR F 251 -13.57 55.79 -13.69
CA TYR F 251 -13.09 55.52 -12.35
C TYR F 251 -12.95 56.81 -11.54
N LEU F 252 -13.17 56.66 -10.24
CA LEU F 252 -13.09 57.76 -9.28
C LEU F 252 -12.08 57.33 -8.22
N GLU F 253 -10.93 58.00 -8.20
CA GLU F 253 -9.92 57.84 -7.16
C GLU F 253 -10.21 58.85 -6.05
N ASN F 254 -10.75 58.36 -4.94
CA ASN F 254 -10.95 59.10 -3.70
C ASN F 254 -9.69 58.96 -2.86
N SER F 255 -8.77 59.91 -3.03
CA SER F 255 -7.59 60.12 -2.22
C SER F 255 -7.82 61.36 -1.35
N THR F 256 -6.73 62.00 -0.91
CA THR F 256 -6.83 63.37 -0.40
C THR F 256 -7.34 64.34 -1.44
N ILE F 257 -7.25 64.00 -2.72
CA ILE F 257 -7.89 64.75 -3.80
C ILE F 257 -8.75 63.76 -4.57
N VAL F 258 -10.01 64.12 -4.80
CA VAL F 258 -10.89 63.32 -5.65
C VAL F 258 -10.59 63.58 -7.12
N ARG F 259 -10.31 62.51 -7.86
CA ARG F 259 -10.11 62.58 -9.31
C ARG F 259 -11.06 61.64 -10.02
N GLU F 260 -11.81 62.17 -10.97
CA GLU F 260 -12.71 61.41 -11.82
C GLU F 260 -12.14 61.37 -13.24
N ALA F 261 -12.04 60.17 -13.81
CA ALA F 261 -11.52 60.01 -15.15
C ALA F 261 -12.38 59.02 -15.93
N ALA F 262 -12.40 59.21 -17.25
CA ALA F 262 -13.15 58.34 -18.16
C ALA F 262 -12.30 58.12 -19.41
N GLU F 263 -11.87 56.87 -19.60
CA GLU F 263 -10.94 56.51 -20.66
C GLU F 263 -11.59 55.49 -21.60
N ILE F 264 -11.22 55.56 -22.88
CA ILE F 264 -11.72 54.64 -23.89
C ILE F 264 -10.57 53.74 -24.31
N VAL F 265 -10.77 52.42 -24.19
CA VAL F 265 -9.74 51.45 -24.49
C VAL F 265 -10.31 50.32 -25.34
N SER F 266 -9.48 49.80 -26.23
CA SER F 266 -9.85 48.62 -27.00
C SER F 266 -9.42 47.32 -26.34
N ALA F 267 -8.52 47.38 -25.36
CA ALA F 267 -8.12 46.21 -24.60
C ALA F 267 -9.10 45.94 -23.47
N THR F 268 -9.06 44.71 -22.97
CA THR F 268 -9.86 44.30 -21.81
C THR F 268 -9.20 44.65 -20.48
N SER F 269 -8.28 45.62 -20.47
CA SER F 269 -7.62 46.02 -19.24
C SER F 269 -7.17 47.47 -19.36
N LEU F 270 -7.02 48.11 -18.20
CA LEU F 270 -6.46 49.45 -18.10
C LEU F 270 -5.38 49.47 -17.03
N LEU F 271 -4.29 50.19 -17.31
CA LEU F 271 -3.24 50.47 -16.33
C LEU F 271 -3.35 51.90 -15.83
N VAL F 272 -3.50 52.07 -14.52
CA VAL F 272 -3.48 53.38 -13.88
C VAL F 272 -2.14 53.53 -13.18
N ASP F 273 -1.41 54.61 -13.51
CA ASP F 273 -0.05 54.80 -13.04
C ASP F 273 0.00 54.99 -11.52
N SER F 274 0.96 54.31 -10.88
CA SER F 274 1.34 54.58 -9.49
C SER F 274 0.17 54.56 -8.50
N VAL F 275 -0.19 53.36 -8.02
CA VAL F 275 -1.18 53.26 -6.95
C VAL F 275 -0.80 54.20 -5.82
N LEU F 276 -1.72 55.07 -5.45
CA LEU F 276 -1.56 55.96 -4.30
C LEU F 276 -1.94 55.26 -3.01
N PRO F 277 -1.08 55.25 -2.00
CA PRO F 277 -1.42 54.67 -0.70
C PRO F 277 -2.50 55.45 0.02
N GLY F 278 -3.40 54.71 0.66
CA GLY F 278 -4.56 55.30 1.32
C GLY F 278 -5.55 55.95 0.39
N SER F 279 -5.82 55.33 -0.75
CA SER F 279 -6.80 55.83 -1.70
C SER F 279 -7.82 54.74 -1.98
N SER F 280 -8.98 55.14 -2.47
CA SER F 280 -10.06 54.22 -2.83
C SER F 280 -10.41 54.38 -4.29
N TYR F 281 -10.44 53.28 -5.02
CA TYR F 281 -10.80 53.31 -6.44
C TYR F 281 -12.20 52.74 -6.62
N GLU F 282 -13.08 53.52 -7.23
CA GLU F 282 -14.40 53.05 -7.63
C GLU F 282 -14.43 52.99 -9.15
N VAL F 283 -14.85 51.86 -9.71
CA VAL F 283 -14.71 51.63 -11.14
C VAL F 283 -16.01 51.09 -11.72
N GLN F 284 -16.36 51.60 -12.90
CA GLN F 284 -17.45 51.13 -13.73
C GLN F 284 -16.96 51.04 -15.17
N VAL F 285 -17.46 50.07 -15.93
CA VAL F 285 -17.11 49.94 -17.34
C VAL F 285 -18.38 49.74 -18.15
N ARG F 286 -18.39 50.29 -19.36
CA ARG F 286 -19.44 50.02 -20.33
C ARG F 286 -18.79 49.64 -21.66
N SER F 287 -19.55 48.91 -22.49
CA SER F 287 -19.06 48.44 -23.77
C SER F 287 -19.87 49.02 -24.93
N LYS F 288 -19.24 49.01 -26.10
CA LYS F 288 -19.88 49.37 -27.36
C LYS F 288 -19.23 48.55 -28.47
N ARG F 289 -20.01 48.21 -29.50
CA ARG F 289 -19.40 47.63 -30.69
C ARG F 289 -18.39 48.59 -31.29
N LEU F 290 -17.17 48.10 -31.52
CA LEU F 290 -16.10 48.95 -32.06
C LEU F 290 -16.46 49.48 -33.45
N ASP F 291 -16.90 48.61 -34.34
CA ASP F 291 -17.19 48.97 -35.72
C ASP F 291 -18.69 49.19 -35.89
N GLY F 292 -19.07 50.42 -36.19
CA GLY F 292 -20.43 50.77 -36.59
C GLY F 292 -21.08 51.73 -35.61
N SER F 293 -22.39 51.89 -35.79
CA SER F 293 -23.22 52.77 -34.97
C SER F 293 -23.52 52.20 -33.60
N GLY F 294 -22.49 51.71 -32.91
CA GLY F 294 -22.71 50.96 -31.68
C GLY F 294 -23.33 51.81 -30.58
N VAL F 295 -24.35 51.26 -29.93
CA VAL F 295 -24.88 51.84 -28.71
C VAL F 295 -24.01 51.41 -27.54
N TRP F 296 -23.81 52.31 -26.58
CA TRP F 296 -23.11 51.92 -25.36
C TRP F 296 -23.99 51.05 -24.48
N SER F 297 -23.38 50.03 -23.88
CA SER F 297 -23.98 49.34 -22.74
C SER F 297 -24.20 50.32 -21.58
N ASP F 298 -25.06 49.91 -20.65
CA ASP F 298 -25.08 50.57 -19.35
C ASP F 298 -23.76 50.31 -18.62
N TRP F 299 -23.52 51.11 -17.58
CA TRP F 299 -22.31 50.94 -16.79
C TRP F 299 -22.40 49.68 -15.91
N SER F 300 -21.25 49.05 -15.72
CA SER F 300 -21.11 47.99 -14.72
C SER F 300 -21.43 48.52 -13.32
N SER F 301 -21.73 47.58 -12.42
CA SER F 301 -21.74 47.87 -10.99
C SER F 301 -20.39 48.45 -10.57
N PRO F 302 -20.38 49.49 -9.75
CA PRO F 302 -19.11 50.03 -9.24
C PRO F 302 -18.39 49.05 -8.32
N GLN F 303 -17.09 48.85 -8.58
CA GLN F 303 -16.23 48.00 -7.78
C GLN F 303 -15.22 48.88 -7.04
N VAL F 304 -14.99 48.59 -5.76
CA VAL F 304 -14.10 49.37 -4.90
C VAL F 304 -12.82 48.57 -4.61
N PHE F 305 -11.67 49.24 -4.78
CA PHE F 305 -10.34 48.72 -4.51
C PHE F 305 -9.58 49.62 -3.55
N THR F 306 -9.22 49.09 -2.37
CA THR F 306 -8.55 49.83 -1.30
C THR F 306 -7.05 49.49 -1.21
N THR F 307 -6.21 50.49 -1.50
CA THR F 307 -4.75 50.50 -1.42
C THR F 307 -4.26 50.56 0.03
N GLN F 308 -2.94 50.37 0.21
CA GLN F 308 -2.34 50.19 1.52
C GLN F 308 -1.32 51.29 1.84
N ASP F 309 -1.00 51.36 3.14
CA ASP F 309 -0.17 52.42 3.72
C ASP F 309 1.30 52.48 3.27
N VAL F 310 2.01 51.34 3.23
CA VAL F 310 3.28 51.27 2.50
C VAL F 310 3.15 50.65 1.12
N VAL F 311 3.96 51.15 0.18
CA VAL F 311 4.04 50.55 -1.16
C VAL F 311 5.48 50.19 -1.48
N TYR F 312 5.69 48.96 -1.94
CA TYR F 312 7.00 48.48 -2.35
C TYR F 312 7.06 48.37 -3.87
N PHE F 313 8.23 48.67 -4.45
CA PHE F 313 8.43 48.60 -5.90
C PHE F 313 9.74 47.89 -6.21
N PRO F 314 9.71 46.59 -6.52
CA PRO F 314 8.54 45.73 -6.55
C PRO F 314 8.29 45.19 -5.14
N PRO F 315 7.15 44.54 -4.88
CA PRO F 315 6.93 44.03 -3.52
C PRO F 315 7.76 42.82 -3.17
N LYS F 316 8.19 42.03 -4.15
CA LYS F 316 9.02 40.86 -3.90
C LYS F 316 9.99 40.67 -5.07
N ILE F 317 11.18 40.15 -4.77
CA ILE F 317 12.17 39.83 -5.78
C ILE F 317 12.69 38.42 -5.53
N LEU F 318 12.63 37.57 -6.56
CA LEU F 318 13.18 36.22 -6.52
C LEU F 318 14.39 36.20 -7.46
N THR F 319 15.59 36.07 -6.90
CA THR F 319 16.81 36.06 -7.69
C THR F 319 17.72 34.95 -7.19
N SER F 320 18.86 34.76 -7.87
CA SER F 320 19.84 33.73 -7.55
C SER F 320 21.09 34.35 -6.93
N VAL F 321 21.88 33.46 -6.31
CA VAL F 321 23.14 33.85 -5.67
C VAL F 321 24.09 34.52 -6.65
N GLY F 322 24.70 35.62 -6.19
CA GLY F 322 25.69 36.38 -6.95
C GLY F 322 25.15 37.51 -7.80
N SER F 323 23.83 37.65 -7.88
CA SER F 323 23.21 38.68 -8.68
C SER F 323 23.15 40.01 -7.91
N ASN F 324 22.66 41.04 -8.58
CA ASN F 324 22.45 42.35 -7.99
C ASN F 324 20.94 42.60 -7.98
N ALA F 325 20.42 43.05 -6.84
CA ALA F 325 18.99 43.30 -6.73
C ALA F 325 18.74 44.60 -5.98
N SER F 326 17.70 45.34 -6.40
CA SER F 326 17.42 46.60 -5.74
C SER F 326 15.92 46.79 -5.58
N PHE F 327 15.55 47.28 -4.39
CA PHE F 327 14.16 47.56 -4.04
C PHE F 327 13.93 49.05 -3.95
N HIS F 328 12.71 49.48 -4.25
CA HIS F 328 12.29 50.86 -4.10
C HIS F 328 11.14 50.85 -3.11
N CYS F 329 10.98 51.90 -2.33
CA CYS F 329 9.83 51.92 -1.43
C CYS F 329 9.29 53.33 -1.25
N ILE F 330 8.01 53.36 -0.87
CA ILE F 330 7.26 54.57 -0.57
C ILE F 330 6.64 54.35 0.81
N TYR F 331 6.88 55.30 1.72
CA TYR F 331 6.41 55.32 3.09
C TYR F 331 5.46 56.48 3.36
N LYS F 332 4.21 56.17 3.66
CA LYS F 332 3.19 57.17 4.01
C LYS F 332 3.12 57.22 5.53
N ASN F 333 3.36 58.40 6.11
CA ASN F 333 3.37 58.55 7.57
C ASN F 333 2.32 59.60 7.94
N GLU F 334 1.16 59.13 8.42
CA GLU F 334 0.01 59.97 8.80
C GLU F 334 -0.45 60.85 7.65
N ASN F 335 -0.64 60.24 6.47
CA ASN F 335 -1.14 60.92 5.28
C ASN F 335 -0.12 61.94 4.77
N GLN F 336 1.17 61.68 4.96
CA GLN F 336 2.21 62.60 4.54
C GLN F 336 3.39 61.81 3.99
N ILE F 337 3.80 62.11 2.77
CA ILE F 337 4.96 61.45 2.18
C ILE F 337 6.22 62.08 2.76
N ILE F 338 6.99 61.28 3.50
CA ILE F 338 8.20 61.76 4.16
C ILE F 338 9.30 61.96 3.12
N SER F 339 10.37 62.66 3.50
CA SER F 339 11.47 62.84 2.57
C SER F 339 12.20 61.51 2.41
N SER F 340 12.67 61.26 1.18
CA SER F 340 13.44 60.05 0.92
C SER F 340 14.72 60.01 1.74
N LYS F 341 15.26 61.18 2.10
CA LYS F 341 16.45 61.27 2.95
C LYS F 341 16.21 60.79 4.37
N GLN F 342 14.98 60.40 4.70
CA GLN F 342 14.66 59.88 6.03
C GLN F 342 14.54 58.36 6.04
N ILE F 343 14.11 57.75 4.93
CA ILE F 343 13.95 56.31 4.89
C ILE F 343 15.30 55.63 5.11
N VAL F 344 15.30 54.63 5.98
CA VAL F 344 16.47 53.83 6.32
C VAL F 344 16.10 52.37 6.14
N TRP F 345 17.00 51.56 5.61
CA TRP F 345 16.68 50.16 5.37
C TRP F 345 17.29 49.27 6.45
N TRP F 346 16.55 48.23 6.81
CA TRP F 346 16.91 47.25 7.81
C TRP F 346 16.65 45.86 7.28
N ARG F 347 17.37 44.88 7.82
CA ARG F 347 17.21 43.49 7.45
C ARG F 347 16.62 42.73 8.63
N ASN F 348 15.45 42.13 8.43
CA ASN F 348 14.80 41.28 9.41
C ASN F 348 14.69 41.95 10.79
N LEU F 349 14.55 43.28 10.79
CA LEU F 349 14.53 44.07 12.02
C LEU F 349 15.75 43.85 12.90
N ALA F 350 16.79 43.22 12.36
CA ALA F 350 17.99 42.90 13.13
C ALA F 350 19.10 43.92 12.96
N GLU F 351 19.43 44.34 11.74
CA GLU F 351 20.55 45.25 11.55
C GLU F 351 20.25 46.27 10.47
N LYS F 352 20.67 47.50 10.70
CA LYS F 352 20.51 48.57 9.73
C LYS F 352 21.43 48.35 8.54
N ILE F 353 20.87 48.44 7.34
CA ILE F 353 21.68 48.28 6.12
C ILE F 353 22.58 49.51 5.95
N PRO F 354 23.87 49.33 5.69
CA PRO F 354 24.76 50.48 5.51
C PRO F 354 24.23 51.48 4.48
N GLU F 355 24.32 52.76 4.84
CA GLU F 355 23.82 53.84 3.97
C GLU F 355 24.48 53.84 2.60
N ILE F 356 25.66 53.23 2.48
CA ILE F 356 26.34 53.13 1.19
C ILE F 356 25.44 52.48 0.14
N GLN F 357 24.59 51.54 0.56
CA GLN F 357 23.70 50.86 -0.38
C GLN F 357 22.44 51.66 -0.70
N TYR F 358 22.18 52.74 0.02
CA TYR F 358 21.00 53.56 -0.24
C TYR F 358 21.19 54.46 -1.45
N SER F 359 20.08 54.77 -2.11
CA SER F 359 20.07 55.61 -3.29
C SER F 359 18.79 56.43 -3.25
N ILE F 360 18.94 57.74 -3.48
CA ILE F 360 17.82 58.67 -3.43
C ILE F 360 17.28 58.78 -4.86
N VAL F 361 16.26 57.98 -5.19
CA VAL F 361 15.69 58.04 -6.53
C VAL F 361 15.08 59.40 -6.78
N SER F 362 14.36 59.92 -5.78
CA SER F 362 13.72 61.23 -5.81
C SER F 362 13.48 61.65 -4.37
N ASP F 363 12.96 62.85 -4.19
CA ASP F 363 12.68 63.36 -2.86
C ASP F 363 11.71 62.48 -2.06
N ARG F 364 10.94 61.61 -2.71
CA ARG F 364 9.99 60.76 -2.00
C ARG F 364 10.16 59.26 -2.17
N VAL F 365 11.01 58.78 -3.07
CA VAL F 365 11.18 57.35 -3.33
C VAL F 365 12.56 56.93 -2.84
N SER F 366 12.62 55.93 -1.96
CA SER F 366 13.92 55.43 -1.56
C SER F 366 14.29 54.15 -2.30
N LYS F 367 15.60 53.87 -2.38
CA LYS F 367 16.08 52.68 -3.07
C LYS F 367 17.20 52.04 -2.26
N VAL F 368 17.15 50.71 -2.12
CA VAL F 368 18.20 49.92 -1.52
C VAL F 368 18.78 49.00 -2.59
N THR F 369 20.11 48.94 -2.67
CA THR F 369 20.79 48.10 -3.66
C THR F 369 21.70 47.08 -2.99
N PHE F 370 21.46 45.81 -3.27
CA PHE F 370 22.29 44.71 -2.81
C PHE F 370 23.13 44.20 -3.97
N SER F 371 24.40 43.90 -3.71
CA SER F 371 25.32 43.39 -4.71
C SER F 371 25.90 42.06 -4.23
N ASN F 372 26.24 41.21 -5.20
CA ASN F 372 26.85 39.89 -5.01
C ASN F 372 26.10 39.07 -3.94
N LEU F 373 24.77 39.12 -4.02
CA LEU F 373 23.87 38.44 -3.10
C LEU F 373 24.34 37.05 -2.69
N LYS F 374 24.30 36.79 -1.38
CA LYS F 374 24.58 35.47 -0.82
C LYS F 374 23.27 34.75 -0.53
N ALA F 375 23.32 33.42 -0.61
CA ALA F 375 22.13 32.60 -0.36
C ALA F 375 21.51 32.92 0.99
N THR F 376 20.19 33.08 1.01
CA THR F 376 19.48 33.39 2.24
C THR F 376 19.51 32.20 3.18
N ARG F 377 19.97 32.42 4.41
CA ARG F 377 20.03 31.34 5.39
C ARG F 377 18.65 31.20 6.03
N PRO F 378 18.03 30.02 5.95
CA PRO F 378 16.67 29.87 6.50
C PRO F 378 16.66 29.87 8.03
N ARG F 379 15.84 30.74 8.60
CA ARG F 379 15.59 30.78 10.03
C ARG F 379 14.22 30.15 10.27
N GLY F 380 14.21 28.93 10.80
CA GLY F 380 12.95 28.21 10.95
C GLY F 380 12.28 28.03 9.62
N LYS F 381 10.95 28.17 9.61
CA LYS F 381 10.23 28.09 8.33
C LYS F 381 10.43 29.30 7.44
N PHE F 382 11.15 30.33 7.89
CA PHE F 382 11.38 31.51 7.05
C PHE F 382 12.57 31.29 6.13
N THR F 383 12.29 31.26 4.82
CA THR F 383 13.32 31.04 3.81
C THR F 383 13.63 32.33 3.05
N TYR F 384 13.25 33.48 3.60
CA TYR F 384 13.46 34.77 2.95
C TYR F 384 13.93 35.79 3.96
N ASP F 385 14.60 36.83 3.46
CA ASP F 385 15.00 37.95 4.28
C ASP F 385 13.95 39.05 4.23
N ALA F 386 13.47 39.46 5.41
CA ALA F 386 12.48 40.53 5.49
C ALA F 386 13.21 41.87 5.49
N VAL F 387 13.11 42.61 4.40
CA VAL F 387 13.76 43.91 4.28
C VAL F 387 12.74 45.01 4.60
N TYR F 388 13.01 45.76 5.65
CA TYR F 388 12.13 46.81 6.13
C TYR F 388 12.67 48.18 5.74
N CYS F 389 11.78 49.11 5.41
CA CYS F 389 12.16 50.48 5.10
C CYS F 389 11.40 51.36 6.09
N CYS F 390 12.15 52.07 6.93
CA CYS F 390 11.61 52.75 8.10
C CYS F 390 11.85 54.25 8.03
N ASN F 391 10.96 54.99 8.68
CA ASN F 391 11.05 56.44 8.77
C ASN F 391 11.87 56.78 10.00
N GLU F 392 13.18 56.87 9.80
CA GLU F 392 14.15 57.17 10.85
C GLU F 392 14.04 56.07 11.90
N GLN F 393 13.86 56.41 13.17
CA GLN F 393 13.81 55.40 14.24
C GLN F 393 12.59 54.51 14.15
N ALA F 394 11.44 55.03 13.71
CA ALA F 394 10.21 54.24 13.70
C ALA F 394 10.02 53.39 12.46
N CYS F 395 10.01 52.07 12.66
CA CYS F 395 9.73 51.13 11.59
C CYS F 395 8.24 50.79 11.56
N HIS F 396 7.83 50.16 10.46
CA HIS F 396 6.46 49.70 10.31
C HIS F 396 6.45 48.18 10.32
N HIS F 397 5.27 47.60 10.50
CA HIS F 397 5.17 46.14 10.50
C HIS F 397 5.34 45.52 9.12
N ARG F 398 4.93 46.23 8.06
CA ARG F 398 5.04 45.71 6.70
C ARG F 398 6.48 45.67 6.19
N TYR F 399 6.86 44.53 5.62
CA TYR F 399 8.20 44.26 5.11
C TYR F 399 8.13 43.65 3.71
N ALA F 400 9.27 43.65 3.02
CA ALA F 400 9.43 43.02 1.72
C ALA F 400 10.15 41.69 1.83
N GLU F 401 9.71 40.70 1.06
CA GLU F 401 10.28 39.36 1.08
C GLU F 401 11.36 39.21 0.02
N LEU F 402 12.57 38.82 0.44
CA LEU F 402 13.70 38.61 -0.46
C LEU F 402 14.13 37.14 -0.43
N TYR F 403 13.97 36.44 -1.56
CA TYR F 403 14.36 35.04 -1.66
C TYR F 403 15.57 34.89 -2.57
N VAL F 404 16.70 34.43 -2.03
CA VAL F 404 17.91 34.18 -2.80
C VAL F 404 18.21 32.69 -2.71
N ILE F 405 18.11 31.99 -3.84
CA ILE F 405 18.28 30.55 -3.90
C ILE F 405 19.54 30.19 -4.68
N ASP F 406 20.21 29.11 -4.26
CA ASP F 406 21.39 28.58 -4.95
C ASP F 406 20.88 27.66 -6.05
N VAL F 407 20.64 28.24 -7.23
CA VAL F 407 20.12 27.50 -8.38
C VAL F 407 21.18 26.69 -9.11
N ASN F 408 22.41 26.67 -8.63
CA ASN F 408 23.50 25.93 -9.28
C ASN F 408 23.40 24.41 -9.04
N ILE F 409 22.31 23.83 -9.54
CA ILE F 409 22.06 22.39 -9.42
C ILE F 409 22.76 21.67 -10.56
N ASN F 410 23.42 20.56 -10.25
CA ASN F 410 24.08 19.73 -11.25
C ASN F 410 23.21 18.53 -11.61
N ILE F 411 23.03 18.30 -12.91
CA ILE F 411 22.27 17.18 -13.45
C ILE F 411 23.25 16.23 -14.13
N SER F 412 23.25 14.97 -13.73
CA SER F 412 24.15 13.99 -14.32
C SER F 412 23.35 12.94 -15.07
N CYS F 413 23.74 12.66 -16.31
CA CYS F 413 23.03 11.69 -17.14
C CYS F 413 23.92 10.51 -17.48
N GLU F 414 23.28 9.35 -17.66
CA GLU F 414 23.96 8.11 -18.00
C GLU F 414 23.08 7.28 -18.93
N THR F 415 23.62 6.89 -20.08
CA THR F 415 22.90 6.06 -21.04
C THR F 415 23.14 4.59 -20.74
N ASP F 416 22.09 3.79 -20.83
CA ASP F 416 22.21 2.37 -20.54
C ASP F 416 23.15 1.68 -21.54
N GLY F 417 23.59 0.48 -21.17
CA GLY F 417 24.50 -0.28 -22.01
C GLY F 417 23.92 -0.70 -23.34
N TYR F 418 22.60 -0.69 -23.49
CA TYR F 418 22.00 -1.02 -24.77
C TYR F 418 21.73 0.23 -25.59
N LEU F 419 22.02 1.42 -25.02
CA LEU F 419 21.86 2.70 -25.72
C LEU F 419 20.42 2.87 -26.21
N THR F 420 19.48 2.47 -25.36
CA THR F 420 18.04 2.53 -25.62
C THR F 420 17.32 3.52 -24.73
N LYS F 421 17.96 3.98 -23.66
CA LYS F 421 17.35 4.93 -22.74
C LYS F 421 18.47 5.68 -22.04
N MET F 422 18.14 6.86 -21.53
CA MET F 422 19.07 7.70 -20.80
C MET F 422 18.46 8.11 -19.47
N THR F 423 19.17 7.84 -18.37
CA THR F 423 18.69 8.20 -17.05
C THR F 423 19.48 9.39 -16.53
N CYS F 424 18.77 10.44 -16.13
CA CYS F 424 19.36 11.65 -15.59
C CYS F 424 18.95 11.80 -14.14
N ARG F 425 19.92 12.12 -13.29
CA ARG F 425 19.73 12.20 -11.85
C ARG F 425 20.07 13.61 -11.38
N TRP F 426 19.32 14.09 -10.38
CA TRP F 426 19.61 15.40 -9.83
C TRP F 426 19.10 15.47 -8.40
N SER F 427 19.84 16.22 -7.55
CA SER F 427 19.44 16.33 -6.16
C SER F 427 18.74 17.64 -5.89
N PRO F 428 17.56 17.63 -5.26
CA PRO F 428 16.90 18.89 -4.92
C PRO F 428 17.20 19.30 -3.49
N SER F 429 18.40 19.00 -3.00
CA SER F 429 18.77 19.35 -1.63
C SER F 429 18.70 20.86 -1.41
N THR F 430 18.77 21.64 -2.48
CA THR F 430 18.63 23.09 -2.37
C THR F 430 17.17 23.48 -2.13
N ILE F 431 16.25 22.73 -2.72
CA ILE F 431 14.84 23.13 -2.81
C ILE F 431 13.95 22.22 -1.97
N GLN F 432 14.53 21.31 -1.19
CA GLN F 432 13.70 20.53 -0.27
C GLN F 432 13.35 21.30 1.00
N SER F 433 13.04 22.59 0.82
CA SER F 433 12.72 23.53 1.88
C SER F 433 11.61 24.50 1.52
N LEU F 434 11.50 24.89 0.24
CA LEU F 434 10.49 25.81 -0.24
C LEU F 434 9.25 25.01 -0.66
N VAL F 435 8.14 25.25 0.02
CA VAL F 435 6.90 24.56 -0.29
C VAL F 435 5.87 25.57 -0.75
N GLY F 436 4.96 25.11 -1.61
CA GLY F 436 3.98 25.96 -2.24
C GLY F 436 4.33 26.12 -3.71
N SER F 437 5.60 26.31 -3.99
CA SER F 437 6.11 26.40 -5.35
C SER F 437 6.37 24.99 -5.90
N THR F 438 6.40 24.90 -7.22
CA THR F 438 6.64 23.64 -7.91
C THR F 438 7.99 23.66 -8.60
N VAL F 439 8.60 22.49 -8.72
CA VAL F 439 9.89 22.31 -9.38
C VAL F 439 9.78 21.20 -10.41
N GLN F 440 10.17 21.49 -11.65
CA GLN F 440 10.11 20.50 -12.72
C GLN F 440 11.27 20.69 -13.67
N LEU F 441 11.67 19.59 -14.31
CA LEU F 441 12.70 19.59 -15.34
C LEU F 441 12.10 19.91 -16.70
N ARG F 442 12.72 20.86 -17.40
CA ARG F 442 12.32 21.22 -18.76
C ARG F 442 13.46 20.88 -19.70
N TYR F 443 13.14 20.59 -20.96
CA TYR F 443 14.20 20.28 -21.91
C TYR F 443 13.80 20.69 -23.32
N HIS F 444 14.81 20.76 -24.18
CA HIS F 444 14.65 21.04 -25.61
C HIS F 444 15.72 20.22 -26.32
N ARG F 445 15.33 19.53 -27.39
CA ARG F 445 16.26 18.71 -28.15
C ARG F 445 16.65 19.37 -29.46
N ARG F 446 17.95 19.45 -29.72
CA ARG F 446 18.47 19.99 -30.98
C ARG F 446 18.81 18.82 -31.88
N SER F 447 18.46 18.96 -33.16
CA SER F 447 18.62 17.88 -34.15
C SER F 447 19.99 17.19 -34.07
N LEU F 448 21.08 17.96 -34.07
CA LEU F 448 22.41 17.36 -33.95
C LEU F 448 23.34 18.15 -33.08
N TYR F 449 24.06 17.43 -32.21
CA TYR F 449 25.12 17.99 -31.38
C TYR F 449 24.68 19.10 -30.45
N CYS F 450 25.61 19.58 -29.64
CA CYS F 450 25.53 20.61 -28.63
C CYS F 450 26.15 21.90 -29.13
N PRO F 451 25.57 23.05 -28.79
CA PRO F 451 26.22 24.32 -29.14
C PRO F 451 27.45 24.57 -28.28
N ASP F 452 28.30 25.47 -28.79
CA ASP F 452 29.53 25.82 -28.09
C ASP F 452 29.23 26.44 -26.73
N SER F 453 28.14 27.18 -26.62
CA SER F 453 27.67 27.74 -25.36
C SER F 453 26.19 27.44 -25.23
N PRO F 454 25.79 26.57 -24.30
CA PRO F 454 24.37 26.23 -24.17
C PRO F 454 23.54 27.45 -23.77
N SER F 455 22.28 27.44 -24.21
CA SER F 455 21.35 28.53 -23.94
C SER F 455 19.99 27.95 -23.60
N ILE F 456 19.16 28.78 -22.99
CA ILE F 456 17.80 28.40 -22.65
C ILE F 456 16.94 28.65 -23.87
N HIS F 457 16.52 27.57 -24.54
CA HIS F 457 15.71 27.73 -25.73
C HIS F 457 14.30 28.17 -25.34
N PRO F 458 13.73 29.16 -26.03
CA PRO F 458 12.37 29.59 -25.67
C PRO F 458 11.33 28.49 -25.79
N THR F 459 11.48 27.58 -26.75
CA THR F 459 10.60 26.44 -26.91
C THR F 459 11.19 25.22 -26.21
N SER F 460 10.53 24.76 -25.15
CA SER F 460 11.00 23.56 -24.45
C SER F 460 9.79 22.73 -24.04
N GLU F 461 10.05 21.53 -23.55
CA GLU F 461 8.98 20.67 -23.08
C GLU F 461 9.37 20.05 -21.74
N PRO F 462 8.41 19.85 -20.85
CA PRO F 462 8.71 19.19 -19.57
C PRO F 462 8.79 17.69 -19.72
N LYS F 463 9.56 17.07 -18.83
CA LYS F 463 9.67 15.61 -18.77
C LYS F 463 9.25 15.21 -17.37
N ASN F 464 8.31 14.28 -17.22
CA ASN F 464 7.92 13.93 -15.86
C ASN F 464 8.97 13.02 -15.26
N CYS F 465 9.64 13.49 -14.21
CA CYS F 465 10.60 12.67 -13.49
C CYS F 465 10.14 12.35 -12.06
N VAL F 466 10.53 11.17 -11.59
CA VAL F 466 10.13 10.61 -10.29
C VAL F 466 11.28 10.50 -9.30
N LEU F 467 11.05 11.04 -8.10
CA LEU F 467 11.98 11.03 -6.98
C LEU F 467 12.18 9.63 -6.40
N GLN F 468 13.44 9.29 -6.20
CA GLN F 468 13.91 8.01 -5.67
C GLN F 468 14.14 8.15 -4.17
N ARG F 469 14.26 7.00 -3.49
CA ARG F 469 14.44 7.04 -2.03
C ARG F 469 15.76 7.68 -1.65
N ASP F 470 16.78 7.58 -2.51
CA ASP F 470 18.10 8.13 -2.20
C ASP F 470 18.04 9.65 -2.05
N GLY F 471 16.88 10.24 -2.32
CA GLY F 471 16.61 11.66 -2.26
C GLY F 471 16.87 12.36 -3.58
N PHE F 472 17.35 11.64 -4.58
CA PHE F 472 17.59 12.16 -5.91
C PHE F 472 16.38 11.90 -6.80
N TYR F 473 16.18 12.76 -7.79
CA TYR F 473 15.16 12.54 -8.78
C TYR F 473 15.81 11.81 -9.94
N GLU F 474 15.11 10.83 -10.51
CA GLU F 474 15.61 10.12 -11.68
C GLU F 474 14.59 10.18 -12.80
N CYS F 475 15.02 10.71 -13.93
CA CYS F 475 14.20 10.84 -15.13
C CYS F 475 14.85 10.19 -16.34
N VAL F 476 14.11 9.25 -16.95
CA VAL F 476 14.56 8.43 -18.07
C VAL F 476 13.88 8.85 -19.38
N PHE F 477 14.72 9.18 -20.36
CA PHE F 477 14.30 9.51 -21.72
C PHE F 477 14.46 8.22 -22.52
N GLN F 478 13.35 7.73 -23.07
CA GLN F 478 13.33 6.50 -23.86
C GLN F 478 12.15 6.49 -24.82
N PRO F 479 12.39 6.31 -26.13
CA PRO F 479 13.71 6.15 -26.74
C PRO F 479 14.59 7.40 -26.77
N ILE F 480 15.86 7.22 -27.09
CA ILE F 480 16.82 8.30 -27.16
C ILE F 480 17.19 8.58 -28.61
N PHE F 481 17.76 9.76 -28.82
CA PHE F 481 18.33 10.17 -30.11
C PHE F 481 19.83 10.33 -29.88
N LEU F 482 20.58 9.26 -30.21
CA LEU F 482 22.02 9.21 -29.96
C LEU F 482 22.77 10.46 -30.39
N LEU F 483 22.46 11.00 -31.57
CA LEU F 483 23.22 12.13 -32.08
C LEU F 483 22.44 13.44 -32.00
N SER F 484 21.40 13.50 -31.19
CA SER F 484 20.64 14.72 -30.98
C SER F 484 21.09 15.36 -29.66
N GLY F 485 21.21 16.69 -29.66
CA GLY F 485 21.63 17.37 -28.45
C GLY F 485 20.47 17.60 -27.49
N TYR F 486 20.59 17.04 -26.29
CA TYR F 486 19.57 17.18 -25.26
C TYR F 486 19.98 18.27 -24.25
N THR F 487 19.31 19.42 -24.33
CA THR F 487 19.54 20.52 -23.41
C THR F 487 18.54 20.45 -22.26
N MET F 488 19.04 20.30 -21.03
CA MET F 488 18.15 20.21 -19.88
C MET F 488 18.57 21.17 -18.77
N TRP F 489 17.58 21.50 -17.95
CA TRP F 489 17.72 22.41 -16.82
C TRP F 489 16.55 22.17 -15.88
N ILE F 490 16.66 22.70 -14.66
CA ILE F 490 15.61 22.61 -13.66
C ILE F 490 14.86 23.93 -13.62
N ARG F 491 13.53 23.88 -13.70
CA ARG F 491 12.69 25.07 -13.61
C ARG F 491 11.95 25.07 -12.28
N ILE F 492 12.08 26.17 -11.56
CA ILE F 492 11.41 26.38 -10.28
C ILE F 492 10.26 27.35 -10.54
N ASN F 493 9.05 26.81 -10.67
CA ASN F 493 7.85 27.61 -10.93
C ASN F 493 7.24 28.04 -9.60
N HIS F 494 7.61 29.23 -9.15
CA HIS F 494 7.15 29.79 -7.90
C HIS F 494 5.95 30.70 -8.15
N SER F 495 5.22 31.00 -7.07
CA SER F 495 4.07 31.88 -7.18
C SER F 495 4.48 33.25 -7.70
N LEU F 496 5.73 33.65 -7.45
CA LEU F 496 6.22 34.95 -7.86
C LEU F 496 6.87 34.94 -9.24
N GLY F 497 6.99 33.78 -9.88
CA GLY F 497 7.61 33.78 -11.19
C GLY F 497 8.22 32.42 -11.50
N SER F 498 9.25 32.43 -12.35
CA SER F 498 9.93 31.20 -12.72
C SER F 498 11.43 31.42 -12.68
N LEU F 499 12.16 30.39 -12.26
CA LEU F 499 13.60 30.41 -12.17
C LEU F 499 14.19 29.25 -12.96
N ASP F 500 15.24 29.50 -13.72
CA ASP F 500 15.87 28.46 -14.52
C ASP F 500 17.34 28.33 -14.12
N SER F 501 17.78 27.09 -13.93
CA SER F 501 19.16 26.82 -13.61
C SER F 501 20.03 27.04 -14.85
N PRO F 502 21.34 27.15 -14.69
CA PRO F 502 22.20 27.30 -15.86
C PRO F 502 22.06 26.08 -16.75
N PRO F 503 21.69 26.26 -18.02
CA PRO F 503 21.45 25.11 -18.87
C PRO F 503 22.71 24.35 -19.21
N THR F 504 22.55 23.04 -19.37
CA THR F 504 23.63 22.15 -19.75
C THR F 504 23.19 21.38 -20.98
N CYS F 505 24.12 21.10 -21.89
CA CYS F 505 23.84 20.33 -23.08
C CYS F 505 24.67 19.05 -23.04
N VAL F 506 24.00 17.91 -23.16
CA VAL F 506 24.65 16.60 -23.12
C VAL F 506 24.34 15.86 -24.41
N LEU F 507 25.38 15.24 -24.98
CA LEU F 507 25.20 14.39 -26.14
C LEU F 507 25.22 12.94 -25.65
N PRO F 508 24.11 12.21 -25.76
CA PRO F 508 24.08 10.84 -25.22
C PRO F 508 25.20 9.94 -25.69
N ASP F 509 25.68 10.14 -26.93
CA ASP F 509 26.77 9.30 -27.43
C ASP F 509 28.03 9.49 -26.60
N SER F 510 28.20 10.66 -26.00
CA SER F 510 29.39 10.96 -25.21
C SER F 510 29.22 10.60 -23.73
N VAL F 511 28.07 10.04 -23.34
CA VAL F 511 27.89 9.64 -21.95
C VAL F 511 27.52 8.17 -21.88
N VAL F 512 27.96 7.39 -22.87
CA VAL F 512 27.64 5.97 -22.93
C VAL F 512 28.50 5.20 -21.94
N LYS F 513 27.87 4.26 -21.24
CA LYS F 513 28.58 3.33 -20.38
C LYS F 513 28.59 1.96 -21.03
N PRO F 514 29.71 1.51 -21.58
CA PRO F 514 29.74 0.23 -22.30
C PRO F 514 29.51 -0.94 -21.36
N LEU F 515 29.12 -2.06 -21.95
CA LEU F 515 29.03 -3.31 -21.21
C LEU F 515 30.44 -3.82 -20.93
N PRO F 516 30.61 -4.64 -19.90
CA PRO F 516 31.95 -5.14 -19.56
C PRO F 516 32.46 -6.08 -20.63
N PRO F 517 33.78 -6.27 -20.73
CA PRO F 517 34.30 -7.29 -21.64
C PRO F 517 33.78 -8.68 -21.28
N SER F 518 33.50 -9.47 -22.31
CA SER F 518 32.91 -10.79 -22.16
C SER F 518 33.94 -11.88 -22.41
N ASN F 519 33.54 -13.11 -22.08
CA ASN F 519 34.35 -14.32 -22.30
C ASN F 519 35.76 -14.19 -21.73
N VAL F 520 35.87 -13.62 -20.53
CA VAL F 520 37.18 -13.44 -19.92
C VAL F 520 37.71 -14.79 -19.47
N LYS F 521 38.91 -15.14 -19.94
CA LYS F 521 39.57 -16.40 -19.61
C LYS F 521 40.96 -16.12 -19.07
N ALA F 522 41.42 -16.98 -18.16
CA ALA F 522 42.76 -16.88 -17.60
C ALA F 522 43.38 -18.27 -17.54
N GLU F 523 44.51 -18.45 -18.23
CA GLU F 523 45.20 -19.74 -18.26
C GLU F 523 46.69 -19.55 -17.99
N ILE F 524 47.26 -20.49 -17.24
CA ILE F 524 48.70 -20.57 -17.04
C ILE F 524 49.35 -21.40 -18.15
N THR F 525 50.24 -20.75 -18.91
CA THR F 525 50.88 -21.40 -20.06
C THR F 525 51.83 -22.48 -19.56
N VAL F 526 51.62 -23.71 -20.04
CA VAL F 526 52.48 -24.82 -19.65
C VAL F 526 53.94 -24.51 -19.96
N ASN F 527 54.82 -24.95 -19.04
CA ASN F 527 56.27 -24.72 -19.03
C ASN F 527 56.68 -23.27 -18.80
N THR F 528 55.94 -22.31 -19.36
CA THR F 528 56.35 -20.92 -19.26
C THR F 528 55.82 -20.21 -18.02
N GLY F 529 54.65 -20.61 -17.52
CA GLY F 529 54.14 -20.01 -16.30
C GLY F 529 53.65 -18.59 -16.40
N LEU F 530 53.25 -18.13 -17.59
CA LEU F 530 52.67 -16.81 -17.75
C LEU F 530 51.15 -16.88 -17.60
N LEU F 531 50.59 -15.87 -16.94
CA LEU F 531 49.14 -15.67 -16.87
C LEU F 531 48.62 -15.06 -18.17
N LYS F 532 48.03 -15.88 -19.03
CA LYS F 532 47.38 -15.40 -20.25
C LYS F 532 45.94 -15.05 -19.93
N VAL F 533 45.64 -13.76 -19.97
CA VAL F 533 44.28 -13.25 -19.79
C VAL F 533 43.75 -12.91 -21.17
N SER F 534 42.51 -13.29 -21.45
CA SER F 534 41.91 -13.04 -22.75
C SER F 534 40.46 -12.61 -22.54
N TRP F 535 39.95 -11.84 -23.49
CA TRP F 535 38.62 -11.28 -23.38
C TRP F 535 38.06 -11.01 -24.76
N GLU F 536 36.79 -10.63 -24.78
CA GLU F 536 36.08 -10.23 -25.99
C GLU F 536 35.56 -8.82 -25.74
N LYS F 537 35.86 -7.91 -26.66
CA LYS F 537 35.41 -6.54 -26.48
C LYS F 537 33.88 -6.47 -26.47
N PRO F 538 33.31 -5.53 -25.74
CA PRO F 538 31.86 -5.39 -25.71
C PRO F 538 31.29 -5.00 -27.07
N VAL F 539 30.00 -5.33 -27.25
CA VAL F 539 29.31 -5.03 -28.49
C VAL F 539 29.39 -3.53 -28.80
N PHE F 540 29.22 -2.70 -27.78
CA PHE F 540 29.35 -1.26 -27.92
C PHE F 540 30.39 -0.71 -26.96
N PRO F 541 31.04 0.41 -27.28
CA PRO F 541 30.92 1.19 -28.52
C PRO F 541 31.80 0.64 -29.65
N GLU F 542 31.59 1.11 -30.87
CA GLU F 542 32.45 0.70 -31.97
C GLU F 542 33.81 1.39 -31.93
N ASN F 543 33.91 2.52 -31.23
CA ASN F 543 35.17 3.26 -31.12
C ASN F 543 36.24 2.42 -30.44
N ASN F 544 37.49 2.72 -30.76
CA ASN F 544 38.62 2.03 -30.15
C ASN F 544 38.59 2.21 -28.64
N LEU F 545 38.76 1.12 -27.92
CA LEU F 545 38.70 1.11 -26.46
C LEU F 545 40.07 0.82 -25.84
N GLN F 546 40.20 1.23 -24.59
CA GLN F 546 41.32 0.89 -23.73
C GLN F 546 40.77 -0.01 -22.62
N PHE F 547 41.62 -0.90 -22.12
CA PHE F 547 41.21 -1.85 -21.10
C PHE F 547 42.06 -1.76 -19.85
N GLN F 548 41.46 -2.15 -18.72
CA GLN F 548 42.15 -2.21 -17.45
C GLN F 548 41.85 -3.57 -16.84
N ILE F 549 42.89 -4.33 -16.49
CA ILE F 549 42.76 -5.64 -15.89
C ILE F 549 43.21 -5.54 -14.43
N ARG F 550 42.37 -6.03 -13.52
CA ARG F 550 42.78 -6.25 -12.14
C ARG F 550 42.89 -7.75 -11.88
N TYR F 551 43.97 -8.13 -11.19
CA TYR F 551 44.24 -9.52 -10.88
C TYR F 551 44.83 -9.64 -9.47
N GLY F 552 44.54 -10.76 -8.82
CA GLY F 552 45.03 -10.96 -7.46
C GLY F 552 44.94 -12.42 -7.05
N LEU F 553 45.62 -12.74 -5.95
CA LEU F 553 45.55 -14.07 -5.39
C LEU F 553 44.16 -14.32 -4.83
N SER F 554 43.59 -15.49 -5.12
CA SER F 554 42.25 -15.85 -4.63
C SER F 554 42.28 -16.09 -3.13
N GLY F 555 41.60 -15.21 -2.40
CA GLY F 555 41.52 -15.31 -0.95
C GLY F 555 40.33 -14.57 -0.41
N LYS F 556 40.28 -14.48 0.91
CA LYS F 556 39.25 -13.69 1.59
C LYS F 556 39.43 -12.20 1.29
N GLU F 557 40.66 -11.76 1.07
CA GLU F 557 40.98 -10.37 0.76
C GLU F 557 41.90 -10.37 -0.44
N ILE F 558 41.46 -9.76 -1.54
CA ILE F 558 42.15 -9.83 -2.82
C ILE F 558 43.01 -8.59 -2.95
N GLN F 559 44.33 -8.77 -2.92
CA GLN F 559 45.25 -7.68 -3.25
C GLN F 559 45.26 -7.43 -4.75
N TRP F 560 44.44 -6.49 -5.22
CA TRP F 560 44.35 -6.26 -6.65
C TRP F 560 45.57 -5.51 -7.17
N LYS F 561 46.17 -6.04 -8.23
CA LYS F 561 47.12 -5.30 -9.06
C LYS F 561 46.43 -4.97 -10.38
N THR F 562 46.76 -3.83 -10.96
CA THR F 562 46.15 -3.45 -12.22
C THR F 562 47.19 -3.25 -13.33
N HIS F 563 46.77 -3.61 -14.54
CA HIS F 563 47.56 -3.45 -15.77
C HIS F 563 46.67 -2.75 -16.78
N GLU F 564 47.21 -1.72 -17.43
CA GLU F 564 46.48 -0.93 -18.41
C GLU F 564 46.94 -1.27 -19.82
N VAL F 565 45.97 -1.55 -20.70
CA VAL F 565 46.22 -1.90 -22.08
C VAL F 565 45.65 -0.77 -22.94
N PHE F 566 46.52 -0.06 -23.66
CA PHE F 566 46.12 1.09 -24.45
C PHE F 566 46.04 0.82 -25.94
N ASP F 567 46.28 -0.40 -26.41
CA ASP F 567 46.09 -0.71 -27.83
C ASP F 567 44.75 -1.42 -28.03
N ALA F 568 43.93 -0.87 -28.91
CA ALA F 568 42.57 -1.37 -29.13
C ALA F 568 42.55 -2.80 -29.66
N LYS F 569 43.56 -3.20 -30.42
CA LYS F 569 43.59 -4.53 -31.01
C LYS F 569 44.02 -5.63 -30.04
N SER F 570 44.33 -5.30 -28.79
CA SER F 570 44.73 -6.33 -27.84
C SER F 570 43.51 -7.02 -27.26
N LYS F 571 43.37 -8.30 -27.55
CA LYS F 571 42.33 -9.14 -26.99
C LYS F 571 42.86 -10.05 -25.89
N SER F 572 44.14 -9.88 -25.52
CA SER F 572 44.79 -10.71 -24.53
C SER F 572 46.00 -9.96 -23.99
N ALA F 573 46.36 -10.28 -22.75
CA ALA F 573 47.58 -9.80 -22.13
C ALA F 573 48.28 -10.95 -21.40
N SER F 574 49.59 -10.83 -21.26
CA SER F 574 50.38 -11.82 -20.55
C SER F 574 51.03 -11.20 -19.32
N LEU F 575 50.82 -11.82 -18.17
CA LEU F 575 51.24 -11.26 -16.89
C LEU F 575 52.22 -12.20 -16.21
N LEU F 576 53.19 -11.59 -15.51
CA LEU F 576 54.11 -12.34 -14.66
C LEU F 576 53.41 -12.65 -13.34
N VAL F 577 53.46 -13.91 -12.91
CA VAL F 577 52.84 -14.32 -11.66
C VAL F 577 53.87 -14.97 -10.76
N SER F 578 53.70 -14.76 -9.46
CA SER F 578 54.69 -15.17 -8.48
C SER F 578 54.51 -16.62 -8.02
N ASP F 579 53.28 -17.11 -7.99
CA ASP F 579 52.96 -18.47 -7.58
C ASP F 579 52.24 -19.16 -8.73
N LEU F 580 52.96 -20.02 -9.45
CA LEU F 580 52.39 -20.73 -10.60
C LEU F 580 51.27 -21.68 -10.19
N CYS F 581 51.12 -21.96 -8.89
CA CYS F 581 50.22 -23.02 -8.42
C CYS F 581 49.08 -22.48 -7.57
N ALA F 582 48.89 -21.17 -7.52
CA ALA F 582 47.74 -20.56 -6.87
C ALA F 582 46.66 -20.23 -7.88
N VAL F 583 45.42 -20.17 -7.40
CA VAL F 583 44.30 -19.64 -8.19
C VAL F 583 44.37 -18.11 -8.15
N TYR F 584 44.44 -17.50 -9.33
CA TYR F 584 44.30 -16.06 -9.47
C TYR F 584 42.87 -15.70 -9.89
N VAL F 585 42.36 -14.62 -9.32
CA VAL F 585 41.11 -14.00 -9.77
C VAL F 585 41.45 -12.80 -10.64
N VAL F 586 40.76 -12.68 -11.76
CA VAL F 586 41.00 -11.62 -12.73
C VAL F 586 39.65 -11.04 -13.16
N GLN F 587 39.60 -9.71 -13.27
CA GLN F 587 38.46 -9.01 -13.86
C GLN F 587 38.99 -7.94 -14.81
N VAL F 588 38.17 -7.58 -15.79
CA VAL F 588 38.54 -6.61 -16.81
C VAL F 588 37.42 -5.58 -16.97
N ARG F 589 37.80 -4.33 -17.19
CA ARG F 589 36.87 -3.26 -17.50
C ARG F 589 37.43 -2.48 -18.68
N CYS F 590 36.56 -1.70 -19.34
CA CYS F 590 36.97 -1.00 -20.55
C CYS F 590 36.43 0.43 -20.54
N ARG F 591 37.02 1.25 -21.40
CA ARG F 591 36.66 2.66 -21.53
C ARG F 591 37.03 3.10 -22.93
N ARG F 592 36.39 4.16 -23.42
CA ARG F 592 36.76 4.68 -24.72
C ARG F 592 38.20 5.17 -24.69
N LEU F 593 38.98 4.77 -25.71
CA LEU F 593 40.38 5.18 -25.79
C LEU F 593 40.55 6.69 -25.69
N ASP F 594 39.63 7.45 -26.30
CA ASP F 594 39.71 8.90 -26.26
C ASP F 594 39.28 9.49 -24.92
N GLY F 595 38.85 8.66 -23.97
CA GLY F 595 38.42 9.15 -22.68
C GLY F 595 37.04 9.80 -22.66
N LEU F 596 36.35 9.85 -23.80
CA LEU F 596 35.04 10.49 -23.89
C LEU F 596 33.97 9.49 -23.45
N GLY F 597 33.90 9.29 -22.15
CA GLY F 597 32.92 8.38 -21.59
C GLY F 597 33.36 7.87 -20.23
N TYR F 598 32.56 6.94 -19.72
CA TYR F 598 32.80 6.31 -18.42
C TYR F 598 33.45 4.94 -18.58
N TRP F 599 34.01 4.45 -17.48
CA TRP F 599 34.54 3.09 -17.43
C TRP F 599 33.39 2.10 -17.31
N SER F 600 33.55 0.95 -17.96
CA SER F 600 32.58 -0.12 -17.83
C SER F 600 32.66 -0.74 -16.45
N ASN F 601 31.67 -1.57 -16.12
CA ASN F 601 31.75 -2.34 -14.91
C ASN F 601 32.79 -3.45 -15.06
N TRP F 602 33.26 -3.96 -13.92
CA TRP F 602 34.21 -5.06 -13.95
C TRP F 602 33.53 -6.33 -14.45
N SER F 603 34.25 -7.11 -15.25
CA SER F 603 33.73 -8.36 -15.76
C SER F 603 33.47 -9.34 -14.62
N SER F 604 32.73 -10.40 -14.93
CA SER F 604 32.51 -11.46 -13.95
C SER F 604 33.84 -12.15 -13.66
N PRO F 605 34.13 -12.46 -12.40
CA PRO F 605 35.45 -12.99 -12.07
C PRO F 605 35.78 -14.26 -12.85
N ALA F 606 37.03 -14.33 -13.30
CA ALA F 606 37.57 -15.50 -13.98
C ALA F 606 38.60 -16.17 -13.07
N TYR F 607 38.53 -17.49 -12.95
CA TYR F 607 39.42 -18.25 -12.10
C TYR F 607 40.38 -19.08 -12.94
N THR F 608 41.64 -19.10 -12.53
CA THR F 608 42.64 -20.00 -13.08
C THR F 608 42.40 -21.43 -12.60
N LEU F 609 42.74 -22.39 -13.45
CA LEU F 609 42.85 -23.78 -13.04
C LEU F 609 44.24 -24.07 -12.50
N VAL F 610 44.28 -24.80 -11.38
CA VAL F 610 45.52 -25.31 -10.80
C VAL F 610 46.05 -26.43 -11.70
N MET F 611 47.20 -26.20 -12.30
CA MET F 611 47.88 -27.21 -13.10
C MET F 611 49.28 -27.45 -12.55
NI NI G . -11.66 20.16 40.10
NI NI H . -19.34 -41.03 -11.81
NI NI I . 17.59 26.21 -34.04
#